data_7KOH
#
_entry.id   7KOH
#
_cell.length_a   97.550
_cell.length_b   178.660
_cell.length_c   246.230
_cell.angle_alpha   90.000
_cell.angle_beta   90.000
_cell.angle_gamma   90.000
#
_symmetry.space_group_name_H-M   'P 21 21 21'
#
loop_
_entity.id
_entity.type
_entity.pdbx_description
1 polymer 'Antigen 43'
2 non-polymer DI(HYDROXYETHYL)ETHER
3 non-polymer 'HEXAETHYLENE GLYCOL'
4 non-polymer GLYCEROL
5 non-polymer 'MAGNESIUM ION'
6 non-polymer 'CHLORIDE ION'
7 non-polymer 'SULFATE ION'
8 water water
#
_entity_poly.entity_id   1
_entity_poly.type   'polypeptide(L)'
_entity_poly.pdbx_seq_one_letter_code
;SNAADKVVQAGETVNDGTLTNHDNQIVFGTANGMTISTGLELGPDSEENTGGQWIQNGGIAGNTTVTTNGRQVVLEGGTA
SDTVIRDGGGQSLNGLAVNTTLNNRGEQWVHEGGVATGTIINRDGYQSVKSGGLATGTIINTGAEGGPDSDNSYTGQKVQ
GTAESTTINKNGRQIILFSGLARDTLIYAGGDQSVHGRALNTTLNGGYQYVHRDGLALNTVINEGGWQVVKAGGAAGNTT
INQNGELRVHAGGEATAVTQNTGGALVTSTAATVIGTNRLGNFTVENGKADGVVLESGGRLDVLESHSAQNTLVDDGGTL
AVSAGGKATSVTITSGGALIADSGATVEGTNASGKFSIDGTSGQASGLLLENGGSFTVNAGGQAGNTTVGHRGTLTLAAG
GSLSGRTQLSKGASMVLNGDVVSTGDIVNAGEIRFDNQTTPNAALSRAVAKSNSPVTFHKLTTTNLTGQGGTINMRVRLD
GSNASDQLVINGGQATGKTWLAFTNVGNSNLGVATTGQGIRVVDAQNGATTEEGAFALSRPLQAGAFNYTLNRDSDEDWY
LRSEN
;
_entity_poly.pdbx_strand_id   A,B,C,D
#
# COMPACT_ATOMS: atom_id res chain seq x y z
N ASP A 5 -44.59 -45.33 -36.10
CA ASP A 5 -43.47 -44.39 -36.08
C ASP A 5 -43.30 -43.59 -37.39
N LYS A 6 -44.01 -42.47 -37.48
CA LYS A 6 -43.90 -41.58 -38.63
C LYS A 6 -42.53 -40.91 -38.65
N VAL A 7 -42.00 -40.67 -39.84
CA VAL A 7 -40.74 -39.94 -40.02
C VAL A 7 -40.96 -38.87 -41.09
N VAL A 8 -41.09 -37.63 -40.64
CA VAL A 8 -41.21 -36.42 -41.46
C VAL A 8 -39.86 -36.15 -42.10
N GLN A 9 -39.71 -36.32 -43.41
CA GLN A 9 -38.34 -36.19 -43.86
C GLN A 9 -38.17 -34.82 -44.43
N ALA A 10 -36.98 -34.52 -44.92
CA ALA A 10 -36.63 -33.13 -45.22
C ALA A 10 -37.50 -32.51 -46.33
N GLY A 11 -38.13 -31.36 -46.03
CA GLY A 11 -38.98 -30.71 -47.01
C GLY A 11 -40.34 -31.35 -47.19
N GLU A 12 -40.75 -32.21 -46.27
CA GLU A 12 -42.07 -32.83 -46.30
C GLU A 12 -42.83 -32.29 -45.09
N THR A 13 -43.64 -31.27 -45.32
CA THR A 13 -44.35 -30.64 -44.22
C THR A 13 -45.54 -31.52 -43.80
N VAL A 14 -45.57 -31.93 -42.53
CA VAL A 14 -46.75 -32.49 -41.88
C VAL A 14 -47.42 -31.38 -41.10
N ASN A 15 -48.76 -31.26 -41.21
CA ASN A 15 -49.38 -29.99 -40.89
C ASN A 15 -50.55 -30.08 -39.91
N ASP A 16 -50.82 -31.25 -39.33
CA ASP A 16 -51.74 -31.41 -38.20
C ASP A 16 -51.69 -32.87 -37.77
N GLY A 17 -52.36 -33.16 -36.67
CA GLY A 17 -52.42 -34.51 -36.13
C GLY A 17 -52.11 -34.54 -34.63
N THR A 18 -52.24 -35.75 -34.09
CA THR A 18 -51.91 -36.02 -32.68
C THR A 18 -50.87 -37.13 -32.60
N LEU A 19 -50.46 -37.41 -31.36
CA LEU A 19 -49.48 -38.45 -31.08
C LEU A 19 -49.83 -39.13 -29.77
N THR A 20 -49.97 -40.45 -29.79
CA THR A 20 -50.41 -41.15 -28.61
C THR A 20 -49.78 -42.52 -28.55
N ASN A 21 -49.87 -43.08 -27.35
CA ASN A 21 -49.65 -44.51 -27.10
C ASN A 21 -48.20 -44.91 -27.45
N HIS A 22 -47.28 -44.16 -26.81
CA HIS A 22 -45.82 -44.32 -26.78
C HIS A 22 -45.19 -44.28 -28.15
N ASP A 23 -45.85 -43.60 -29.08
CA ASP A 23 -45.39 -43.54 -30.46
C ASP A 23 -44.52 -42.31 -30.67
N ASN A 24 -43.48 -42.49 -31.49
CA ASN A 24 -42.51 -41.46 -31.79
C ASN A 24 -42.85 -40.80 -33.12
N GLN A 25 -42.47 -39.54 -33.25
CA GLN A 25 -42.51 -38.83 -34.53
C GLN A 25 -41.15 -38.18 -34.76
N ILE A 26 -40.39 -38.71 -35.70
CA ILE A 26 -39.05 -38.21 -35.99
C ILE A 26 -39.16 -37.15 -37.08
N VAL A 27 -38.82 -35.91 -36.74
CA VAL A 27 -39.01 -34.78 -37.64
C VAL A 27 -37.66 -34.41 -38.24
N PHE A 28 -37.56 -34.44 -39.57
CA PHE A 28 -36.43 -33.89 -40.29
C PHE A 28 -36.78 -32.69 -41.13
N GLY A 29 -38.07 -32.52 -41.48
CA GLY A 29 -38.56 -31.37 -42.22
C GLY A 29 -39.33 -30.43 -41.33
N THR A 30 -40.64 -30.30 -41.57
CA THR A 30 -41.49 -29.36 -40.86
C THR A 30 -42.72 -30.08 -40.36
N ALA A 31 -43.11 -29.85 -39.10
CA ALA A 31 -44.27 -30.52 -38.51
C ALA A 31 -45.06 -29.53 -37.66
N ASN A 32 -46.09 -28.95 -38.25
CA ASN A 32 -46.88 -27.89 -37.62
C ASN A 32 -48.13 -28.47 -36.95
N GLY A 33 -48.58 -27.80 -35.90
CA GLY A 33 -49.87 -28.11 -35.31
C GLY A 33 -50.02 -29.50 -34.72
N MET A 34 -48.95 -30.09 -34.21
CA MET A 34 -49.05 -31.41 -33.58
C MET A 34 -49.61 -31.30 -32.16
N THR A 35 -50.20 -32.40 -31.70
CA THR A 35 -50.55 -32.59 -30.29
C THR A 35 -49.75 -33.78 -29.78
N ILE A 36 -48.76 -33.51 -28.91
CA ILE A 36 -47.92 -34.55 -28.33
C ILE A 36 -48.48 -34.88 -26.96
N SER A 37 -49.01 -36.09 -26.84
CA SER A 37 -49.63 -36.50 -25.58
C SER A 37 -49.10 -37.85 -25.14
N THR A 38 -47.87 -38.17 -25.53
CA THR A 38 -47.25 -39.44 -25.19
C THR A 38 -45.75 -39.25 -25.08
N GLY A 39 -45.08 -40.20 -24.44
CA GLY A 39 -43.65 -40.17 -24.27
C GLY A 39 -43.18 -39.71 -22.90
N LEU A 40 -44.03 -39.08 -22.11
CA LEU A 40 -43.62 -38.64 -20.78
C LEU A 40 -44.58 -39.15 -19.71
N GLU A 41 -45.18 -40.33 -19.95
CA GLU A 41 -46.08 -40.90 -18.95
C GLU A 41 -45.33 -41.20 -17.65
N LEU A 42 -44.05 -41.53 -17.74
CA LEU A 42 -43.27 -41.98 -16.58
C LEU A 42 -42.64 -40.86 -15.79
N GLY A 43 -42.73 -39.61 -16.24
CA GLY A 43 -42.18 -38.51 -15.49
C GLY A 43 -40.83 -38.05 -15.99
N PRO A 44 -40.54 -36.76 -15.82
CA PRO A 44 -39.32 -36.18 -16.42
C PRO A 44 -38.03 -36.87 -16.02
N ASP A 45 -38.01 -37.50 -14.85
CA ASP A 45 -36.77 -37.95 -14.20
C ASP A 45 -36.51 -39.44 -14.41
N SER A 46 -36.63 -39.92 -15.64
CA SER A 46 -36.39 -41.33 -15.93
C SER A 46 -35.97 -41.51 -17.38
N GLU A 47 -34.97 -42.36 -17.60
CA GLU A 47 -34.61 -42.84 -18.94
C GLU A 47 -35.36 -44.11 -19.27
N GLU A 48 -36.60 -44.18 -18.80
CA GLU A 48 -37.47 -45.33 -19.02
C GLU A 48 -38.59 -45.01 -20.00
N ASN A 49 -38.64 -43.78 -20.49
CA ASN A 49 -39.76 -43.31 -21.28
C ASN A 49 -39.60 -43.68 -22.75
N THR A 50 -40.73 -44.00 -23.39
CA THR A 50 -40.75 -44.17 -24.83
C THR A 50 -41.88 -43.35 -25.45
N GLY A 51 -41.59 -42.74 -26.60
CA GLY A 51 -42.56 -41.95 -27.32
C GLY A 51 -42.17 -40.48 -27.36
N GLY A 52 -42.98 -39.72 -28.11
CA GLY A 52 -42.90 -38.27 -28.19
C GLY A 52 -42.56 -37.77 -29.58
N GLN A 53 -42.32 -36.46 -29.67
CA GLN A 53 -41.87 -35.81 -30.89
C GLN A 53 -40.40 -35.44 -30.76
N TRP A 54 -39.60 -35.85 -31.75
CA TRP A 54 -38.16 -35.61 -31.76
C TRP A 54 -37.79 -34.76 -32.97
N ILE A 55 -37.53 -33.47 -32.75
CA ILE A 55 -37.09 -32.61 -33.84
C ILE A 55 -35.59 -32.81 -34.04
N GLN A 56 -35.21 -33.34 -35.19
CA GLN A 56 -33.84 -33.62 -35.55
C GLN A 56 -33.15 -32.35 -36.01
N ASN A 57 -31.83 -32.45 -36.22
CA ASN A 57 -31.07 -31.33 -36.79
C ASN A 57 -31.71 -30.87 -38.11
N GLY A 58 -32.14 -29.61 -38.15
CA GLY A 58 -32.78 -29.06 -39.32
C GLY A 58 -34.30 -29.17 -39.35
N GLY A 59 -34.90 -29.94 -38.42
CA GLY A 59 -36.34 -30.03 -38.35
C GLY A 59 -36.98 -28.86 -37.62
N ILE A 60 -38.29 -28.71 -37.82
CA ILE A 60 -39.04 -27.60 -37.26
C ILE A 60 -40.38 -28.10 -36.72
N ALA A 61 -40.76 -27.63 -35.54
CA ALA A 61 -42.09 -27.85 -35.00
C ALA A 61 -42.72 -26.49 -34.72
N GLY A 62 -43.86 -26.21 -35.35
CA GLY A 62 -44.61 -25.00 -35.09
C GLY A 62 -46.00 -25.25 -34.52
N ASN A 63 -46.34 -24.54 -33.42
CA ASN A 63 -47.67 -24.63 -32.81
C ASN A 63 -47.99 -26.04 -32.34
N THR A 64 -46.96 -26.74 -31.87
CA THR A 64 -47.18 -27.98 -31.14
C THR A 64 -47.81 -27.68 -29.78
N THR A 65 -48.66 -28.61 -29.31
CA THR A 65 -49.18 -28.56 -27.95
C THR A 65 -48.78 -29.86 -27.27
N VAL A 66 -47.86 -29.76 -26.32
CA VAL A 66 -47.42 -30.89 -25.52
C VAL A 66 -48.29 -30.89 -24.27
N THR A 67 -49.23 -31.84 -24.19
CA THR A 67 -50.10 -31.99 -23.03
C THR A 67 -49.67 -33.17 -22.19
N THR A 68 -50.40 -33.42 -21.11
CA THR A 68 -50.02 -34.41 -20.10
C THR A 68 -49.51 -35.68 -20.76
N ASN A 69 -48.33 -36.13 -20.33
CA ASN A 69 -47.62 -37.32 -20.82
C ASN A 69 -46.86 -37.10 -22.12
N GLY A 70 -46.94 -35.92 -22.74
CA GLY A 70 -46.25 -35.68 -23.99
C GLY A 70 -44.83 -35.19 -23.76
N ARG A 71 -43.92 -35.66 -24.62
CA ARG A 71 -42.51 -35.29 -24.56
C ARG A 71 -42.09 -34.77 -25.92
N GLN A 72 -41.53 -33.58 -25.95
CA GLN A 72 -40.92 -33.04 -27.16
C GLN A 72 -39.44 -32.87 -26.90
N VAL A 73 -38.61 -33.59 -27.68
CA VAL A 73 -37.17 -33.49 -27.61
C VAL A 73 -36.66 -32.77 -28.85
N VAL A 74 -36.03 -31.62 -28.67
CA VAL A 74 -35.42 -30.89 -29.76
C VAL A 74 -33.91 -31.10 -29.64
N LEU A 75 -33.30 -31.68 -30.69
CA LEU A 75 -31.89 -31.99 -30.68
C LEU A 75 -31.10 -30.82 -31.24
N GLU A 76 -29.78 -31.00 -31.36
CA GLU A 76 -28.91 -29.94 -31.79
C GLU A 76 -29.43 -29.45 -33.14
N GLY A 77 -29.60 -28.14 -33.31
CA GLY A 77 -30.01 -27.67 -34.64
C GLY A 77 -31.46 -27.87 -35.01
N GLY A 78 -32.28 -28.32 -34.08
CA GLY A 78 -33.71 -28.32 -34.29
C GLY A 78 -34.34 -27.05 -33.75
N THR A 79 -35.62 -26.90 -34.03
CA THR A 79 -36.31 -25.65 -33.73
C THR A 79 -37.74 -25.97 -33.30
N ALA A 80 -38.28 -25.16 -32.38
CA ALA A 80 -39.63 -25.36 -31.88
C ALA A 80 -40.32 -24.01 -31.74
N SER A 81 -41.28 -23.75 -32.61
CA SER A 81 -42.00 -22.48 -32.65
C SER A 81 -43.33 -22.55 -31.91
N ASP A 82 -43.67 -21.44 -31.24
CA ASP A 82 -44.99 -21.21 -30.67
C ASP A 82 -45.52 -22.44 -29.94
N THR A 83 -44.70 -22.98 -29.06
CA THR A 83 -45.03 -24.23 -28.39
C THR A 83 -45.78 -23.97 -27.09
N VAL A 84 -46.82 -24.78 -26.84
CA VAL A 84 -47.61 -24.73 -25.62
C VAL A 84 -47.36 -26.02 -24.85
N ILE A 85 -46.59 -25.95 -23.77
CA ILE A 85 -46.39 -27.09 -22.89
C ILE A 85 -47.23 -26.87 -21.65
N ARG A 86 -48.19 -27.75 -21.43
CA ARG A 86 -49.10 -27.58 -20.32
C ARG A 86 -49.40 -28.91 -19.65
N ASP A 87 -49.94 -28.82 -18.45
CA ASP A 87 -50.57 -29.95 -17.76
C ASP A 87 -49.61 -31.11 -17.57
N GLY A 88 -48.35 -30.83 -17.30
CA GLY A 88 -47.41 -31.89 -17.01
C GLY A 88 -46.68 -32.46 -18.20
N GLY A 89 -46.71 -31.79 -19.35
CA GLY A 89 -45.80 -32.11 -20.44
C GLY A 89 -44.45 -31.48 -20.23
N GLY A 90 -43.52 -31.82 -21.11
CA GLY A 90 -42.17 -31.28 -21.01
C GLY A 90 -41.51 -31.21 -22.37
N GLN A 91 -40.56 -30.29 -22.48
CA GLN A 91 -39.74 -30.17 -23.67
C GLN A 91 -38.28 -30.24 -23.25
N SER A 92 -37.53 -31.17 -23.84
CA SER A 92 -36.09 -31.23 -23.64
C SER A 92 -35.43 -30.49 -24.79
N LEU A 93 -34.73 -29.40 -24.49
CA LEU A 93 -34.27 -28.45 -25.51
C LEU A 93 -32.75 -28.46 -25.61
N ASN A 94 -32.24 -28.96 -26.74
CA ASN A 94 -30.83 -28.85 -27.10
C ASN A 94 -30.60 -27.89 -28.27
N GLY A 95 -31.66 -27.50 -28.96
CA GLY A 95 -31.56 -26.52 -30.03
C GLY A 95 -32.26 -25.22 -29.70
N LEU A 96 -33.18 -24.81 -30.55
CA LEU A 96 -33.82 -23.50 -30.49
C LEU A 96 -35.30 -23.67 -30.18
N ALA A 97 -35.77 -23.00 -29.14
CA ALA A 97 -37.18 -22.88 -28.86
C ALA A 97 -37.53 -21.40 -28.87
N VAL A 98 -38.57 -21.05 -29.60
CA VAL A 98 -39.01 -19.67 -29.76
C VAL A 98 -40.47 -19.60 -29.35
N ASN A 99 -40.78 -18.73 -28.38
CA ASN A 99 -42.15 -18.46 -27.95
C ASN A 99 -42.83 -19.72 -27.42
N THR A 100 -42.16 -20.35 -26.45
CA THR A 100 -42.78 -21.37 -25.63
C THR A 100 -43.68 -20.71 -24.57
N THR A 101 -44.71 -21.44 -24.14
CA THR A 101 -45.61 -20.98 -23.08
C THR A 101 -45.92 -22.12 -22.15
N LEU A 102 -45.59 -21.95 -20.87
CA LEU A 102 -45.64 -23.04 -19.90
C LEU A 102 -46.75 -22.80 -18.88
N ASN A 103 -47.73 -23.71 -18.85
CA ASN A 103 -48.85 -23.68 -17.92
C ASN A 103 -48.81 -24.91 -17.04
N ASN A 104 -49.26 -24.77 -15.80
CA ASN A 104 -49.60 -25.90 -14.93
C ASN A 104 -48.69 -27.13 -15.02
N ARG A 105 -47.49 -27.05 -14.45
CA ARG A 105 -46.50 -28.12 -14.41
C ARG A 105 -45.96 -28.50 -15.78
N GLY A 106 -46.21 -27.68 -16.80
CA GLY A 106 -45.42 -27.80 -18.01
C GLY A 106 -44.00 -27.36 -17.73
N GLU A 107 -43.05 -28.13 -18.24
CA GLU A 107 -41.65 -27.90 -17.97
C GLU A 107 -40.88 -27.71 -19.27
N GLN A 108 -39.81 -26.92 -19.20
CA GLN A 108 -38.87 -26.76 -20.29
C GLN A 108 -37.47 -26.84 -19.69
N TRP A 109 -36.73 -27.88 -20.04
CA TRP A 109 -35.30 -27.95 -19.69
C TRP A 109 -34.50 -27.52 -20.91
N VAL A 110 -33.69 -26.49 -20.75
CA VAL A 110 -32.77 -26.07 -21.80
C VAL A 110 -31.38 -26.60 -21.44
N HIS A 111 -30.96 -27.68 -22.09
CA HIS A 111 -29.73 -28.34 -21.69
C HIS A 111 -28.56 -27.60 -22.33
N GLU A 112 -27.34 -28.07 -22.03
CA GLU A 112 -26.14 -27.41 -22.54
C GLU A 112 -26.19 -27.27 -24.05
N GLY A 113 -25.93 -26.06 -24.52
CA GLY A 113 -26.07 -25.72 -25.92
C GLY A 113 -27.44 -25.23 -26.32
N GLY A 114 -28.44 -25.30 -25.44
CA GLY A 114 -29.77 -24.88 -25.81
C GLY A 114 -29.98 -23.38 -25.65
N VAL A 115 -30.99 -22.88 -26.38
CA VAL A 115 -31.33 -21.46 -26.39
C VAL A 115 -32.85 -21.34 -26.48
N ALA A 116 -33.46 -20.75 -25.45
CA ALA A 116 -34.90 -20.47 -25.43
C ALA A 116 -35.11 -18.97 -25.40
N THR A 117 -35.85 -18.45 -26.38
CA THR A 117 -36.20 -17.03 -26.42
C THR A 117 -37.72 -16.86 -26.39
N GLY A 118 -38.19 -15.96 -25.52
CA GLY A 118 -39.61 -15.65 -25.44
C GLY A 118 -40.45 -16.64 -24.67
N THR A 119 -39.92 -17.24 -23.62
CA THR A 119 -40.71 -18.18 -22.85
C THR A 119 -41.53 -17.42 -21.83
N ILE A 120 -42.83 -17.69 -21.80
CA ILE A 120 -43.74 -17.15 -20.80
C ILE A 120 -44.07 -18.32 -19.87
N ILE A 121 -43.68 -18.19 -18.60
CA ILE A 121 -43.97 -19.17 -17.56
C ILE A 121 -45.22 -18.68 -16.83
N ASN A 122 -46.36 -19.33 -17.08
CA ASN A 122 -47.64 -18.71 -16.75
C ASN A 122 -48.18 -19.04 -15.36
N ARG A 123 -48.26 -20.31 -15.00
CA ARG A 123 -48.67 -20.58 -13.63
C ARG A 123 -48.32 -22.02 -13.33
N ASP A 124 -47.65 -22.22 -12.21
CA ASP A 124 -47.19 -23.54 -11.82
C ASP A 124 -46.43 -24.24 -12.96
N GLY A 125 -45.93 -23.47 -13.93
CA GLY A 125 -44.98 -23.96 -14.91
C GLY A 125 -43.55 -23.70 -14.48
N TYR A 126 -42.61 -24.29 -15.22
CA TYR A 126 -41.22 -24.29 -14.76
C TYR A 126 -40.30 -24.32 -15.97
N GLN A 127 -39.30 -23.42 -15.95
CA GLN A 127 -38.20 -23.43 -16.92
C GLN A 127 -36.91 -23.60 -16.15
N SER A 128 -36.21 -24.69 -16.42
CA SER A 128 -34.90 -24.94 -15.81
C SER A 128 -33.85 -24.75 -16.88
N VAL A 129 -32.96 -23.78 -16.67
CA VAL A 129 -31.82 -23.56 -17.56
C VAL A 129 -30.65 -24.33 -16.96
N LYS A 130 -30.41 -25.54 -17.48
CA LYS A 130 -29.22 -26.25 -17.00
C LYS A 130 -27.96 -25.52 -17.42
N SER A 131 -26.87 -25.86 -16.75
CA SER A 131 -25.61 -25.18 -17.00
C SER A 131 -25.22 -25.32 -18.46
N GLY A 132 -24.82 -24.20 -19.08
CA GLY A 132 -24.45 -24.18 -20.46
C GLY A 132 -25.56 -23.80 -21.42
N GLY A 133 -26.80 -23.68 -20.93
CA GLY A 133 -27.89 -23.18 -21.74
C GLY A 133 -28.09 -21.68 -21.59
N LEU A 134 -29.05 -21.17 -22.36
CA LEU A 134 -29.32 -19.73 -22.38
C LEU A 134 -30.80 -19.51 -22.55
N ALA A 135 -31.39 -18.70 -21.66
CA ALA A 135 -32.76 -18.24 -21.79
C ALA A 135 -32.77 -16.74 -22.03
N THR A 136 -33.46 -16.31 -23.09
CA THR A 136 -33.51 -14.90 -23.47
C THR A 136 -34.94 -14.44 -23.61
N GLY A 137 -35.22 -13.23 -23.10
CA GLY A 137 -36.54 -12.65 -23.25
C GLY A 137 -37.63 -13.42 -22.55
N THR A 138 -37.34 -13.93 -21.36
CA THR A 138 -38.29 -14.74 -20.61
C THR A 138 -39.24 -13.83 -19.85
N ILE A 139 -40.48 -14.30 -19.69
CA ILE A 139 -41.46 -13.68 -18.79
C ILE A 139 -41.87 -14.72 -17.77
N ILE A 140 -41.66 -14.41 -16.50
CA ILE A 140 -42.01 -15.31 -15.41
C ILE A 140 -43.19 -14.70 -14.65
N ASN A 141 -44.27 -15.48 -14.54
CA ASN A 141 -45.46 -15.07 -13.80
C ASN A 141 -45.75 -15.96 -12.61
N THR A 142 -44.87 -16.92 -12.31
CA THR A 142 -45.16 -17.84 -11.22
C THR A 142 -43.88 -18.18 -10.48
N GLY A 143 -44.06 -18.88 -9.35
CA GLY A 143 -42.99 -19.34 -8.50
C GLY A 143 -42.98 -18.68 -7.13
N ALA A 144 -43.47 -17.44 -7.05
CA ALA A 144 -43.30 -16.59 -5.88
C ALA A 144 -44.61 -16.27 -5.17
N GLU A 145 -45.71 -16.92 -5.55
CA GLU A 145 -46.99 -16.74 -4.87
C GLU A 145 -46.97 -17.13 -3.40
N GLY A 146 -46.04 -18.00 -2.97
CA GLY A 146 -45.96 -18.24 -1.53
C GLY A 146 -45.33 -17.15 -0.67
N GLY A 147 -44.96 -16.00 -1.24
CA GLY A 147 -44.34 -14.93 -0.50
C GLY A 147 -42.81 -15.08 -0.38
N PRO A 148 -42.14 -14.05 0.14
CA PRO A 148 -40.68 -14.14 0.39
C PRO A 148 -40.27 -15.32 1.25
N ASP A 149 -41.18 -15.89 2.04
CA ASP A 149 -40.84 -17.03 2.87
C ASP A 149 -41.06 -18.36 2.16
N SER A 150 -41.72 -18.35 1.01
CA SER A 150 -41.84 -19.58 0.24
C SER A 150 -40.47 -20.04 -0.21
N ASP A 151 -40.18 -21.32 0.04
CA ASP A 151 -38.95 -21.93 -0.47
C ASP A 151 -39.17 -22.63 -1.80
N ASN A 152 -40.17 -22.17 -2.55
CA ASN A 152 -40.48 -22.83 -3.81
C ASN A 152 -39.39 -22.56 -4.85
N SER A 153 -38.71 -23.62 -5.27
CA SER A 153 -37.80 -23.59 -6.41
C SER A 153 -38.29 -24.50 -7.54
N TYR A 154 -39.51 -25.02 -7.44
CA TYR A 154 -40.04 -26.04 -8.34
C TYR A 154 -40.89 -25.48 -9.47
N THR A 155 -41.33 -24.22 -9.38
CA THR A 155 -41.98 -23.53 -10.47
C THR A 155 -41.35 -22.15 -10.60
N GLY A 156 -41.39 -21.61 -11.81
CA GLY A 156 -40.72 -20.36 -12.10
C GLY A 156 -39.55 -20.63 -13.02
N GLN A 157 -38.45 -19.91 -12.83
CA GLN A 157 -37.23 -20.12 -13.60
C GLN A 157 -36.08 -20.39 -12.66
N LYS A 158 -35.39 -21.51 -12.90
CA LYS A 158 -34.16 -21.86 -12.19
C LYS A 158 -33.04 -21.79 -13.20
N VAL A 159 -31.99 -21.04 -12.91
CA VAL A 159 -30.89 -20.90 -13.87
C VAL A 159 -29.62 -21.54 -13.28
N GLN A 160 -29.04 -22.49 -14.02
CA GLN A 160 -27.68 -22.96 -13.83
C GLN A 160 -26.74 -22.39 -14.87
N GLY A 161 -27.28 -22.02 -16.03
CA GLY A 161 -26.54 -21.32 -17.05
C GLY A 161 -26.76 -19.83 -17.02
N THR A 162 -27.35 -19.27 -18.08
CA THR A 162 -27.44 -17.84 -18.29
C THR A 162 -28.87 -17.45 -18.62
N ALA A 163 -29.35 -16.35 -18.03
CA ALA A 163 -30.64 -15.78 -18.37
C ALA A 163 -30.48 -14.30 -18.70
N GLU A 164 -30.80 -13.91 -19.92
CA GLU A 164 -30.76 -12.53 -20.37
C GLU A 164 -32.17 -11.96 -20.60
N SER A 165 -32.34 -10.69 -20.24
CA SER A 165 -33.55 -9.91 -20.55
C SER A 165 -34.80 -10.61 -20.02
N THR A 166 -34.84 -10.77 -18.70
CA THR A 166 -35.96 -11.44 -18.07
C THR A 166 -36.85 -10.40 -17.38
N THR A 167 -38.17 -10.53 -17.59
CA THR A 167 -39.17 -9.71 -16.92
C THR A 167 -39.91 -10.56 -15.89
N ILE A 168 -39.89 -10.12 -14.64
CA ILE A 168 -40.49 -10.88 -13.55
C ILE A 168 -41.71 -10.12 -13.05
N ASN A 169 -42.90 -10.67 -13.31
CA ASN A 169 -44.14 -10.00 -12.92
C ASN A 169 -44.58 -10.49 -11.55
N LYS A 170 -45.70 -9.93 -11.07
CA LYS A 170 -46.26 -10.36 -9.79
C LYS A 170 -46.40 -11.87 -9.77
N ASN A 171 -45.93 -12.49 -8.69
CA ASN A 171 -45.90 -13.93 -8.42
C ASN A 171 -44.76 -14.63 -9.14
N GLY A 172 -43.96 -13.93 -9.94
CA GLY A 172 -42.84 -14.55 -10.63
C GLY A 172 -41.60 -14.67 -9.75
N ARG A 173 -40.82 -15.70 -10.02
CA ARG A 173 -39.64 -15.99 -9.22
C ARG A 173 -38.52 -16.47 -10.11
N GLN A 174 -37.33 -15.91 -9.92
CA GLN A 174 -36.12 -16.41 -10.54
C GLN A 174 -35.17 -16.86 -9.44
N ILE A 175 -34.66 -18.09 -9.57
CA ILE A 175 -33.60 -18.57 -8.70
C ILE A 175 -32.35 -18.72 -9.57
N ILE A 176 -31.27 -18.09 -9.14
CA ILE A 176 -29.97 -18.21 -9.79
C ILE A 176 -29.07 -19.03 -8.88
N LEU A 177 -28.73 -20.24 -9.30
CA LEU A 177 -27.88 -21.09 -8.48
C LEU A 177 -26.41 -20.63 -8.57
N PHE A 178 -25.52 -21.40 -7.94
CA PHE A 178 -24.12 -21.02 -7.83
C PHE A 178 -23.52 -20.71 -9.20
N SER A 179 -23.66 -21.63 -10.15
CA SER A 179 -23.05 -21.48 -11.47
C SER A 179 -23.76 -20.49 -12.38
N GLY A 180 -24.86 -19.87 -11.95
CA GLY A 180 -25.75 -19.16 -12.84
C GLY A 180 -25.48 -17.67 -12.97
N LEU A 181 -25.92 -17.13 -14.12
CA LEU A 181 -25.82 -15.72 -14.46
C LEU A 181 -27.18 -15.21 -14.92
N ALA A 182 -27.61 -14.08 -14.37
CA ALA A 182 -28.82 -13.41 -14.83
C ALA A 182 -28.50 -11.95 -15.10
N ARG A 183 -28.47 -11.59 -16.37
CA ARG A 183 -28.14 -10.25 -16.83
C ARG A 183 -29.38 -9.55 -17.37
N ASP A 184 -29.56 -8.29 -16.97
CA ASP A 184 -30.71 -7.45 -17.36
C ASP A 184 -32.06 -8.05 -16.96
N THR A 185 -32.50 -7.77 -15.74
CA THR A 185 -33.82 -8.18 -15.27
C THR A 185 -34.61 -6.97 -14.78
N LEU A 186 -35.93 -7.03 -15.02
CA LEU A 186 -36.88 -6.08 -14.47
C LEU A 186 -37.84 -6.88 -13.60
N ILE A 187 -37.90 -6.52 -12.32
CA ILE A 187 -38.68 -7.30 -11.34
C ILE A 187 -39.75 -6.36 -10.77
N TYR A 188 -41.01 -6.61 -11.15
CA TYR A 188 -42.12 -5.79 -10.68
C TYR A 188 -42.57 -6.20 -9.28
N ALA A 189 -43.44 -5.37 -8.69
CA ALA A 189 -43.90 -5.64 -7.33
C ALA A 189 -44.65 -6.97 -7.28
N GLY A 190 -44.37 -7.74 -6.22
CA GLY A 190 -44.92 -9.07 -6.07
C GLY A 190 -44.02 -10.20 -6.56
N GLY A 191 -43.07 -9.89 -7.43
CA GLY A 191 -42.12 -10.86 -7.93
C GLY A 191 -40.73 -10.68 -7.29
N ASP A 192 -39.90 -11.71 -7.44
CA ASP A 192 -38.62 -11.68 -6.75
C ASP A 192 -37.60 -12.52 -7.51
N GLN A 193 -36.33 -12.29 -7.15
CA GLN A 193 -35.22 -13.06 -7.69
C GLN A 193 -34.29 -13.44 -6.55
N SER A 194 -33.95 -14.70 -6.50
CA SER A 194 -33.10 -15.24 -5.46
C SER A 194 -31.74 -15.49 -6.10
N VAL A 195 -30.69 -14.81 -5.63
CA VAL A 195 -29.38 -14.83 -6.28
C VAL A 195 -28.40 -15.63 -5.42
N HIS A 196 -27.94 -16.78 -5.94
CA HIS A 196 -26.78 -17.50 -5.40
C HIS A 196 -25.57 -17.52 -6.32
N GLY A 197 -25.68 -16.99 -7.53
CA GLY A 197 -24.55 -16.86 -8.44
C GLY A 197 -24.27 -15.41 -8.80
N ARG A 198 -24.60 -15.02 -10.03
CA ARG A 198 -24.31 -13.68 -10.52
C ARG A 198 -25.58 -13.07 -11.10
N ALA A 199 -26.04 -11.98 -10.50
CA ALA A 199 -27.09 -11.15 -11.07
C ALA A 199 -26.49 -9.79 -11.36
N LEU A 200 -26.62 -9.35 -12.60
CA LEU A 200 -25.98 -8.16 -13.11
C LEU A 200 -26.98 -7.36 -13.92
N ASN A 201 -27.18 -6.09 -13.53
CA ASN A 201 -28.13 -5.14 -14.11
C ASN A 201 -29.58 -5.51 -13.78
N THR A 202 -30.02 -5.18 -12.57
CA THR A 202 -31.33 -5.56 -12.05
C THR A 202 -32.14 -4.33 -11.65
N THR A 203 -33.37 -4.22 -12.15
CA THR A 203 -34.24 -3.09 -11.85
C THR A 203 -35.41 -3.55 -10.99
N LEU A 204 -35.44 -3.09 -9.75
CA LEU A 204 -36.49 -3.44 -8.80
C LEU A 204 -37.53 -2.31 -8.86
N ASN A 205 -38.54 -2.51 -9.69
CA ASN A 205 -39.70 -1.62 -9.75
C ASN A 205 -40.75 -2.17 -8.79
N GLY A 206 -40.41 -2.10 -7.50
CA GLY A 206 -41.19 -2.71 -6.45
C GLY A 206 -40.88 -4.17 -6.18
N GLY A 207 -39.98 -4.79 -6.97
CA GLY A 207 -39.63 -6.19 -6.77
C GLY A 207 -38.60 -6.42 -5.66
N TYR A 208 -38.36 -7.69 -5.37
CA TYR A 208 -37.43 -8.10 -4.32
C TYR A 208 -36.25 -8.85 -4.93
N GLN A 209 -35.07 -8.63 -4.37
CA GLN A 209 -33.86 -9.36 -4.74
C GLN A 209 -33.23 -9.86 -3.46
N TYR A 210 -33.08 -11.17 -3.35
CA TYR A 210 -32.31 -11.75 -2.25
C TYR A 210 -30.96 -12.22 -2.76
N VAL A 211 -29.90 -11.74 -2.11
CA VAL A 211 -28.54 -12.13 -2.42
C VAL A 211 -28.06 -12.97 -1.25
N HIS A 212 -27.87 -14.29 -1.47
CA HIS A 212 -27.52 -15.24 -0.41
C HIS A 212 -26.00 -15.41 -0.27
N ARG A 213 -25.58 -16.35 0.59
CA ARG A 213 -24.16 -16.63 0.74
C ARG A 213 -23.58 -16.95 -0.63
N ASP A 214 -22.52 -16.23 -0.97
CA ASP A 214 -21.72 -16.42 -2.18
C ASP A 214 -22.42 -15.93 -3.45
N GLY A 215 -23.49 -15.18 -3.34
CA GLY A 215 -24.12 -14.53 -4.49
C GLY A 215 -23.59 -13.12 -4.66
N LEU A 216 -23.34 -12.75 -5.92
CA LEU A 216 -22.88 -11.41 -6.26
C LEU A 216 -23.95 -10.69 -7.05
N ALA A 217 -24.28 -9.48 -6.65
CA ALA A 217 -25.22 -8.62 -7.36
C ALA A 217 -24.50 -7.34 -7.79
N LEU A 218 -24.52 -7.04 -9.08
CA LEU A 218 -23.86 -5.83 -9.59
C LEU A 218 -24.86 -4.98 -10.37
N ASN A 219 -24.92 -3.68 -10.01
CA ASN A 219 -25.77 -2.70 -10.69
C ASN A 219 -27.25 -2.96 -10.45
N THR A 220 -27.69 -2.87 -9.19
CA THR A 220 -29.11 -2.97 -8.87
C THR A 220 -29.63 -1.57 -8.58
N VAL A 221 -30.79 -1.24 -9.15
CA VAL A 221 -31.50 -0.02 -8.80
C VAL A 221 -32.80 -0.41 -8.09
N ILE A 222 -33.07 0.26 -6.96
CA ILE A 222 -34.22 -0.03 -6.12
C ILE A 222 -35.12 1.19 -6.22
N ASN A 223 -36.21 1.04 -6.93
CA ASN A 223 -37.20 2.10 -7.03
C ASN A 223 -38.23 1.94 -5.91
N GLU A 224 -39.33 2.69 -6.01
CA GLU A 224 -40.30 2.71 -4.92
C GLU A 224 -40.89 1.32 -4.70
N GLY A 225 -40.90 0.88 -3.46
CA GLY A 225 -41.43 -0.42 -3.15
C GLY A 225 -40.50 -1.58 -3.40
N GLY A 226 -39.28 -1.30 -3.88
CA GLY A 226 -38.31 -2.34 -4.08
C GLY A 226 -37.47 -2.65 -2.83
N TRP A 227 -36.79 -3.79 -2.90
CA TRP A 227 -36.06 -4.33 -1.75
C TRP A 227 -34.85 -5.13 -2.24
N GLN A 228 -33.66 -4.76 -1.77
CA GLN A 228 -32.49 -5.59 -1.93
C GLN A 228 -32.06 -6.10 -0.56
N VAL A 229 -32.08 -7.42 -0.38
CA VAL A 229 -31.65 -8.06 0.86
C VAL A 229 -30.33 -8.77 0.58
N VAL A 230 -29.29 -8.37 1.30
CA VAL A 230 -27.99 -8.99 1.19
C VAL A 230 -27.79 -9.81 2.46
N LYS A 231 -27.92 -11.13 2.33
CA LYS A 231 -27.75 -12.05 3.43
C LYS A 231 -26.28 -12.14 3.83
N ALA A 232 -26.01 -12.81 4.93
CA ALA A 232 -24.63 -13.02 5.35
C ALA A 232 -23.87 -13.80 4.28
N GLY A 233 -22.73 -13.27 3.88
CA GLY A 233 -21.93 -13.91 2.88
C GLY A 233 -22.29 -13.57 1.46
N GLY A 234 -23.28 -12.76 1.25
CA GLY A 234 -23.54 -12.27 -0.08
C GLY A 234 -22.89 -10.93 -0.28
N ALA A 235 -22.79 -10.53 -1.54
CA ALA A 235 -22.15 -9.28 -1.86
C ALA A 235 -22.89 -8.57 -2.98
N ALA A 236 -23.13 -7.27 -2.79
CA ALA A 236 -23.73 -6.41 -3.79
C ALA A 236 -22.81 -5.24 -4.06
N GLY A 237 -22.75 -4.81 -5.32
CA GLY A 237 -21.97 -3.62 -5.66
C GLY A 237 -22.70 -2.67 -6.60
N ASN A 238 -22.60 -1.37 -6.32
CA ASN A 238 -23.19 -0.33 -7.16
C ASN A 238 -24.72 -0.44 -7.15
N THR A 239 -25.29 -0.25 -5.96
CA THR A 239 -26.73 -0.17 -5.76
C THR A 239 -27.19 1.27 -5.63
N THR A 240 -28.33 1.56 -6.24
CA THR A 240 -28.95 2.86 -6.14
C THR A 240 -30.27 2.71 -5.43
N ILE A 241 -30.44 3.42 -4.32
CA ILE A 241 -31.60 3.30 -3.46
C ILE A 241 -32.45 4.56 -3.73
N ASN A 242 -33.50 4.43 -4.52
CA ASN A 242 -34.28 5.60 -4.87
C ASN A 242 -35.32 5.82 -3.78
N GLN A 243 -36.20 6.81 -3.96
CA GLN A 243 -37.13 7.12 -2.89
C GLN A 243 -38.07 5.96 -2.62
N ASN A 244 -38.21 5.63 -1.33
CA ASN A 244 -39.10 4.56 -0.85
C ASN A 244 -38.63 3.19 -1.29
N GLY A 245 -37.33 3.03 -1.51
CA GLY A 245 -36.71 1.73 -1.57
C GLY A 245 -35.92 1.47 -0.30
N GLU A 246 -35.60 0.20 -0.07
CA GLU A 246 -34.78 -0.17 1.06
C GLU A 246 -33.74 -1.19 0.64
N LEU A 247 -32.52 -1.00 1.17
CA LEU A 247 -31.41 -1.95 1.11
C LEU A 247 -31.21 -2.56 2.51
N ARG A 248 -31.21 -3.90 2.57
CA ARG A 248 -31.10 -4.65 3.81
C ARG A 248 -29.75 -5.38 3.75
N VAL A 249 -28.84 -5.06 4.66
CA VAL A 249 -27.51 -5.67 4.70
C VAL A 249 -27.34 -6.36 6.05
N HIS A 250 -27.34 -7.69 6.03
CA HIS A 250 -27.26 -8.45 7.27
C HIS A 250 -25.84 -8.51 7.78
N ALA A 251 -25.69 -8.88 9.05
CA ALA A 251 -24.36 -9.14 9.57
C ALA A 251 -23.68 -10.15 8.66
N GLY A 252 -22.50 -9.79 8.16
CA GLY A 252 -21.79 -10.64 7.24
C GLY A 252 -22.05 -10.38 5.77
N GLY A 253 -22.64 -9.23 5.42
CA GLY A 253 -22.93 -8.86 4.05
C GLY A 253 -22.08 -7.73 3.54
N GLU A 254 -21.94 -7.63 2.22
CA GLU A 254 -21.11 -6.63 1.56
C GLU A 254 -22.02 -5.73 0.74
N ALA A 255 -22.03 -4.43 1.05
CA ALA A 255 -22.75 -3.44 0.24
C ALA A 255 -21.76 -2.34 -0.14
N THR A 256 -21.21 -2.40 -1.35
CA THR A 256 -20.20 -1.44 -1.78
C THR A 256 -20.70 -0.61 -2.94
N ALA A 257 -20.31 0.67 -2.94
CA ALA A 257 -20.71 1.61 -3.98
C ALA A 257 -22.21 1.85 -3.95
N VAL A 258 -22.73 2.10 -2.77
CA VAL A 258 -24.16 2.29 -2.60
C VAL A 258 -24.48 3.77 -2.76
N THR A 259 -25.42 4.07 -3.64
CA THR A 259 -25.94 5.42 -3.83
C THR A 259 -27.31 5.49 -3.16
N GLN A 260 -27.33 6.03 -1.94
CA GLN A 260 -28.53 6.21 -1.14
C GLN A 260 -29.09 7.60 -1.46
N ASN A 261 -30.12 7.66 -2.29
CA ASN A 261 -30.71 8.94 -2.61
C ASN A 261 -31.63 9.40 -1.47
N THR A 262 -32.23 10.56 -1.63
CA THR A 262 -33.17 11.03 -0.62
C THR A 262 -34.41 10.18 -0.66
N GLY A 263 -34.89 9.81 0.52
CA GLY A 263 -35.99 8.88 0.62
C GLY A 263 -35.57 7.44 0.63
N GLY A 264 -34.26 7.16 0.52
CA GLY A 264 -33.79 5.79 0.51
C GLY A 264 -33.59 5.22 1.91
N ALA A 265 -34.07 4.01 2.11
CA ALA A 265 -33.95 3.36 3.41
C ALA A 265 -32.71 2.48 3.42
N LEU A 266 -31.94 2.56 4.51
CA LEU A 266 -30.79 1.69 4.72
C LEU A 266 -30.97 1.00 6.06
N VAL A 267 -31.08 -0.32 6.02
CA VAL A 267 -31.23 -1.14 7.21
C VAL A 267 -30.00 -2.04 7.34
N THR A 268 -29.23 -1.86 8.41
CA THR A 268 -27.99 -2.62 8.56
C THR A 268 -27.54 -2.55 10.01
N SER A 269 -26.42 -3.26 10.30
CA SER A 269 -25.77 -3.20 11.61
C SER A 269 -24.28 -2.99 11.43
N THR A 270 -23.63 -2.51 12.50
CA THR A 270 -22.18 -2.35 12.46
C THR A 270 -21.47 -3.67 12.22
N ALA A 271 -22.18 -4.80 12.33
CA ALA A 271 -21.64 -6.10 12.00
C ALA A 271 -21.72 -6.42 10.51
N ALA A 272 -22.06 -5.46 9.65
CA ALA A 272 -21.98 -5.67 8.22
C ALA A 272 -21.04 -4.63 7.60
N THR A 273 -20.93 -4.66 6.28
CA THR A 273 -20.07 -3.72 5.56
C THR A 273 -20.95 -3.02 4.54
N VAL A 274 -21.03 -1.70 4.65
CA VAL A 274 -21.77 -0.87 3.70
C VAL A 274 -20.93 0.38 3.47
N ILE A 275 -20.45 0.55 2.25
CA ILE A 275 -19.69 1.72 1.87
C ILE A 275 -20.52 2.47 0.84
N GLY A 276 -20.59 3.78 0.96
CA GLY A 276 -21.20 4.52 -0.14
C GLY A 276 -21.28 6.00 0.13
N THR A 277 -22.29 6.60 -0.49
CA THR A 277 -22.51 8.04 -0.47
C THR A 277 -24.01 8.32 -0.43
N ASN A 278 -24.47 9.01 0.62
CA ASN A 278 -25.85 9.44 0.79
C ASN A 278 -25.95 10.96 0.58
N ARG A 279 -27.16 11.51 0.79
CA ARG A 279 -27.40 12.92 0.49
C ARG A 279 -26.60 13.89 1.37
N LEU A 280 -25.80 13.43 2.34
CA LEU A 280 -25.01 14.34 3.16
C LEU A 280 -23.50 14.17 2.98
N GLY A 281 -23.06 13.19 2.19
CA GLY A 281 -21.66 12.95 1.95
C GLY A 281 -21.37 11.47 1.85
N ASN A 282 -20.13 11.11 2.15
CA ASN A 282 -19.72 9.72 2.09
C ASN A 282 -19.99 9.03 3.42
N PHE A 283 -20.34 7.75 3.35
CA PHE A 283 -20.56 6.98 4.56
C PHE A 283 -19.88 5.62 4.45
N THR A 284 -19.54 5.07 5.60
CA THR A 284 -18.88 3.77 5.67
C THR A 284 -19.38 3.05 6.92
N VAL A 285 -19.91 1.86 6.74
CA VAL A 285 -20.12 0.97 7.86
C VAL A 285 -19.15 -0.19 7.65
N GLU A 286 -18.08 -0.22 8.44
CA GLU A 286 -16.99 -1.11 8.17
C GLU A 286 -16.28 -1.49 9.46
N ASN A 287 -15.99 -2.79 9.62
CA ASN A 287 -15.14 -3.23 10.71
C ASN A 287 -15.62 -2.69 12.06
N GLY A 288 -16.94 -2.65 12.24
CA GLY A 288 -17.51 -2.21 13.51
C GLY A 288 -17.60 -0.71 13.72
N LYS A 289 -17.36 0.08 12.68
CA LYS A 289 -17.31 1.52 12.80
C LYS A 289 -18.14 2.09 11.65
N ALA A 290 -19.11 2.91 11.98
CA ALA A 290 -19.93 3.57 10.98
C ALA A 290 -19.66 5.07 11.10
N ASP A 291 -19.44 5.72 9.96
CA ASP A 291 -19.23 7.15 9.97
C ASP A 291 -20.11 7.70 8.85
N GLY A 292 -20.99 8.65 9.17
CA GLY A 292 -21.68 9.40 8.13
C GLY A 292 -23.02 8.87 7.68
N VAL A 293 -23.59 7.90 8.41
CA VAL A 293 -24.83 7.23 8.00
C VAL A 293 -26.04 8.17 8.15
N VAL A 294 -27.02 8.02 7.26
CA VAL A 294 -28.24 8.84 7.25
C VAL A 294 -29.45 7.90 7.26
N LEU A 295 -30.04 7.70 8.44
CA LEU A 295 -31.20 6.82 8.56
C LEU A 295 -32.46 7.65 8.39
N GLU A 296 -33.25 7.35 7.37
CA GLU A 296 -34.50 8.04 7.14
C GLU A 296 -35.48 7.04 6.58
N SER A 297 -36.76 7.40 6.55
CA SER A 297 -37.73 6.72 5.70
C SER A 297 -37.72 5.20 5.91
N GLY A 298 -37.61 4.77 7.15
CA GLY A 298 -37.57 3.34 7.44
C GLY A 298 -36.18 2.75 7.56
N GLY A 299 -35.13 3.57 7.58
CA GLY A 299 -33.79 3.05 7.73
C GLY A 299 -33.46 2.79 9.17
N ARG A 300 -32.60 1.80 9.38
CA ARG A 300 -32.19 1.39 10.72
C ARG A 300 -30.71 1.10 10.72
N LEU A 301 -30.01 1.65 11.70
CA LEU A 301 -28.64 1.26 12.00
C LEU A 301 -28.64 0.65 13.39
N ASP A 302 -28.10 -0.55 13.51
CA ASP A 302 -27.87 -1.18 14.80
C ASP A 302 -26.39 -1.09 15.13
N VAL A 303 -26.06 -0.35 16.19
CA VAL A 303 -24.70 -0.30 16.68
C VAL A 303 -24.59 -1.38 17.75
N LEU A 304 -24.07 -2.54 17.36
CA LEU A 304 -23.97 -3.67 18.28
C LEU A 304 -22.88 -3.42 19.32
N GLU A 305 -22.78 -4.37 20.25
CA GLU A 305 -21.88 -4.22 21.39
C GLU A 305 -20.43 -4.01 20.94
N SER A 306 -19.80 -2.99 21.52
CA SER A 306 -18.37 -2.68 21.33
C SER A 306 -18.03 -2.20 19.92
N HIS A 307 -19.03 -1.80 19.15
CA HIS A 307 -18.84 -1.06 17.92
C HIS A 307 -19.15 0.41 18.17
N SER A 308 -19.01 1.23 17.13
CA SER A 308 -19.13 2.68 17.28
C SER A 308 -19.74 3.29 16.02
N ALA A 309 -20.39 4.43 16.24
CA ALA A 309 -20.97 5.25 15.19
C ALA A 309 -20.67 6.71 15.49
N GLN A 310 -20.27 7.47 14.47
CA GLN A 310 -20.26 8.91 14.61
C GLN A 310 -20.76 9.55 13.32
N ASN A 311 -21.28 10.78 13.46
CA ASN A 311 -21.91 11.53 12.38
C ASN A 311 -23.06 10.76 11.77
N THR A 312 -23.96 10.32 12.66
CA THR A 312 -25.22 9.72 12.27
C THR A 312 -26.30 10.76 12.35
N LEU A 313 -27.10 10.83 11.31
CA LEU A 313 -28.29 11.67 11.28
C LEU A 313 -29.47 10.73 11.21
N VAL A 314 -30.27 10.71 12.28
CA VAL A 314 -31.53 9.99 12.33
C VAL A 314 -32.63 10.99 11.98
N ASP A 315 -33.21 10.83 10.80
CA ASP A 315 -34.21 11.77 10.30
C ASP A 315 -35.59 11.17 10.49
N ASP A 316 -36.64 11.91 10.09
CA ASP A 316 -38.02 11.46 10.32
C ASP A 316 -38.25 10.10 9.68
N GLY A 317 -38.60 9.12 10.51
CA GLY A 317 -38.82 7.77 10.03
C GLY A 317 -37.63 6.86 10.11
N GLY A 318 -36.52 7.32 10.68
CA GLY A 318 -35.34 6.49 10.87
C GLY A 318 -35.20 6.10 12.33
N THR A 319 -34.39 5.06 12.54
CA THR A 319 -34.18 4.47 13.85
C THR A 319 -32.70 4.24 14.08
N LEU A 320 -32.19 4.75 15.20
CA LEU A 320 -30.87 4.40 15.70
C LEU A 320 -31.06 3.49 16.90
N ALA A 321 -30.43 2.31 16.84
CA ALA A 321 -30.57 1.29 17.89
C ALA A 321 -29.20 0.92 18.38
N VAL A 322 -28.82 1.44 19.53
CA VAL A 322 -27.50 1.29 20.12
C VAL A 322 -27.59 0.24 21.22
N SER A 323 -26.97 -0.91 21.00
CA SER A 323 -26.94 -1.96 22.01
C SER A 323 -26.06 -1.56 23.17
N ALA A 324 -26.22 -2.26 24.27
CA ALA A 324 -25.41 -1.96 25.44
C ALA A 324 -23.98 -2.39 25.16
N GLY A 325 -23.04 -1.47 25.36
CA GLY A 325 -21.65 -1.70 25.01
C GLY A 325 -21.26 -1.05 23.70
N GLY A 326 -22.23 -0.64 22.89
CA GLY A 326 -21.94 0.18 21.74
C GLY A 326 -21.86 1.67 22.08
N LYS A 327 -21.16 2.41 21.24
CA LYS A 327 -20.97 3.84 21.36
C LYS A 327 -21.52 4.49 20.10
N ALA A 328 -22.10 5.68 20.26
CA ALA A 328 -22.56 6.47 19.12
C ALA A 328 -22.49 7.94 19.54
N THR A 329 -21.59 8.69 18.93
CA THR A 329 -21.33 10.08 19.26
C THR A 329 -21.69 10.96 18.06
N SER A 330 -21.73 12.27 18.31
CA SER A 330 -22.19 13.24 17.32
C SER A 330 -23.39 12.71 16.52
N VAL A 331 -24.43 12.26 17.28
CA VAL A 331 -25.75 11.91 16.73
C VAL A 331 -26.57 13.19 16.58
N THR A 332 -27.38 13.23 15.53
CA THR A 332 -28.38 14.29 15.33
C THR A 332 -29.69 13.60 15.00
N ILE A 333 -30.65 13.67 15.92
CA ILE A 333 -31.98 13.10 15.71
C ILE A 333 -32.92 14.26 15.43
N THR A 334 -33.49 14.29 14.23
CA THR A 334 -34.52 15.28 14.00
C THR A 334 -35.84 14.80 14.59
N SER A 335 -36.73 15.75 14.83
CA SER A 335 -38.06 15.44 15.32
C SER A 335 -38.66 14.34 14.45
N GLY A 336 -39.16 13.29 15.10
CA GLY A 336 -39.63 12.12 14.39
C GLY A 336 -38.63 11.00 14.23
N GLY A 337 -37.38 11.21 14.65
CA GLY A 337 -36.41 10.13 14.70
C GLY A 337 -36.56 9.29 15.96
N ALA A 338 -36.26 8.01 15.82
CA ALA A 338 -36.42 7.03 16.88
C ALA A 338 -35.04 6.63 17.38
N LEU A 339 -34.88 6.55 18.70
CA LEU A 339 -33.64 6.12 19.33
C LEU A 339 -33.93 4.99 20.30
N ILE A 340 -33.34 3.82 20.06
CA ILE A 340 -33.48 2.68 20.96
C ILE A 340 -32.12 2.44 21.61
N ALA A 341 -32.11 2.38 22.94
CA ALA A 341 -30.88 2.18 23.70
C ALA A 341 -31.26 1.84 25.13
N ASP A 342 -30.25 1.53 25.95
CA ASP A 342 -30.47 1.39 27.39
C ASP A 342 -29.29 2.02 28.13
N SER A 343 -29.31 1.95 29.47
CA SER A 343 -28.34 2.67 30.28
C SER A 343 -26.95 2.03 30.24
N GLY A 344 -26.78 0.92 29.51
CA GLY A 344 -25.46 0.37 29.25
C GLY A 344 -24.86 0.78 27.93
N ALA A 345 -25.63 1.44 27.08
CA ALA A 345 -25.11 2.03 25.87
C ALA A 345 -24.58 3.41 26.16
N THR A 346 -23.78 3.92 25.24
CA THR A 346 -23.14 5.23 25.37
C THR A 346 -23.51 6.01 24.12
N VAL A 347 -24.34 7.04 24.27
CA VAL A 347 -24.78 7.83 23.12
C VAL A 347 -24.62 9.29 23.47
N GLU A 348 -24.16 10.10 22.52
CA GLU A 348 -24.18 11.53 22.65
C GLU A 348 -24.68 12.13 21.34
N GLY A 349 -25.33 13.28 21.44
CA GLY A 349 -25.85 13.94 20.25
C GLY A 349 -26.79 15.06 20.62
N THR A 350 -27.64 15.44 19.67
CA THR A 350 -28.72 16.37 19.92
C THR A 350 -30.01 15.89 19.24
N ASN A 351 -31.13 16.09 19.94
CA ASN A 351 -32.45 15.68 19.49
C ASN A 351 -33.28 16.92 19.23
N ALA A 352 -34.58 16.71 19.02
CA ALA A 352 -35.47 17.80 18.68
C ALA A 352 -35.47 18.92 19.72
N SER A 353 -34.99 18.66 20.94
CA SER A 353 -35.06 19.66 22.00
C SER A 353 -33.76 19.72 22.80
N GLY A 354 -32.61 19.74 22.11
CA GLY A 354 -31.32 20.09 22.71
C GLY A 354 -30.41 18.89 22.89
N LYS A 355 -29.40 19.09 23.73
CA LYS A 355 -28.34 18.11 23.89
C LYS A 355 -28.74 16.97 24.81
N PHE A 356 -28.27 15.76 24.47
CA PHE A 356 -28.58 14.59 25.28
C PHE A 356 -27.38 13.68 25.33
N SER A 357 -27.38 12.79 26.32
CA SER A 357 -26.29 11.85 26.50
C SER A 357 -26.78 10.62 27.26
N ILE A 358 -26.30 9.46 26.85
CA ILE A 358 -26.38 8.24 27.64
C ILE A 358 -24.93 7.80 27.90
N ASP A 359 -24.53 7.77 29.15
CA ASP A 359 -23.18 7.34 29.49
C ASP A 359 -23.29 5.92 30.03
N GLY A 360 -23.06 4.94 29.15
CA GLY A 360 -23.15 3.54 29.51
C GLY A 360 -22.18 3.10 30.58
N THR A 361 -21.17 3.91 30.87
CA THR A 361 -20.19 3.52 31.87
C THR A 361 -20.73 3.78 33.28
N SER A 362 -21.35 4.93 33.51
CA SER A 362 -21.98 5.16 34.80
C SER A 362 -23.46 4.82 34.82
N GLY A 363 -24.07 4.64 33.65
CA GLY A 363 -25.49 4.30 33.57
C GLY A 363 -26.45 5.44 33.81
N GLN A 364 -26.02 6.68 33.60
CA GLN A 364 -26.89 7.86 33.72
C GLN A 364 -27.19 8.43 32.34
N ALA A 365 -28.43 8.81 32.13
CA ALA A 365 -28.85 9.40 30.88
C ALA A 365 -29.43 10.79 31.14
N SER A 366 -29.27 11.69 30.20
CA SER A 366 -29.83 13.03 30.38
C SER A 366 -30.38 13.57 29.07
N GLY A 367 -31.64 13.98 29.12
CA GLY A 367 -32.25 14.74 28.04
C GLY A 367 -32.78 13.93 26.90
N LEU A 368 -33.14 12.67 27.12
CA LEU A 368 -33.59 11.85 26.01
C LEU A 368 -34.90 12.39 25.45
N LEU A 369 -35.24 11.89 24.27
CA LEU A 369 -36.54 12.19 23.67
C LEU A 369 -36.97 10.99 22.84
N LEU A 370 -37.98 10.28 23.30
CA LEU A 370 -38.31 8.97 22.75
C LEU A 370 -39.60 9.14 21.94
N GLU A 371 -39.49 9.16 20.61
CA GLU A 371 -40.65 9.30 19.74
C GLU A 371 -40.70 8.15 18.74
N ASN A 372 -41.85 8.02 18.07
CA ASN A 372 -42.04 7.17 16.90
C ASN A 372 -41.41 5.79 16.97
N GLY A 373 -41.46 5.16 18.13
CA GLY A 373 -40.83 3.87 18.28
C GLY A 373 -39.49 3.94 18.95
N GLY A 374 -39.05 5.14 19.33
CA GLY A 374 -37.91 5.24 20.22
C GLY A 374 -38.22 4.58 21.55
N SER A 375 -37.16 4.10 22.20
CA SER A 375 -37.33 3.42 23.47
C SER A 375 -36.05 3.51 24.30
N PHE A 376 -36.20 3.70 25.60
CA PHE A 376 -35.06 3.60 26.50
C PHE A 376 -35.39 2.65 27.64
N THR A 377 -34.37 1.95 28.12
CA THR A 377 -34.53 1.08 29.28
C THR A 377 -33.53 1.48 30.33
N VAL A 378 -34.02 1.90 31.49
CA VAL A 378 -33.17 2.22 32.61
C VAL A 378 -32.97 0.90 33.34
N ASN A 379 -31.74 0.39 33.33
CA ASN A 379 -31.46 -0.87 33.98
C ASN A 379 -31.21 -0.65 35.46
N ALA A 380 -31.07 -1.77 36.18
CA ALA A 380 -30.84 -1.71 37.62
C ALA A 380 -29.73 -0.72 37.96
N GLY A 381 -30.00 0.11 38.94
CA GLY A 381 -28.98 1.05 39.36
C GLY A 381 -28.78 2.22 38.43
N GLY A 382 -29.52 2.29 37.32
CA GLY A 382 -29.38 3.38 36.38
C GLY A 382 -30.26 4.56 36.75
N GLN A 383 -30.17 5.63 35.94
CA GLN A 383 -30.87 6.87 36.25
C GLN A 383 -31.02 7.71 35.00
N ALA A 384 -32.26 7.98 34.60
CA ALA A 384 -32.54 8.84 33.45
C ALA A 384 -33.11 10.17 33.92
N GLY A 385 -32.49 11.25 33.47
CA GLY A 385 -32.87 12.61 33.86
C GLY A 385 -33.43 13.39 32.69
N ASN A 386 -34.50 14.13 32.95
CA ASN A 386 -35.12 15.03 31.97
C ASN A 386 -35.61 14.29 30.74
N THR A 387 -36.26 13.16 30.94
CA THR A 387 -36.67 12.36 29.80
C THR A 387 -37.95 12.94 29.21
N THR A 388 -38.09 12.86 27.91
CA THR A 388 -39.32 13.31 27.26
C THR A 388 -39.77 12.18 26.35
N VAL A 389 -40.87 11.54 26.71
CA VAL A 389 -41.41 10.43 25.93
C VAL A 389 -42.54 11.00 25.10
N GLY A 390 -42.47 10.86 23.78
CA GLY A 390 -43.46 11.41 22.90
C GLY A 390 -44.46 10.37 22.44
N HIS A 391 -45.19 10.72 21.38
CA HIS A 391 -46.13 9.80 20.78
C HIS A 391 -45.38 8.59 20.22
N ARG A 392 -45.80 7.39 20.64
CA ARG A 392 -45.22 6.12 20.22
C ARG A 392 -43.82 5.89 20.79
N GLY A 393 -43.38 6.69 21.76
CA GLY A 393 -42.17 6.41 22.49
C GLY A 393 -42.43 5.60 23.76
N THR A 394 -41.41 4.84 24.20
CA THR A 394 -41.49 4.00 25.38
C THR A 394 -40.28 4.21 26.30
N LEU A 395 -40.54 4.35 27.59
CA LEU A 395 -39.50 4.37 28.61
C LEU A 395 -39.79 3.22 29.56
N THR A 396 -38.87 2.26 29.66
CA THR A 396 -39.05 1.10 30.53
C THR A 396 -38.04 1.16 31.66
N LEU A 397 -38.47 0.86 32.88
CA LEU A 397 -37.56 0.90 34.03
C LEU A 397 -37.43 -0.48 34.62
N ALA A 398 -36.21 -1.03 34.59
CA ALA A 398 -36.00 -2.30 35.27
C ALA A 398 -36.06 -2.10 36.78
N ALA A 399 -36.20 -3.19 37.51
CA ALA A 399 -36.25 -3.08 38.96
C ALA A 399 -34.96 -2.45 39.45
N GLY A 400 -35.07 -1.36 40.21
CA GLY A 400 -33.88 -0.66 40.66
C GLY A 400 -33.48 0.55 39.83
N GLY A 401 -34.29 0.90 38.84
CA GLY A 401 -34.09 2.14 38.10
C GLY A 401 -34.48 3.38 38.90
N SER A 402 -34.05 4.53 38.37
CA SER A 402 -34.24 5.82 38.99
C SER A 402 -34.64 6.80 37.91
N LEU A 403 -35.34 7.85 38.34
CA LEU A 403 -35.59 9.00 37.49
C LEU A 403 -35.01 10.24 38.18
N SER A 404 -34.77 11.26 37.36
CA SER A 404 -34.12 12.45 37.84
C SER A 404 -34.71 13.62 37.06
N GLY A 405 -34.85 14.76 37.73
CA GLY A 405 -35.41 15.87 36.98
C GLY A 405 -36.85 15.59 36.57
N ARG A 406 -37.27 16.21 35.48
CA ARG A 406 -38.65 16.12 35.03
C ARG A 406 -38.82 14.99 34.02
N THR A 407 -39.55 13.95 34.41
CA THR A 407 -39.93 12.89 33.47
C THR A 407 -41.29 13.25 32.89
N GLN A 408 -41.31 13.73 31.66
CA GLN A 408 -42.58 14.12 31.04
C GLN A 408 -43.07 13.07 30.05
N LEU A 409 -44.33 12.67 30.18
CA LEU A 409 -44.94 11.73 29.25
C LEU A 409 -45.94 12.48 28.38
N SER A 410 -45.69 12.53 27.09
CA SER A 410 -46.64 13.18 26.19
C SER A 410 -47.82 12.23 25.90
N LYS A 411 -48.90 12.80 25.34
CA LYS A 411 -49.98 11.95 24.86
C LYS A 411 -49.42 10.88 23.91
N GLY A 412 -49.83 9.64 24.11
CA GLY A 412 -49.32 8.53 23.33
C GLY A 412 -48.05 7.91 23.85
N ALA A 413 -47.52 8.41 24.96
CA ALA A 413 -46.28 7.91 25.54
C ALA A 413 -46.54 6.74 26.46
N SER A 414 -45.57 5.84 26.53
CA SER A 414 -45.62 4.73 27.46
C SER A 414 -44.47 4.82 28.45
N MET A 415 -44.73 4.36 29.67
CA MET A 415 -43.71 4.14 30.68
C MET A 415 -44.05 2.88 31.45
N VAL A 416 -43.22 1.86 31.32
CA VAL A 416 -43.48 0.56 31.92
C VAL A 416 -42.58 0.43 33.15
N LEU A 417 -43.14 0.00 34.28
CA LEU A 417 -42.41 -0.12 35.54
C LEU A 417 -42.35 -1.58 35.90
N ASN A 418 -41.15 -2.16 35.89
CA ASN A 418 -40.98 -3.56 36.20
C ASN A 418 -40.47 -3.79 37.62
N GLY A 419 -40.43 -2.74 38.43
CA GLY A 419 -40.08 -2.87 39.83
C GLY A 419 -40.16 -1.50 40.48
N ASP A 420 -39.76 -1.44 41.74
CA ASP A 420 -39.84 -0.16 42.46
C ASP A 420 -38.95 0.90 41.82
N VAL A 421 -39.49 2.12 41.74
CA VAL A 421 -38.81 3.25 41.10
C VAL A 421 -38.92 4.48 41.99
N VAL A 422 -37.84 5.26 42.07
CA VAL A 422 -37.84 6.56 42.75
C VAL A 422 -37.45 7.64 41.75
N SER A 423 -38.29 8.66 41.62
CA SER A 423 -37.92 9.85 40.91
C SER A 423 -37.67 10.93 41.94
N THR A 424 -36.47 11.49 41.94
CA THR A 424 -36.17 12.65 42.75
C THR A 424 -36.61 13.95 42.08
N GLY A 425 -37.66 13.89 41.25
CA GLY A 425 -38.18 15.07 40.57
C GLY A 425 -39.65 14.92 40.23
N ASP A 426 -40.06 15.40 39.06
CA ASP A 426 -41.47 15.55 38.70
C ASP A 426 -41.84 14.59 37.57
N ILE A 427 -42.82 13.75 37.81
CA ILE A 427 -43.42 12.99 36.72
C ILE A 427 -44.64 13.77 36.21
N VAL A 428 -44.71 13.96 34.90
CA VAL A 428 -45.79 14.71 34.27
C VAL A 428 -46.41 13.79 33.25
N ASN A 429 -47.52 13.14 33.58
CA ASN A 429 -48.09 12.10 32.73
C ASN A 429 -49.34 12.57 32.00
N ALA A 430 -49.24 12.69 30.68
CA ALA A 430 -50.40 12.81 29.80
C ALA A 430 -50.57 11.57 28.93
N GLY A 431 -49.69 10.58 29.07
CA GLY A 431 -49.78 9.30 28.39
C GLY A 431 -50.17 8.16 29.33
N GLU A 432 -49.38 7.10 29.40
CA GLU A 432 -49.77 5.92 30.16
C GLU A 432 -48.56 5.36 30.89
N ILE A 433 -48.66 5.31 32.19
CA ILE A 433 -47.71 4.57 33.03
C ILE A 433 -48.34 3.22 33.28
N ARG A 434 -47.52 2.20 33.50
CA ARG A 434 -48.05 0.84 33.66
C ARG A 434 -47.12 0.01 34.52
N PHE A 435 -47.62 -0.46 35.67
CA PHE A 435 -46.90 -1.39 36.54
C PHE A 435 -47.04 -2.77 35.93
N ASP A 436 -45.94 -3.36 35.49
CA ASP A 436 -45.96 -4.69 34.91
C ASP A 436 -44.83 -5.50 35.52
N ASN A 437 -44.74 -6.78 35.13
CA ASN A 437 -43.56 -7.61 35.43
C ASN A 437 -43.03 -8.29 34.16
N VAL A 456 -46.30 -12.71 40.92
CA VAL A 456 -46.73 -11.39 40.43
C VAL A 456 -46.58 -10.35 41.55
N THR A 457 -45.42 -9.68 41.59
CA THR A 457 -45.08 -8.78 42.68
C THR A 457 -45.58 -7.36 42.41
N PHE A 458 -45.83 -6.64 43.50
CA PHE A 458 -46.37 -5.28 43.44
C PHE A 458 -45.29 -4.25 43.75
N HIS A 459 -45.29 -3.14 43.00
CA HIS A 459 -44.23 -2.14 43.07
C HIS A 459 -44.72 -0.81 43.61
N LYS A 460 -43.75 0.01 43.99
CA LYS A 460 -43.97 1.37 44.46
C LYS A 460 -43.25 2.34 43.53
N LEU A 461 -43.98 3.30 42.99
CA LEU A 461 -43.40 4.40 42.22
C LEU A 461 -43.37 5.65 43.11
N THR A 462 -42.17 6.06 43.50
CA THR A 462 -42.00 7.25 44.33
C THR A 462 -41.58 8.42 43.47
N THR A 463 -42.36 9.49 43.55
CA THR A 463 -42.03 10.74 42.89
C THR A 463 -42.21 11.88 43.89
N THR A 464 -41.51 12.98 43.62
CA THR A 464 -41.68 14.15 44.44
C THR A 464 -42.97 14.86 44.08
N ASN A 465 -43.17 15.19 42.80
CA ASN A 465 -44.45 15.72 42.36
C ASN A 465 -44.97 14.97 41.15
N LEU A 466 -46.25 14.65 41.19
CA LEU A 466 -46.97 14.12 40.04
C LEU A 466 -47.90 15.21 39.51
N THR A 467 -47.87 15.42 38.21
CA THR A 467 -48.76 16.35 37.55
C THR A 467 -49.53 15.57 36.50
N GLY A 468 -50.83 15.37 36.74
CA GLY A 468 -51.68 14.61 35.83
C GLY A 468 -52.24 15.48 34.73
N GLN A 469 -52.06 15.07 33.47
CA GLN A 469 -52.62 15.74 32.32
C GLN A 469 -53.44 14.74 31.51
N GLY A 470 -54.44 14.14 32.17
CA GLY A 470 -55.05 12.94 31.62
C GLY A 470 -54.09 11.79 31.85
N GLY A 471 -54.31 10.71 31.12
CA GLY A 471 -53.28 9.71 31.26
C GLY A 471 -53.47 8.74 32.42
N THR A 472 -53.59 7.48 32.08
CA THR A 472 -53.90 6.46 33.06
C THR A 472 -52.58 5.94 33.65
N ILE A 473 -52.62 5.55 34.91
CA ILE A 473 -51.59 4.72 35.50
C ILE A 473 -52.23 3.36 35.71
N ASN A 474 -51.73 2.35 35.01
CA ASN A 474 -52.37 1.04 35.09
C ASN A 474 -51.76 0.29 36.27
N MET A 475 -52.59 -0.01 37.27
CA MET A 475 -52.11 -0.61 38.49
C MET A 475 -52.78 -1.96 38.71
N ARG A 476 -52.28 -2.68 39.71
CA ARG A 476 -52.70 -4.04 39.97
C ARG A 476 -53.02 -4.20 41.45
N VAL A 477 -53.99 -5.07 41.74
CA VAL A 477 -54.57 -5.20 43.07
C VAL A 477 -54.99 -6.65 43.28
N ARG A 478 -54.88 -7.10 44.54
CA ARG A 478 -55.44 -8.37 44.98
C ARG A 478 -56.60 -8.05 45.91
N LEU A 479 -57.83 -8.36 45.47
CA LEU A 479 -59.04 -8.14 46.25
C LEU A 479 -59.47 -9.41 46.97
N ASP A 480 -58.52 -10.18 47.48
CA ASP A 480 -58.80 -11.51 47.99
C ASP A 480 -58.44 -11.61 49.47
N GLY A 481 -58.58 -10.52 50.21
CA GLY A 481 -58.27 -10.59 51.62
C GLY A 481 -56.96 -9.91 51.94
N SER A 482 -56.01 -10.02 51.02
CA SER A 482 -54.84 -9.16 51.03
C SER A 482 -55.29 -7.71 50.99
N ASN A 483 -54.57 -6.86 51.70
CA ASN A 483 -54.74 -5.44 51.41
C ASN A 483 -53.53 -4.96 50.62
N ALA A 484 -53.23 -5.75 49.58
CA ALA A 484 -52.00 -5.68 48.80
C ALA A 484 -52.26 -5.13 47.40
N SER A 485 -51.40 -4.20 46.97
CA SER A 485 -51.59 -3.50 45.69
C SER A 485 -50.28 -2.86 45.27
N ASP A 486 -50.24 -2.38 44.01
CA ASP A 486 -49.26 -1.37 43.64
C ASP A 486 -49.53 -0.10 44.44
N GLN A 487 -48.62 0.87 44.38
CA GLN A 487 -48.78 2.07 45.17
C GLN A 487 -47.96 3.22 44.59
N LEU A 488 -48.58 4.40 44.55
CA LEU A 488 -47.88 5.66 44.29
C LEU A 488 -47.42 6.25 45.61
N VAL A 489 -46.32 6.97 45.57
CA VAL A 489 -45.81 7.68 46.75
C VAL A 489 -45.42 9.09 46.33
N ILE A 490 -46.10 10.08 46.90
CA ILE A 490 -45.74 11.48 46.72
C ILE A 490 -44.78 11.85 47.85
N ASN A 491 -43.51 12.06 47.50
CA ASN A 491 -42.46 12.30 48.49
C ASN A 491 -42.27 13.80 48.69
N GLY A 492 -42.85 14.34 49.75
CA GLY A 492 -42.60 15.71 50.13
C GLY A 492 -43.29 16.74 49.26
N GLY A 493 -43.54 16.39 48.01
CA GLY A 493 -44.13 17.32 47.05
C GLY A 493 -45.64 17.32 46.96
N GLN A 494 -46.19 17.29 45.75
CA GLN A 494 -47.61 17.47 45.53
C GLN A 494 -48.08 16.68 44.32
N ALA A 495 -49.30 16.15 44.41
CA ALA A 495 -49.99 15.50 43.29
C ALA A 495 -51.12 16.41 42.82
N THR A 496 -51.04 16.87 41.57
CA THR A 496 -52.01 17.84 41.07
C THR A 496 -52.74 17.28 39.87
N GLY A 497 -53.42 18.18 39.15
CA GLY A 497 -54.00 17.84 37.87
C GLY A 497 -55.12 16.82 37.98
N LYS A 498 -55.17 15.96 36.97
CA LYS A 498 -56.10 14.84 36.91
C LYS A 498 -55.39 13.65 36.30
N THR A 499 -55.40 12.52 37.00
CA THR A 499 -54.72 11.33 36.51
C THR A 499 -55.62 10.14 36.77
N TRP A 500 -55.90 9.35 35.73
CA TRP A 500 -56.81 8.22 35.86
C TRP A 500 -56.09 6.98 36.41
N LEU A 501 -56.76 6.25 37.30
CA LEU A 501 -56.20 5.01 37.84
C LEU A 501 -56.99 3.83 37.27
N ALA A 502 -56.28 2.88 36.68
CA ALA A 502 -56.87 1.67 36.12
C ALA A 502 -56.35 0.46 36.88
N PHE A 503 -57.21 -0.21 37.63
CA PHE A 503 -56.80 -1.35 38.44
C PHE A 503 -57.25 -2.64 37.77
N THR A 504 -56.42 -3.67 37.91
CA THR A 504 -56.72 -5.00 37.42
C THR A 504 -56.63 -5.97 38.59
N ASN A 505 -57.66 -6.78 38.80
CA ASN A 505 -57.60 -7.73 39.90
C ASN A 505 -56.82 -8.96 39.48
N VAL A 506 -55.67 -9.19 40.13
CA VAL A 506 -54.78 -10.32 39.85
C VAL A 506 -54.94 -11.45 40.85
N GLY A 507 -55.82 -11.29 41.84
CA GLY A 507 -56.13 -12.37 42.75
C GLY A 507 -57.16 -13.31 42.15
N ASN A 508 -57.64 -14.21 43.01
CA ASN A 508 -58.76 -15.09 42.66
C ASN A 508 -59.97 -14.24 42.27
N SER A 509 -60.34 -14.26 41.00
CA SER A 509 -61.50 -13.51 40.57
C SER A 509 -62.77 -14.17 41.12
N ASN A 510 -63.89 -13.46 40.98
CA ASN A 510 -65.21 -13.83 41.48
C ASN A 510 -65.20 -13.96 43.00
N LEU A 511 -64.07 -13.63 43.64
CA LEU A 511 -63.88 -13.58 45.07
C LEU A 511 -63.63 -12.13 45.48
N GLY A 512 -64.50 -11.60 46.33
CA GLY A 512 -64.25 -10.27 46.82
C GLY A 512 -64.33 -10.28 48.33
N VAL A 513 -63.31 -9.74 48.98
CA VAL A 513 -63.27 -9.67 50.42
C VAL A 513 -63.41 -8.21 50.83
N ALA A 514 -63.94 -7.97 52.01
CA ALA A 514 -64.14 -6.61 52.50
C ALA A 514 -62.81 -5.96 52.87
N THR A 515 -62.78 -4.64 52.76
CA THR A 515 -61.62 -3.86 53.15
C THR A 515 -61.69 -3.58 54.65
N THR A 516 -60.53 -3.30 55.24
CA THR A 516 -60.44 -3.20 56.69
C THR A 516 -60.06 -1.76 57.02
N GLY A 517 -60.90 -1.11 57.82
CA GLY A 517 -60.65 0.27 58.20
C GLY A 517 -60.56 1.20 57.01
N GLN A 518 -59.41 1.84 56.86
CA GLN A 518 -59.31 2.95 55.94
C GLN A 518 -59.12 2.48 54.49
N GLY A 519 -58.58 1.28 54.26
CA GLY A 519 -58.61 0.61 52.96
C GLY A 519 -57.23 0.30 52.40
N ILE A 520 -57.22 -0.16 51.15
CA ILE A 520 -55.98 -0.45 50.46
C ILE A 520 -55.37 0.88 50.03
N ARG A 521 -54.25 1.28 50.65
CA ARG A 521 -53.63 2.57 50.35
C ARG A 521 -52.94 2.52 48.99
N VAL A 522 -53.40 3.34 48.05
CA VAL A 522 -52.86 3.33 46.70
C VAL A 522 -52.01 4.55 46.39
N VAL A 523 -52.30 5.71 46.97
CA VAL A 523 -51.45 6.89 46.86
C VAL A 523 -51.05 7.28 48.28
N ASP A 524 -49.76 7.22 48.59
CA ASP A 524 -49.28 7.63 49.91
C ASP A 524 -48.57 8.98 49.83
N ALA A 525 -49.11 9.96 50.54
CA ALA A 525 -48.45 11.26 50.67
C ALA A 525 -47.59 11.27 51.94
N GLN A 526 -46.34 11.73 51.80
CA GLN A 526 -45.35 11.58 52.86
C GLN A 526 -44.47 12.82 52.95
N ASN A 527 -43.77 12.94 54.08
CA ASN A 527 -42.90 14.06 54.41
C ASN A 527 -43.54 15.40 54.04
N GLY A 528 -44.84 15.52 54.28
CA GLY A 528 -45.55 16.77 54.05
C GLY A 528 -46.24 16.90 52.71
N ALA A 529 -46.38 15.81 51.97
CA ALA A 529 -47.00 15.86 50.66
C ALA A 529 -48.50 16.08 50.77
N THR A 530 -49.04 16.87 49.85
CA THR A 530 -50.47 17.08 49.74
C THR A 530 -50.89 16.54 48.39
N THR A 531 -52.11 16.01 48.30
CA THR A 531 -52.71 15.70 47.02
C THR A 531 -53.97 16.56 46.86
N GLU A 532 -54.26 16.94 45.62
CA GLU A 532 -55.48 17.68 45.38
C GLU A 532 -56.67 16.74 45.42
N GLU A 533 -57.85 17.32 45.29
CA GLU A 533 -59.04 16.55 45.63
C GLU A 533 -59.63 15.82 44.45
N GLY A 534 -59.34 16.27 43.22
CA GLY A 534 -59.81 15.60 42.03
C GLY A 534 -58.60 15.08 41.32
N ALA A 535 -57.58 14.73 42.10
CA ALA A 535 -56.29 14.36 41.52
C ALA A 535 -56.36 12.99 40.85
N PHE A 536 -57.03 12.03 41.49
CA PHE A 536 -57.12 10.67 41.02
C PHE A 536 -58.57 10.25 40.83
N ALA A 537 -58.80 9.31 39.92
CA ALA A 537 -60.13 8.87 39.58
C ALA A 537 -60.04 7.49 38.94
N LEU A 538 -60.95 6.60 39.32
CA LEU A 538 -60.98 5.27 38.71
C LEU A 538 -61.39 5.38 37.25
N SER A 539 -60.59 4.80 36.36
CA SER A 539 -60.92 4.86 34.94
C SER A 539 -62.21 4.10 34.61
N ARG A 540 -62.44 2.96 35.23
CA ARG A 540 -63.63 2.14 35.06
C ARG A 540 -63.91 1.55 36.42
N PRO A 541 -65.13 1.10 36.67
CA PRO A 541 -65.44 0.55 37.99
C PRO A 541 -64.59 -0.67 38.30
N LEU A 542 -64.39 -0.91 39.59
CA LEU A 542 -63.65 -2.07 40.06
C LEU A 542 -64.58 -2.83 41.01
N GLN A 543 -65.09 -3.97 40.56
CA GLN A 543 -65.87 -4.86 41.41
C GLN A 543 -65.15 -6.20 41.53
N ALA A 544 -65.32 -6.85 42.68
CA ALA A 544 -64.88 -8.23 42.85
C ALA A 544 -65.96 -8.95 43.65
N GLY A 545 -66.43 -10.08 43.16
CA GLY A 545 -67.39 -10.86 43.93
C GLY A 545 -68.65 -10.04 44.22
N ALA A 546 -68.93 -9.81 45.51
CA ALA A 546 -70.16 -9.14 45.90
C ALA A 546 -69.99 -7.65 46.15
N PHE A 547 -68.79 -7.11 46.00
CA PHE A 547 -68.50 -5.74 46.41
C PHE A 547 -68.10 -4.88 45.21
N ASN A 548 -68.36 -3.59 45.35
CA ASN A 548 -67.86 -2.57 44.44
C ASN A 548 -66.75 -1.84 45.19
N TYR A 549 -65.60 -1.68 44.55
CA TYR A 549 -64.45 -1.09 45.21
C TYR A 549 -64.32 0.35 44.74
N THR A 550 -64.22 1.27 45.71
CA THR A 550 -64.34 2.70 45.44
C THR A 550 -63.05 3.39 45.85
N LEU A 551 -62.66 4.43 45.11
CA LEU A 551 -61.45 5.17 45.39
C LEU A 551 -61.82 6.43 46.17
N ASN A 552 -61.21 6.63 47.34
CA ASN A 552 -61.64 7.69 48.24
C ASN A 552 -60.42 8.40 48.81
N ARG A 553 -60.43 9.72 48.77
CA ARG A 553 -59.36 10.50 49.40
C ARG A 553 -59.78 10.86 50.82
N ASP A 554 -58.83 10.80 51.75
CA ASP A 554 -59.12 11.12 53.14
C ASP A 554 -58.32 12.36 53.54
N SER A 555 -58.39 12.70 54.84
CA SER A 555 -57.76 13.91 55.34
C SER A 555 -56.24 13.82 55.38
N ASP A 556 -55.66 12.63 55.40
CA ASP A 556 -54.21 12.46 55.44
C ASP A 556 -53.55 12.63 54.07
N GLU A 557 -54.32 13.09 53.08
CA GLU A 557 -53.90 13.30 51.69
C GLU A 557 -53.71 12.00 50.91
N ASP A 558 -53.77 10.85 51.58
CA ASP A 558 -53.64 9.56 50.92
C ASP A 558 -54.99 9.09 50.34
N TRP A 559 -54.91 8.18 49.37
CA TRP A 559 -56.06 7.64 48.67
C TRP A 559 -56.19 6.13 48.89
N TYR A 560 -57.43 5.65 49.03
CA TYR A 560 -57.66 4.28 49.46
C TYR A 560 -58.70 3.60 48.58
N LEU A 561 -58.65 2.28 48.54
CA LEU A 561 -59.67 1.45 47.89
C LEU A 561 -60.48 0.77 48.98
N ARG A 562 -61.81 1.00 48.99
CA ARG A 562 -62.72 0.48 50.00
C ARG A 562 -63.94 -0.17 49.36
N SER A 563 -64.67 -0.92 50.18
CA SER A 563 -65.80 -1.78 49.78
C SER A 563 -67.14 -1.04 49.83
N GLU A 564 -68.09 -1.51 49.03
CA GLU A 564 -69.41 -0.89 48.94
C GLU A 564 -70.42 -1.76 49.69
N ASN A 565 -71.59 -2.04 49.11
CA ASN A 565 -72.76 -2.42 49.89
C ASN A 565 -72.98 -3.93 49.83
N ALA B 4 35.00 -41.68 -17.79
CA ALA B 4 34.30 -41.26 -19.01
C ALA B 4 33.80 -39.80 -18.97
N ASP B 5 34.71 -38.89 -18.63
CA ASP B 5 34.97 -37.57 -19.17
C ASP B 5 34.45 -37.32 -20.59
N LYS B 6 33.44 -36.45 -20.68
CA LYS B 6 32.78 -36.01 -21.90
C LYS B 6 33.03 -34.52 -22.12
N VAL B 7 33.26 -34.11 -23.37
CA VAL B 7 33.62 -32.72 -23.68
C VAL B 7 32.76 -32.19 -24.83
N VAL B 8 31.81 -31.32 -24.50
CA VAL B 8 31.09 -30.54 -25.51
C VAL B 8 31.97 -29.38 -25.91
N GLN B 9 32.19 -29.22 -27.20
CA GLN B 9 33.17 -28.24 -27.64
C GLN B 9 32.43 -27.06 -28.24
N ALA B 10 33.09 -25.90 -28.33
CA ALA B 10 32.43 -24.67 -28.81
C ALA B 10 31.67 -24.89 -30.13
N GLY B 11 30.41 -24.44 -30.18
CA GLY B 11 29.57 -24.65 -31.35
C GLY B 11 28.91 -26.02 -31.43
N GLU B 12 29.13 -26.89 -30.46
CA GLU B 12 28.46 -28.18 -30.36
C GLU B 12 27.33 -28.07 -29.35
N THR B 13 26.22 -28.77 -29.61
CA THR B 13 25.08 -28.77 -28.70
C THR B 13 24.70 -30.19 -28.36
N VAL B 14 24.84 -30.57 -27.10
CA VAL B 14 24.47 -31.90 -26.63
C VAL B 14 23.09 -31.80 -25.98
N ASN B 15 22.27 -32.82 -26.20
CA ASN B 15 20.85 -32.78 -25.86
C ASN B 15 20.46 -34.04 -25.10
N ASP B 16 19.95 -33.86 -23.88
CA ASP B 16 19.15 -34.86 -23.16
C ASP B 16 19.97 -36.02 -22.59
N GLY B 17 21.25 -35.79 -22.31
CA GLY B 17 22.08 -36.80 -21.66
C GLY B 17 21.78 -36.96 -20.17
N THR B 18 22.49 -37.91 -19.56
CA THR B 18 22.35 -38.18 -18.13
C THR B 18 23.71 -38.49 -17.52
N LEU B 19 24.20 -37.55 -16.73
CA LEU B 19 25.52 -37.62 -16.10
C LEU B 19 25.40 -38.37 -14.78
N THR B 20 25.94 -39.58 -14.72
CA THR B 20 25.92 -40.38 -13.50
C THR B 20 27.27 -41.04 -13.28
N ASN B 21 27.45 -41.56 -12.06
CA ASN B 21 28.57 -42.43 -11.75
C ASN B 21 29.93 -41.73 -11.92
N HIS B 22 30.06 -40.55 -11.30
CA HIS B 22 31.28 -39.75 -11.25
C HIS B 22 31.82 -39.35 -12.63
N ASP B 23 31.01 -39.33 -13.67
CA ASP B 23 31.48 -38.77 -14.93
C ASP B 23 31.52 -37.26 -14.88
N ASN B 24 32.54 -36.69 -15.51
CA ASN B 24 32.56 -35.25 -15.77
C ASN B 24 32.02 -34.99 -17.17
N GLN B 25 31.32 -33.87 -17.32
CA GLN B 25 30.95 -33.36 -18.65
C GLN B 25 31.34 -31.89 -18.72
N ILE B 26 32.37 -31.59 -19.50
CA ILE B 26 32.90 -30.24 -19.61
C ILE B 26 32.31 -29.54 -20.83
N VAL B 27 31.53 -28.48 -20.59
CA VAL B 27 30.78 -27.78 -21.63
C VAL B 27 31.51 -26.51 -22.05
N PHE B 28 31.92 -26.43 -23.32
CA PHE B 28 32.37 -25.18 -23.93
C PHE B 28 31.35 -24.58 -24.87
N GLY B 29 30.48 -25.40 -25.46
CA GLY B 29 29.40 -24.94 -26.31
C GLY B 29 28.08 -24.88 -25.57
N THR B 30 27.15 -25.77 -25.90
CA THR B 30 25.83 -25.74 -25.29
C THR B 30 25.38 -27.14 -24.93
N ALA B 31 24.73 -27.27 -23.76
CA ALA B 31 24.31 -28.59 -23.28
C ALA B 31 22.93 -28.43 -22.65
N ASN B 32 21.89 -28.64 -23.46
CA ASN B 32 20.51 -28.55 -22.99
C ASN B 32 20.01 -29.92 -22.53
N GLY B 33 19.17 -29.92 -21.50
CA GLY B 33 18.43 -31.11 -21.16
C GLY B 33 19.16 -32.15 -20.34
N MET B 34 20.31 -31.81 -19.76
CA MET B 34 21.02 -32.77 -18.94
C MET B 34 20.25 -33.06 -17.64
N THR B 35 20.44 -34.27 -17.13
CA THR B 35 20.02 -34.63 -15.78
C THR B 35 21.28 -35.07 -15.04
N ILE B 36 21.77 -34.24 -14.12
CA ILE B 36 23.03 -34.50 -13.42
C ILE B 36 22.75 -35.19 -12.10
N SER B 37 23.23 -36.43 -11.97
CA SER B 37 23.02 -37.29 -10.82
C SER B 37 24.33 -37.62 -10.11
N THR B 38 25.39 -36.87 -10.34
CA THR B 38 26.68 -37.19 -9.74
C THR B 38 27.51 -35.93 -9.57
N GLY B 39 28.58 -36.06 -8.78
CA GLY B 39 29.54 -35.00 -8.56
C GLY B 39 29.56 -34.45 -7.16
N LEU B 40 28.57 -34.79 -6.33
CA LEU B 40 28.45 -34.24 -4.99
C LEU B 40 28.20 -35.36 -3.98
N GLU B 41 28.67 -36.58 -4.30
CA GLU B 41 28.44 -37.74 -3.44
C GLU B 41 28.93 -37.49 -2.02
N LEU B 42 30.04 -36.78 -1.89
CA LEU B 42 30.70 -36.70 -0.60
C LEU B 42 30.23 -35.52 0.22
N GLY B 43 29.21 -34.78 -0.25
CA GLY B 43 28.71 -33.64 0.47
C GLY B 43 29.40 -32.37 0.04
N PRO B 44 28.92 -31.22 0.54
CA PRO B 44 29.41 -29.93 0.00
C PRO B 44 30.79 -29.50 0.52
N ASP B 45 31.10 -29.72 1.81
CA ASP B 45 32.46 -29.37 2.26
C ASP B 45 33.55 -30.26 1.70
N SER B 46 33.22 -31.42 1.14
CA SER B 46 34.25 -32.29 0.60
C SER B 46 34.91 -31.67 -0.60
N GLU B 47 36.24 -31.76 -0.62
CA GLU B 47 37.01 -31.39 -1.80
C GLU B 47 37.43 -32.60 -2.61
N GLU B 48 37.03 -33.79 -2.18
CA GLU B 48 37.37 -35.02 -2.87
C GLU B 48 36.26 -35.49 -3.81
N ASN B 49 35.31 -34.62 -4.13
CA ASN B 49 34.24 -34.98 -5.06
C ASN B 49 34.77 -35.08 -6.49
N THR B 50 34.22 -36.01 -7.25
CA THR B 50 34.53 -36.15 -8.66
C THR B 50 33.27 -36.30 -9.48
N GLY B 51 33.21 -35.60 -10.61
CA GLY B 51 32.10 -35.68 -11.53
C GLY B 51 31.28 -34.39 -11.54
N GLY B 52 30.25 -34.40 -12.38
CA GLY B 52 29.30 -33.32 -12.50
C GLY B 52 29.48 -32.53 -13.79
N GLN B 53 28.59 -31.55 -13.97
CA GLN B 53 28.67 -30.67 -15.13
C GLN B 53 29.57 -29.47 -14.81
N TRP B 54 30.53 -29.18 -15.71
CA TRP B 54 31.45 -28.05 -15.56
C TRP B 54 31.21 -27.08 -16.72
N ILE B 55 30.45 -26.03 -16.46
CA ILE B 55 30.19 -25.02 -17.48
C ILE B 55 31.42 -24.13 -17.52
N GLN B 56 32.15 -24.19 -18.63
CA GLN B 56 33.39 -23.45 -18.84
C GLN B 56 33.08 -22.06 -19.34
N ASN B 57 34.14 -21.24 -19.41
CA ASN B 57 33.98 -19.91 -19.99
C ASN B 57 33.43 -20.01 -21.40
N GLY B 58 32.27 -19.37 -21.63
CA GLY B 58 31.65 -19.34 -22.95
C GLY B 58 30.56 -20.37 -23.19
N GLY B 59 30.40 -21.37 -22.32
CA GLY B 59 29.41 -22.39 -22.50
C GLY B 59 28.12 -22.12 -21.75
N ILE B 60 27.08 -22.87 -22.13
CA ILE B 60 25.73 -22.63 -21.61
C ILE B 60 25.14 -23.98 -21.23
N ALA B 61 24.27 -24.00 -20.23
CA ALA B 61 23.49 -25.18 -19.90
C ALA B 61 22.03 -24.77 -19.77
N GLY B 62 21.17 -25.39 -20.57
CA GLY B 62 19.77 -25.07 -20.56
C GLY B 62 18.94 -26.23 -20.03
N ASN B 63 18.03 -25.90 -19.12
CA ASN B 63 16.96 -26.83 -18.83
C ASN B 63 17.48 -28.07 -18.08
N THR B 64 18.51 -27.85 -17.27
CA THR B 64 19.19 -28.92 -16.57
C THR B 64 18.52 -29.24 -15.24
N THR B 65 18.49 -30.52 -14.90
CA THR B 65 18.01 -30.98 -13.61
C THR B 65 19.19 -31.54 -12.85
N VAL B 66 19.37 -31.09 -11.60
CA VAL B 66 20.40 -31.60 -10.70
C VAL B 66 19.69 -32.28 -9.55
N THR B 67 19.96 -33.58 -9.37
CA THR B 67 19.28 -34.37 -8.36
C THR B 67 20.27 -34.72 -7.25
N THR B 68 19.77 -35.46 -6.26
CA THR B 68 20.59 -35.98 -5.17
C THR B 68 21.92 -36.47 -5.68
N ASN B 69 22.98 -36.01 -5.03
CA ASN B 69 24.35 -36.36 -5.35
C ASN B 69 24.85 -35.72 -6.63
N GLY B 70 24.10 -34.80 -7.23
CA GLY B 70 24.51 -34.12 -8.43
C GLY B 70 25.19 -32.78 -8.17
N ARG B 71 26.11 -32.41 -9.06
CA ARG B 71 26.85 -31.16 -8.91
C ARG B 71 27.06 -30.51 -10.27
N GLN B 72 26.54 -29.30 -10.45
CA GLN B 72 26.77 -28.50 -11.65
C GLN B 72 27.64 -27.32 -11.25
N VAL B 73 28.82 -27.18 -11.86
CA VAL B 73 29.75 -26.12 -11.50
C VAL B 73 29.85 -25.14 -12.66
N VAL B 74 29.41 -23.92 -12.43
CA VAL B 74 29.46 -22.84 -13.41
C VAL B 74 30.68 -21.99 -13.10
N LEU B 75 31.71 -22.10 -13.94
CA LEU B 75 32.93 -21.31 -13.78
C LEU B 75 32.77 -19.95 -14.46
N GLU B 76 33.72 -19.04 -14.19
CA GLU B 76 33.59 -17.67 -14.66
C GLU B 76 33.43 -17.61 -16.19
N GLY B 77 32.38 -16.91 -16.64
CA GLY B 77 32.04 -16.86 -18.04
C GLY B 77 31.04 -17.89 -18.49
N GLY B 78 30.80 -18.90 -17.68
CA GLY B 78 29.76 -19.85 -18.00
C GLY B 78 28.38 -19.33 -17.67
N THR B 79 27.38 -20.04 -18.17
CA THR B 79 26.00 -19.61 -18.02
C THR B 79 25.17 -20.85 -17.74
N ALA B 80 24.30 -20.78 -16.74
CA ALA B 80 23.30 -21.82 -16.52
C ALA B 80 21.94 -21.13 -16.52
N SER B 81 21.09 -21.52 -17.45
CA SER B 81 19.74 -21.00 -17.50
C SER B 81 18.77 -22.14 -17.23
N ASP B 82 17.67 -21.83 -16.57
CA ASP B 82 16.51 -22.72 -16.49
C ASP B 82 16.88 -23.99 -15.74
N THR B 83 17.61 -23.84 -14.64
CA THR B 83 18.12 -24.98 -13.91
C THR B 83 17.17 -25.36 -12.78
N VAL B 84 17.08 -26.65 -12.51
CA VAL B 84 16.29 -27.17 -11.41
C VAL B 84 17.25 -27.93 -10.51
N ILE B 85 17.42 -27.45 -9.28
CA ILE B 85 18.28 -28.08 -8.30
C ILE B 85 17.39 -28.58 -7.16
N ARG B 86 17.32 -29.90 -7.01
CA ARG B 86 16.35 -30.46 -6.09
C ARG B 86 16.91 -31.71 -5.44
N ASP B 87 16.33 -32.03 -4.28
CA ASP B 87 16.51 -33.31 -3.60
C ASP B 87 17.93 -33.49 -3.06
N GLY B 88 18.70 -32.40 -2.91
CA GLY B 88 20.04 -32.44 -2.35
C GLY B 88 21.15 -32.09 -3.33
N GLY B 89 20.87 -32.10 -4.63
CA GLY B 89 21.83 -31.63 -5.61
C GLY B 89 22.26 -30.21 -5.32
N GLY B 90 23.30 -29.76 -6.02
CA GLY B 90 23.86 -28.45 -5.77
C GLY B 90 24.48 -27.86 -7.01
N GLN B 91 24.49 -26.54 -7.07
CA GLN B 91 25.18 -25.79 -8.11
C GLN B 91 26.17 -24.84 -7.46
N SER B 92 27.45 -24.98 -7.80
CA SER B 92 28.46 -24.02 -7.39
C SER B 92 28.58 -22.93 -8.45
N LEU B 93 28.28 -21.70 -8.08
CA LEU B 93 28.13 -20.60 -9.03
C LEU B 93 29.30 -19.63 -8.94
N ASN B 94 30.18 -19.65 -9.96
CA ASN B 94 31.18 -18.60 -10.16
C ASN B 94 30.91 -17.77 -11.42
N GLY B 95 30.05 -18.25 -12.32
CA GLY B 95 29.62 -17.46 -13.45
C GLY B 95 28.22 -16.90 -13.30
N LEU B 96 27.35 -17.13 -14.28
CA LEU B 96 26.00 -16.59 -14.30
C LEU B 96 24.96 -17.71 -14.31
N ALA B 97 24.00 -17.65 -13.39
CA ALA B 97 22.85 -18.54 -13.43
C ALA B 97 21.59 -17.70 -13.50
N VAL B 98 20.68 -18.09 -14.40
CA VAL B 98 19.45 -17.36 -14.71
C VAL B 98 18.26 -18.30 -14.58
N ASN B 99 17.31 -17.95 -13.72
CA ASN B 99 16.04 -18.68 -13.56
C ASN B 99 16.25 -20.04 -12.92
N THR B 100 17.02 -20.05 -11.85
CA THR B 100 17.22 -21.27 -11.08
C THR B 100 16.04 -21.48 -10.13
N THR B 101 15.74 -22.76 -9.86
CA THR B 101 14.62 -23.17 -8.99
C THR B 101 15.10 -24.26 -8.06
N LEU B 102 14.94 -24.03 -6.75
CA LEU B 102 15.49 -24.92 -5.73
C LEU B 102 14.37 -25.40 -4.83
N ASN B 103 14.21 -26.72 -4.72
CA ASN B 103 13.31 -27.30 -3.71
C ASN B 103 14.00 -28.49 -3.06
N ASN B 104 13.53 -28.81 -1.86
CA ASN B 104 13.92 -30.03 -1.16
C ASN B 104 15.45 -30.15 -0.99
N ARG B 105 16.01 -29.20 -0.25
CA ARG B 105 17.41 -29.16 0.14
C ARG B 105 18.38 -29.11 -1.06
N GLY B 106 17.89 -28.82 -2.26
CA GLY B 106 18.78 -28.49 -3.36
C GLY B 106 19.38 -27.10 -3.16
N GLU B 107 20.70 -27.00 -3.28
CA GLU B 107 21.40 -25.78 -2.92
C GLU B 107 22.00 -25.08 -4.15
N GLN B 108 22.12 -23.77 -4.04
CA GLN B 108 22.87 -22.95 -4.98
C GLN B 108 23.77 -22.03 -4.18
N TRP B 109 25.09 -22.17 -4.35
CA TRP B 109 26.09 -21.36 -3.67
C TRP B 109 26.63 -20.32 -4.64
N VAL B 110 26.44 -19.05 -4.32
CA VAL B 110 26.93 -17.96 -5.17
C VAL B 110 28.27 -17.50 -4.61
N HIS B 111 29.35 -17.78 -5.34
CA HIS B 111 30.68 -17.49 -4.82
C HIS B 111 31.14 -16.13 -5.29
N GLU B 112 32.31 -15.73 -4.81
CA GLU B 112 32.88 -14.44 -5.19
C GLU B 112 32.92 -14.27 -6.70
N GLY B 113 32.15 -13.29 -7.18
CA GLY B 113 32.06 -13.02 -8.59
C GLY B 113 30.89 -13.68 -9.27
N GLY B 114 30.16 -14.54 -8.58
CA GLY B 114 28.97 -15.13 -9.17
C GLY B 114 27.82 -14.15 -9.22
N VAL B 115 26.91 -14.39 -10.17
CA VAL B 115 25.64 -13.68 -10.25
C VAL B 115 24.53 -14.71 -10.46
N ALA B 116 23.57 -14.76 -9.54
CA ALA B 116 22.37 -15.57 -9.68
C ALA B 116 21.17 -14.65 -9.91
N THR B 117 20.50 -14.81 -11.05
CA THR B 117 19.35 -13.99 -11.40
C THR B 117 18.08 -14.80 -11.32
N GLY B 118 17.12 -14.30 -10.56
CA GLY B 118 15.79 -14.88 -10.62
C GLY B 118 15.72 -16.27 -10.03
N THR B 119 16.45 -16.52 -8.96
CA THR B 119 16.34 -17.81 -8.29
C THR B 119 14.99 -17.92 -7.56
N ILE B 120 14.34 -19.06 -7.72
CA ILE B 120 13.06 -19.33 -7.07
C ILE B 120 13.37 -20.32 -5.96
N ILE B 121 13.38 -19.88 -4.71
CA ILE B 121 13.70 -20.77 -3.60
C ILE B 121 12.37 -21.30 -3.06
N ASN B 122 11.96 -22.44 -3.60
CA ASN B 122 10.77 -23.14 -3.15
C ASN B 122 11.08 -24.01 -1.93
N ARG B 123 10.02 -24.60 -1.38
CA ARG B 123 10.03 -25.33 -0.11
C ARG B 123 11.32 -26.10 0.12
N ASP B 124 12.03 -25.71 1.17
CA ASP B 124 13.22 -26.36 1.71
C ASP B 124 14.46 -26.23 0.82
N GLY B 125 14.39 -25.51 -0.30
CA GLY B 125 15.60 -25.16 -1.03
C GLY B 125 16.37 -24.03 -0.36
N TYR B 126 17.56 -23.74 -0.87
CA TYR B 126 18.49 -22.91 -0.10
C TYR B 126 19.51 -22.24 -1.01
N GLN B 127 19.60 -20.90 -0.92
CA GLN B 127 20.54 -20.10 -1.70
C GLN B 127 21.54 -19.46 -0.75
N SER B 128 22.81 -19.87 -0.84
CA SER B 128 23.84 -19.30 0.00
C SER B 128 24.63 -18.32 -0.85
N VAL B 129 24.53 -17.03 -0.54
CA VAL B 129 25.21 -15.98 -1.28
C VAL B 129 26.48 -15.62 -0.52
N LYS B 130 27.60 -16.21 -0.94
CA LYS B 130 28.87 -16.01 -0.24
C LYS B 130 29.41 -14.63 -0.54
N SER B 131 30.26 -14.12 0.36
CA SER B 131 30.79 -12.77 0.19
C SER B 131 31.51 -12.65 -1.16
N GLY B 132 31.25 -11.54 -1.85
CA GLY B 132 31.67 -11.35 -3.22
C GLY B 132 30.62 -11.74 -4.25
N GLY B 133 29.64 -12.54 -3.87
CA GLY B 133 28.59 -12.94 -4.79
C GLY B 133 27.41 -11.98 -4.77
N LEU B 134 26.53 -12.18 -5.75
CA LEU B 134 25.36 -11.32 -5.90
C LEU B 134 24.15 -12.13 -6.34
N ALA B 135 23.14 -12.18 -5.48
CA ALA B 135 21.83 -12.68 -5.83
C ALA B 135 20.93 -11.50 -6.17
N THR B 136 20.31 -11.56 -7.35
CA THR B 136 19.54 -10.45 -7.88
C THR B 136 18.21 -11.00 -8.36
N GLY B 137 17.11 -10.40 -7.90
CA GLY B 137 15.80 -10.81 -8.36
C GLY B 137 15.26 -12.12 -7.80
N THR B 138 15.55 -12.44 -6.55
CA THR B 138 15.17 -13.73 -5.98
C THR B 138 13.73 -13.72 -5.46
N ILE B 139 13.09 -14.89 -5.55
CA ILE B 139 11.81 -15.16 -4.91
C ILE B 139 12.09 -16.17 -3.80
N ILE B 140 11.75 -15.82 -2.57
CA ILE B 140 11.98 -16.68 -1.42
C ILE B 140 10.64 -17.17 -0.92
N ASN B 141 10.37 -18.47 -1.09
CA ASN B 141 9.10 -19.05 -0.70
C ASN B 141 9.23 -19.99 0.50
N THR B 142 10.37 -20.03 1.18
CA THR B 142 10.59 -21.02 2.23
C THR B 142 11.62 -20.51 3.23
N GLY B 143 11.63 -21.16 4.41
CA GLY B 143 12.57 -20.87 5.47
C GLY B 143 11.93 -20.36 6.73
N ALA B 144 10.69 -19.90 6.64
CA ALA B 144 10.02 -19.27 7.77
C ALA B 144 8.84 -20.10 8.26
N GLU B 145 8.76 -21.37 7.83
CA GLU B 145 7.63 -22.22 8.16
C GLU B 145 7.39 -22.30 9.66
N GLY B 146 8.45 -22.24 10.47
CA GLY B 146 8.30 -22.29 11.92
C GLY B 146 7.92 -20.98 12.60
N GLY B 147 7.71 -19.91 11.85
CA GLY B 147 7.31 -18.65 12.45
C GLY B 147 8.46 -17.85 13.02
N PRO B 148 8.16 -16.66 13.51
CA PRO B 148 9.20 -15.76 14.05
C PRO B 148 10.08 -16.36 15.12
N ASP B 149 9.57 -17.35 15.84
CA ASP B 149 10.36 -18.00 16.87
C ASP B 149 11.20 -19.14 16.34
N SER B 150 11.12 -19.45 15.04
CA SER B 150 11.94 -20.48 14.44
C SER B 150 13.34 -19.94 14.20
N ASP B 151 14.33 -20.58 14.80
CA ASP B 151 15.72 -20.18 14.56
C ASP B 151 16.32 -20.93 13.36
N ASN B 152 15.56 -20.99 12.25
CA ASN B 152 16.00 -21.75 11.08
C ASN B 152 17.00 -20.95 10.25
N SER B 153 18.08 -21.64 9.86
CA SER B 153 19.18 -21.02 9.13
C SER B 153 19.57 -21.80 7.89
N TYR B 154 18.91 -22.95 7.65
CA TYR B 154 19.37 -23.94 6.69
C TYR B 154 18.56 -23.94 5.40
N THR B 155 17.45 -23.21 5.35
CA THR B 155 16.69 -23.01 4.13
C THR B 155 16.31 -21.54 4.03
N GLY B 156 16.07 -21.10 2.80
CA GLY B 156 15.81 -19.70 2.55
C GLY B 156 16.95 -19.06 1.79
N GLN B 157 17.41 -17.89 2.24
CA GLN B 157 18.56 -17.24 1.62
C GLN B 157 19.48 -16.68 2.69
N LYS B 158 20.70 -17.23 2.80
CA LYS B 158 21.78 -16.57 3.55
C LYS B 158 22.57 -15.66 2.65
N VAL B 159 22.74 -14.44 3.14
CA VAL B 159 23.49 -13.41 2.45
C VAL B 159 24.72 -13.07 3.31
N GLN B 160 25.89 -13.60 2.92
CA GLN B 160 27.20 -13.03 3.28
C GLN B 160 27.64 -11.97 2.29
N GLY B 161 27.18 -12.08 1.04
CA GLY B 161 27.50 -11.12 0.00
C GLY B 161 26.41 -10.09 -0.18
N THR B 162 25.83 -10.04 -1.38
CA THR B 162 24.88 -8.99 -1.73
C THR B 162 23.67 -9.64 -2.36
N ALA B 163 22.48 -9.28 -1.87
CA ALA B 163 21.21 -9.61 -2.52
C ALA B 163 20.48 -8.32 -2.86
N GLU B 164 20.01 -8.21 -4.10
CA GLU B 164 19.32 -7.02 -4.58
C GLU B 164 17.98 -7.40 -5.20
N SER B 165 16.95 -6.57 -4.96
CA SER B 165 15.61 -6.76 -5.53
C SER B 165 15.06 -8.15 -5.20
N THR B 166 14.90 -8.36 -3.89
CA THR B 166 14.44 -9.62 -3.35
C THR B 166 12.94 -9.54 -3.06
N THR B 167 12.24 -10.65 -3.27
CA THR B 167 10.84 -10.75 -2.88
C THR B 167 10.67 -11.92 -1.92
N ILE B 168 10.20 -11.63 -0.72
CA ILE B 168 10.05 -12.62 0.34
C ILE B 168 8.56 -12.87 0.54
N ASN B 169 8.06 -13.99 0.03
CA ASN B 169 6.65 -14.33 0.07
C ASN B 169 6.28 -15.05 1.37
N LYS B 170 5.04 -15.52 1.46
CA LYS B 170 4.68 -16.31 2.64
C LYS B 170 5.60 -17.50 2.73
N ASN B 171 6.15 -17.71 3.93
CA ASN B 171 7.08 -18.76 4.33
C ASN B 171 8.51 -18.39 4.02
N GLY B 172 8.76 -17.34 3.25
CA GLY B 172 10.13 -17.01 2.86
C GLY B 172 10.93 -16.39 4.00
N ARG B 173 12.20 -16.77 4.08
CA ARG B 173 13.09 -16.19 5.06
C ARG B 173 14.37 -15.76 4.36
N GLN B 174 14.93 -14.64 4.80
CA GLN B 174 16.22 -14.17 4.34
C GLN B 174 17.06 -13.85 5.57
N ILE B 175 18.26 -14.41 5.64
CA ILE B 175 19.15 -14.19 6.77
C ILE B 175 20.38 -13.46 6.26
N ILE B 176 20.56 -12.23 6.73
CA ILE B 176 21.66 -11.35 6.36
C ILE B 176 22.70 -11.41 7.47
N LEU B 177 23.88 -11.94 7.18
CA LEU B 177 24.84 -12.07 8.25
C LEU B 177 25.57 -10.75 8.47
N PHE B 178 26.49 -10.74 9.44
CA PHE B 178 27.28 -9.55 9.72
C PHE B 178 27.91 -8.98 8.45
N SER B 179 28.54 -9.87 7.66
CA SER B 179 29.18 -9.51 6.38
C SER B 179 28.23 -8.99 5.29
N GLY B 180 26.90 -9.30 5.38
CA GLY B 180 26.02 -9.18 4.24
C GLY B 180 25.32 -7.84 4.06
N LEU B 181 24.66 -7.71 2.90
CA LEU B 181 23.90 -6.54 2.44
C LEU B 181 22.73 -6.97 1.57
N ALA B 182 21.54 -6.53 1.94
CA ALA B 182 20.36 -6.68 1.09
C ALA B 182 19.85 -5.29 0.73
N ARG B 183 19.79 -5.01 -0.58
CA ARG B 183 19.15 -3.82 -1.10
C ARG B 183 17.78 -4.17 -1.66
N ASP B 184 16.85 -3.23 -1.51
CA ASP B 184 15.61 -3.23 -2.26
C ASP B 184 14.86 -4.56 -2.08
N THR B 185 14.64 -4.91 -0.82
CA THR B 185 13.98 -6.15 -0.46
C THR B 185 12.51 -5.91 -0.06
N LEU B 186 11.62 -6.75 -0.58
CA LEU B 186 10.17 -6.61 -0.38
C LEU B 186 9.63 -7.83 0.35
N ILE B 187 9.02 -7.63 1.51
CA ILE B 187 8.64 -8.74 2.37
C ILE B 187 7.12 -8.75 2.56
N TYR B 188 6.45 -9.78 2.00
CA TYR B 188 5.00 -9.88 2.10
C TYR B 188 4.59 -10.64 3.36
N ALA B 189 3.28 -10.71 3.59
CA ALA B 189 2.75 -11.26 4.84
C ALA B 189 3.18 -12.71 5.05
N GLY B 190 3.82 -12.98 6.19
CA GLY B 190 4.20 -14.33 6.54
C GLY B 190 5.61 -14.75 6.15
N GLY B 191 6.40 -13.88 5.53
CA GLY B 191 7.83 -14.05 5.42
C GLY B 191 8.55 -13.02 6.28
N ASP B 192 9.83 -13.27 6.55
CA ASP B 192 10.56 -12.30 7.36
C ASP B 192 12.01 -12.22 6.91
N GLN B 193 12.79 -11.43 7.65
CA GLN B 193 14.18 -11.08 7.34
C GLN B 193 14.94 -10.85 8.64
N SER B 194 16.01 -11.61 8.88
CA SER B 194 16.90 -11.37 10.01
C SER B 194 18.07 -10.53 9.53
N VAL B 195 18.25 -9.36 10.12
CA VAL B 195 19.29 -8.42 9.70
C VAL B 195 20.37 -8.38 10.77
N HIS B 196 21.45 -9.13 10.54
CA HIS B 196 22.68 -8.98 11.31
C HIS B 196 23.71 -8.10 10.64
N GLY B 197 23.52 -7.78 9.37
CA GLY B 197 24.39 -6.84 8.71
C GLY B 197 23.65 -5.61 8.25
N ARG B 198 23.56 -5.44 6.94
CA ARG B 198 23.05 -4.24 6.30
C ARG B 198 21.79 -4.58 5.54
N ALA B 199 20.67 -4.00 5.94
CA ALA B 199 19.45 -3.99 5.14
C ALA B 199 19.21 -2.55 4.71
N LEU B 200 18.92 -2.35 3.43
CA LEU B 200 18.76 -1.03 2.86
C LEU B 200 17.58 -1.07 1.90
N ASN B 201 16.56 -0.24 2.18
CA ASN B 201 15.36 -0.12 1.36
C ASN B 201 14.49 -1.36 1.46
N THR B 202 13.81 -1.54 2.59
CA THR B 202 12.90 -2.64 2.81
C THR B 202 11.47 -2.13 2.83
N THR B 203 10.55 -2.89 2.24
CA THR B 203 9.13 -2.61 2.33
C THR B 203 8.42 -3.74 3.04
N LEU B 204 7.85 -3.45 4.21
CA LEU B 204 7.18 -4.47 5.01
C LEU B 204 5.68 -4.44 4.71
N ASN B 205 5.22 -5.34 3.83
CA ASN B 205 3.79 -5.46 3.52
C ASN B 205 3.19 -6.68 4.23
N GLY B 206 3.06 -6.55 5.55
CA GLY B 206 2.75 -7.68 6.39
C GLY B 206 3.94 -8.55 6.70
N GLY B 207 5.11 -8.27 6.11
CA GLY B 207 6.33 -8.98 6.45
C GLY B 207 6.96 -8.43 7.72
N TYR B 208 7.81 -9.27 8.33
CA TYR B 208 8.53 -8.88 9.54
C TYR B 208 10.00 -8.66 9.21
N GLN B 209 10.62 -7.70 9.91
CA GLN B 209 12.05 -7.47 9.85
C GLN B 209 12.59 -7.45 11.27
N TYR B 210 13.64 -8.19 11.52
CA TYR B 210 14.33 -8.12 12.80
C TYR B 210 15.68 -7.46 12.62
N VAL B 211 15.98 -6.50 13.46
CA VAL B 211 17.28 -5.84 13.42
C VAL B 211 18.01 -6.27 14.69
N HIS B 212 18.99 -7.16 14.54
CA HIS B 212 19.71 -7.69 15.69
C HIS B 212 20.93 -6.84 16.07
N ARG B 213 21.55 -7.24 17.18
CA ARG B 213 22.78 -6.64 17.68
C ARG B 213 23.77 -6.42 16.54
N ASP B 214 24.25 -5.18 16.43
CA ASP B 214 25.15 -4.69 15.39
C ASP B 214 24.51 -4.66 14.01
N GLY B 215 23.23 -4.98 13.88
CA GLY B 215 22.53 -4.86 12.61
C GLY B 215 22.02 -3.46 12.34
N LEU B 216 22.17 -3.00 11.10
CA LEU B 216 21.80 -1.64 10.72
C LEU B 216 20.86 -1.69 9.53
N ALA B 217 19.61 -1.24 9.74
CA ALA B 217 18.58 -1.25 8.70
C ALA B 217 18.18 0.18 8.38
N LEU B 218 18.16 0.51 7.10
CA LEU B 218 18.01 1.89 6.66
C LEU B 218 16.86 1.95 5.65
N ASN B 219 15.93 2.89 5.84
CA ASN B 219 14.80 3.12 4.93
C ASN B 219 13.81 1.97 4.92
N THR B 220 13.29 1.60 6.07
CA THR B 220 12.22 0.63 6.12
C THR B 220 10.86 1.32 6.09
N VAL B 221 9.92 0.70 5.38
CA VAL B 221 8.52 1.10 5.37
C VAL B 221 7.70 -0.03 5.96
N ILE B 222 7.00 0.27 7.06
CA ILE B 222 6.13 -0.69 7.72
C ILE B 222 4.70 -0.38 7.26
N ASN B 223 4.24 -1.10 6.25
CA ASN B 223 2.88 -1.01 5.77
C ASN B 223 1.98 -1.96 6.57
N GLU B 224 0.74 -2.14 6.10
CA GLU B 224 -0.29 -2.72 6.96
C GLU B 224 0.05 -4.14 7.38
N GLY B 225 0.17 -4.36 8.69
CA GLY B 225 0.45 -5.67 9.23
C GLY B 225 1.91 -6.02 9.37
N GLY B 226 2.81 -5.21 8.78
CA GLY B 226 4.24 -5.44 8.86
C GLY B 226 4.84 -5.03 10.19
N TRP B 227 6.07 -5.47 10.40
CA TRP B 227 6.66 -5.41 11.73
C TRP B 227 8.14 -5.16 11.63
N GLN B 228 8.62 -4.14 12.31
CA GLN B 228 10.05 -3.92 12.42
C GLN B 228 10.43 -3.98 13.89
N VAL B 229 11.17 -5.01 14.25
CA VAL B 229 11.69 -5.17 15.60
C VAL B 229 13.17 -4.84 15.58
N VAL B 230 13.56 -3.89 16.42
CA VAL B 230 14.93 -3.44 16.55
C VAL B 230 15.38 -3.90 17.92
N LYS B 231 16.16 -4.97 17.95
CA LYS B 231 16.56 -5.57 19.21
C LYS B 231 17.70 -4.76 19.83
N ALA B 232 18.04 -5.04 21.09
CA ALA B 232 19.10 -4.26 21.72
C ALA B 232 20.43 -4.35 20.94
N GLY B 233 21.06 -3.20 20.70
CA GLY B 233 22.26 -3.14 19.91
C GLY B 233 22.03 -3.02 18.42
N GLY B 234 20.77 -3.08 17.97
CA GLY B 234 20.45 -2.86 16.59
C GLY B 234 20.10 -1.40 16.31
N ALA B 235 20.14 -1.03 15.05
CA ALA B 235 19.84 0.35 14.71
C ALA B 235 19.00 0.41 13.45
N ALA B 236 17.91 1.18 13.50
CA ALA B 236 17.10 1.45 12.33
C ALA B 236 17.14 2.93 12.02
N GLY B 237 17.13 3.27 10.73
CA GLY B 237 17.12 4.66 10.31
C GLY B 237 16.10 4.91 9.20
N ASN B 238 15.41 6.04 9.31
CA ASN B 238 14.38 6.47 8.36
C ASN B 238 13.29 5.40 8.20
N THR B 239 12.68 5.06 9.31
CA THR B 239 11.56 4.13 9.29
C THR B 239 10.26 4.92 9.18
N THR B 240 9.38 4.47 8.29
CA THR B 240 8.05 5.05 8.08
C THR B 240 7.01 4.06 8.61
N ILE B 241 6.34 4.40 9.70
CA ILE B 241 5.29 3.55 10.26
C ILE B 241 3.99 4.00 9.64
N ASN B 242 3.40 3.16 8.80
CA ASN B 242 2.16 3.53 8.15
C ASN B 242 0.96 2.94 8.87
N GLN B 243 -0.20 3.01 8.24
CA GLN B 243 -1.46 2.90 8.95
C GLN B 243 -1.52 1.74 9.93
N ASN B 244 -1.32 0.52 9.47
CA ASN B 244 -1.53 -0.52 10.46
C ASN B 244 -0.27 -1.31 10.78
N GLY B 245 0.89 -0.67 10.67
CA GLY B 245 2.14 -1.30 10.99
C GLY B 245 2.65 -0.94 12.37
N GLU B 246 3.63 -1.72 12.82
CA GLU B 246 4.24 -1.52 14.12
C GLU B 246 5.75 -1.44 13.99
N LEU B 247 6.34 -0.56 14.80
CA LEU B 247 7.78 -0.50 15.02
C LEU B 247 8.00 -0.76 16.50
N ARG B 248 8.73 -1.82 16.83
CA ARG B 248 9.02 -2.14 18.24
C ARG B 248 10.54 -2.06 18.45
N VAL B 249 10.96 -1.34 19.50
CA VAL B 249 12.36 -0.97 19.69
C VAL B 249 12.72 -1.28 21.13
N HIS B 250 13.47 -2.36 21.33
CA HIS B 250 13.74 -2.90 22.66
C HIS B 250 14.71 -2.02 23.43
N ALA B 251 14.76 -2.23 24.73
CA ALA B 251 15.80 -1.57 25.53
C ALA B 251 17.16 -1.92 24.95
N GLY B 252 17.95 -0.88 24.64
CA GLY B 252 19.21 -1.03 23.95
C GLY B 252 19.16 -0.78 22.46
N GLY B 253 17.96 -0.55 21.89
CA GLY B 253 17.81 -0.36 20.46
C GLY B 253 17.69 1.12 20.08
N GLU B 254 18.01 1.39 18.82
CA GLU B 254 17.97 2.74 18.27
C GLU B 254 17.06 2.76 17.07
N ALA B 255 16.16 3.73 17.05
CA ALA B 255 15.40 4.05 15.86
C ALA B 255 15.49 5.56 15.71
N THR B 256 16.10 6.01 14.63
CA THR B 256 16.19 7.44 14.39
C THR B 256 15.47 7.76 13.08
N ALA B 257 15.16 9.05 12.92
CA ALA B 257 14.49 9.55 11.71
C ALA B 257 13.20 8.80 11.45
N VAL B 258 12.46 8.50 12.53
CA VAL B 258 11.20 7.77 12.43
C VAL B 258 10.09 8.73 12.02
N THR B 259 9.26 8.26 11.10
CA THR B 259 8.09 8.98 10.62
C THR B 259 6.89 8.13 10.99
N GLN B 260 6.33 8.45 12.17
CA GLN B 260 5.13 7.76 12.68
C GLN B 260 3.92 8.34 11.97
N ASN B 261 3.62 7.80 10.79
CA ASN B 261 2.44 8.28 10.10
C ASN B 261 1.19 7.96 10.92
N THR B 262 0.07 8.50 10.49
CA THR B 262 -1.09 8.50 11.35
C THR B 262 -1.73 7.11 11.30
N GLY B 263 -1.81 6.45 12.45
CA GLY B 263 -2.13 5.05 12.52
C GLY B 263 -1.02 4.20 13.11
N GLY B 264 0.23 4.67 13.03
CA GLY B 264 1.38 3.79 13.22
C GLY B 264 1.58 3.39 14.67
N ALA B 265 1.74 2.10 14.90
CA ALA B 265 1.97 1.62 16.25
C ALA B 265 3.44 1.76 16.58
N LEU B 266 3.75 2.29 17.76
CA LEU B 266 5.11 2.34 18.27
C LEU B 266 5.18 1.70 19.65
N VAL B 267 5.93 0.63 19.76
CA VAL B 267 6.10 -0.11 21.01
C VAL B 267 7.54 0.07 21.47
N THR B 268 7.73 0.77 22.58
CA THR B 268 9.08 0.99 23.09
C THR B 268 9.02 1.45 24.53
N SER B 269 10.20 1.60 25.14
CA SER B 269 10.32 1.98 26.53
C SER B 269 11.34 3.11 26.65
N THR B 270 11.41 3.73 27.84
CA THR B 270 12.41 4.76 28.07
C THR B 270 13.83 4.20 28.09
N ALA B 271 14.00 2.88 28.05
CA ALA B 271 15.33 2.30 27.93
C ALA B 271 15.73 2.11 26.46
N ALA B 272 14.99 2.70 25.53
CA ALA B 272 15.36 2.73 24.13
C ALA B 272 15.68 4.15 23.70
N THR B 273 16.13 4.28 22.45
CA THR B 273 16.41 5.56 21.82
C THR B 273 15.59 5.61 20.55
N VAL B 274 14.56 6.45 20.54
CA VAL B 274 13.70 6.61 19.37
C VAL B 274 13.50 8.11 19.16
N ILE B 275 13.95 8.61 18.01
CA ILE B 275 13.75 9.98 17.57
C ILE B 275 12.97 9.96 16.26
N GLY B 276 12.07 10.92 16.11
CA GLY B 276 11.32 11.07 14.89
C GLY B 276 10.22 12.10 15.08
N THR B 277 9.26 12.09 14.16
CA THR B 277 8.08 12.93 14.26
C THR B 277 6.81 12.11 14.02
N ASN B 278 5.76 12.44 14.76
CA ASN B 278 4.46 11.78 14.63
C ASN B 278 3.46 12.78 14.08
N ARG B 279 2.17 12.39 14.10
CA ARG B 279 1.12 13.25 13.56
C ARG B 279 0.90 14.51 14.39
N LEU B 280 1.55 14.67 15.53
CA LEU B 280 1.46 15.93 16.26
C LEU B 280 2.71 16.78 16.11
N GLY B 281 3.89 16.17 16.10
CA GLY B 281 5.11 16.96 16.02
C GLY B 281 6.33 16.07 16.08
N ASN B 282 7.44 16.66 16.55
CA ASN B 282 8.61 15.90 16.91
C ASN B 282 8.39 15.15 18.21
N PHE B 283 8.99 13.97 18.31
CA PHE B 283 9.05 13.22 19.55
C PHE B 283 10.45 12.65 19.73
N THR B 284 10.84 12.42 20.99
CA THR B 284 12.17 11.89 21.28
C THR B 284 12.06 10.95 22.46
N VAL B 285 12.59 9.74 22.36
CA VAL B 285 12.80 8.92 23.54
C VAL B 285 14.31 8.70 23.63
N GLU B 286 14.96 9.28 24.64
CA GLU B 286 16.41 9.31 24.78
C GLU B 286 16.78 9.42 26.26
N ASN B 287 17.78 8.63 26.69
CA ASN B 287 18.39 8.82 28.01
C ASN B 287 17.38 8.77 29.15
N GLY B 288 16.28 8.04 28.94
CA GLY B 288 15.23 7.99 29.92
C GLY B 288 14.32 9.19 29.98
N LYS B 289 14.28 9.98 28.92
CA LYS B 289 13.33 11.09 28.82
C LYS B 289 12.59 10.91 27.51
N ALA B 290 11.29 10.64 27.59
CA ALA B 290 10.40 10.65 26.44
C ALA B 290 9.63 11.98 26.42
N ASP B 291 9.45 12.54 25.22
CA ASP B 291 8.71 13.79 25.10
C ASP B 291 8.04 13.80 23.75
N GLY B 292 6.72 13.97 23.72
CA GLY B 292 5.99 14.16 22.48
C GLY B 292 5.44 12.90 21.85
N VAL B 293 5.39 11.78 22.59
CA VAL B 293 5.05 10.48 22.01
C VAL B 293 3.55 10.39 21.74
N VAL B 294 3.17 9.54 20.78
CA VAL B 294 1.78 9.33 20.39
C VAL B 294 1.53 7.82 20.28
N LEU B 295 0.92 7.23 21.29
CA LEU B 295 0.65 5.79 21.27
C LEU B 295 -0.72 5.61 20.63
N GLU B 296 -0.73 5.11 19.40
CA GLU B 296 -1.96 4.90 18.64
C GLU B 296 -2.32 3.42 18.66
N SER B 297 -3.14 2.97 17.72
CA SER B 297 -3.68 1.63 17.90
C SER B 297 -2.57 0.59 17.85
N GLY B 298 -2.27 -0.02 19.00
CA GLY B 298 -1.18 -0.95 19.14
C GLY B 298 0.07 -0.35 19.77
N GLY B 299 0.16 0.97 19.85
CA GLY B 299 1.30 1.60 20.47
C GLY B 299 1.35 1.38 21.97
N ARG B 300 2.55 1.48 22.53
CA ARG B 300 2.71 1.33 23.96
C ARG B 300 4.03 1.96 24.37
N LEU B 301 4.01 2.79 25.41
CA LEU B 301 5.23 3.33 25.97
C LEU B 301 5.36 2.83 27.40
N ASP B 302 6.55 2.36 27.77
CA ASP B 302 6.85 2.00 29.15
C ASP B 302 7.78 3.04 29.73
N VAL B 303 7.34 3.71 30.78
CA VAL B 303 8.19 4.61 31.53
C VAL B 303 8.70 3.81 32.74
N LEU B 304 10.00 3.68 32.82
CA LEU B 304 10.66 2.74 33.70
C LEU B 304 11.04 3.46 35.00
N GLU B 305 11.71 2.77 35.90
CA GLU B 305 11.87 3.33 37.23
C GLU B 305 12.78 4.55 37.09
N SER B 306 12.36 5.72 37.58
CA SER B 306 13.19 6.93 37.59
C SER B 306 13.46 7.50 36.19
N HIS B 307 12.63 7.18 35.21
CA HIS B 307 12.61 7.82 33.92
C HIS B 307 11.39 8.73 33.85
N SER B 308 11.26 9.46 32.76
CA SER B 308 10.16 10.41 32.65
C SER B 308 9.62 10.45 31.23
N ALA B 309 8.40 10.96 31.12
CA ALA B 309 7.79 11.27 29.84
C ALA B 309 6.94 12.52 30.01
N GLN B 310 6.98 13.40 29.01
CA GLN B 310 6.19 14.61 28.96
C GLN B 310 5.41 14.67 27.66
N ASN B 311 4.21 15.23 27.70
CA ASN B 311 3.41 15.50 26.51
C ASN B 311 3.16 14.22 25.72
N THR B 312 2.63 13.23 26.41
CA THR B 312 2.29 11.95 25.84
C THR B 312 0.85 11.98 25.37
N LEU B 313 0.56 11.31 24.27
CA LEU B 313 -0.82 11.11 23.86
C LEU B 313 -1.08 9.61 23.69
N VAL B 314 -1.93 9.08 24.55
CA VAL B 314 -2.46 7.74 24.43
C VAL B 314 -3.79 7.89 23.73
N ASP B 315 -3.94 7.34 22.55
CA ASP B 315 -5.18 7.45 21.80
C ASP B 315 -5.88 6.09 21.82
N ASP B 316 -6.96 5.96 21.05
CA ASP B 316 -7.78 4.75 21.12
C ASP B 316 -6.96 3.51 20.77
N GLY B 317 -6.81 2.59 21.74
CA GLY B 317 -6.00 1.39 21.57
C GLY B 317 -4.53 1.55 21.92
N GLY B 318 -4.12 2.72 22.44
CA GLY B 318 -2.78 2.88 22.95
C GLY B 318 -2.70 2.53 24.42
N THR B 319 -1.49 2.25 24.87
CA THR B 319 -1.24 1.87 26.25
C THR B 319 -0.06 2.65 26.76
N LEU B 320 -0.24 3.36 27.86
CA LEU B 320 0.89 3.97 28.58
C LEU B 320 1.03 3.26 29.91
N ALA B 321 2.19 2.64 30.13
CA ALA B 321 2.48 1.94 31.37
C ALA B 321 3.63 2.64 32.09
N VAL B 322 3.36 3.10 33.32
CA VAL B 322 4.34 3.78 34.16
C VAL B 322 4.66 2.89 35.34
N SER B 323 5.94 2.49 35.46
CA SER B 323 6.40 1.66 36.56
C SER B 323 6.50 2.49 37.83
N ALA B 324 6.39 1.81 38.96
CA ALA B 324 6.58 2.49 40.23
C ALA B 324 7.93 3.19 40.22
N GLY B 325 7.90 4.50 40.49
CA GLY B 325 9.10 5.30 40.43
C GLY B 325 9.30 6.09 39.15
N GLY B 326 8.43 5.97 38.15
CA GLY B 326 8.54 6.77 36.95
C GLY B 326 7.57 7.93 36.99
N LYS B 327 7.95 9.02 36.33
CA LYS B 327 7.08 10.18 36.14
C LYS B 327 6.54 10.26 34.72
N ALA B 328 5.27 10.67 34.60
CA ALA B 328 4.65 10.98 33.32
C ALA B 328 3.71 12.17 33.53
N THR B 329 4.04 13.32 32.94
CA THR B 329 3.25 14.55 33.01
C THR B 329 2.75 14.93 31.61
N SER B 330 1.76 15.82 31.59
CA SER B 330 1.19 16.32 30.34
C SER B 330 0.62 15.19 29.51
N VAL B 331 0.04 14.20 30.19
CA VAL B 331 -0.57 13.07 29.51
C VAL B 331 -1.96 13.45 29.05
N THR B 332 -2.33 12.96 27.88
CA THR B 332 -3.68 13.14 27.35
C THR B 332 -4.15 11.77 26.87
N ILE B 333 -5.14 11.20 27.56
CA ILE B 333 -5.63 9.87 27.27
C ILE B 333 -7.05 10.02 26.74
N THR B 334 -7.22 9.88 25.43
CA THR B 334 -8.56 9.95 24.88
C THR B 334 -9.34 8.68 25.18
N SER B 335 -10.65 8.73 24.99
CA SER B 335 -11.47 7.55 25.25
C SER B 335 -10.95 6.38 24.42
N GLY B 336 -10.78 5.23 25.09
CA GLY B 336 -10.10 4.10 24.52
C GLY B 336 -8.67 3.91 25.00
N GLY B 337 -8.06 4.96 25.56
CA GLY B 337 -6.68 4.85 25.99
C GLY B 337 -6.54 3.99 27.23
N ALA B 338 -5.38 3.35 27.35
CA ALA B 338 -5.13 2.43 28.45
C ALA B 338 -4.00 2.98 29.31
N LEU B 339 -4.20 2.95 30.62
CA LEU B 339 -3.21 3.40 31.60
C LEU B 339 -2.87 2.25 32.52
N ILE B 340 -1.60 1.93 32.67
CA ILE B 340 -1.14 0.92 33.62
C ILE B 340 -0.12 1.56 34.55
N ALA B 341 -0.42 1.57 35.85
CA ALA B 341 0.39 2.22 36.86
C ALA B 341 0.13 1.54 38.20
N ASP B 342 0.75 2.07 39.25
CA ASP B 342 0.36 1.71 40.62
C ASP B 342 0.56 2.95 41.52
N SER B 343 0.39 2.78 42.83
CA SER B 343 0.46 3.92 43.74
C SER B 343 1.86 4.52 43.82
N GLY B 344 2.87 3.89 43.25
CA GLY B 344 4.19 4.48 43.23
C GLY B 344 4.53 5.26 41.98
N ALA B 345 3.74 5.10 40.92
CA ALA B 345 3.96 5.91 39.75
C ALA B 345 3.56 7.34 40.03
N THR B 346 4.05 8.25 39.20
CA THR B 346 3.62 9.65 39.23
C THR B 346 3.09 9.99 37.85
N VAL B 347 1.81 10.28 37.76
CA VAL B 347 1.16 10.50 36.47
C VAL B 347 0.19 11.65 36.61
N GLU B 348 0.25 12.60 35.68
CA GLU B 348 -0.68 13.72 35.68
C GLU B 348 -1.15 13.97 34.26
N GLY B 349 -2.42 14.34 34.10
CA GLY B 349 -2.94 14.64 32.80
C GLY B 349 -4.44 14.78 32.77
N THR B 350 -5.06 14.36 31.67
CA THR B 350 -6.50 14.37 31.48
C THR B 350 -6.90 13.12 30.71
N ASN B 351 -7.91 12.39 31.19
CA ASN B 351 -8.50 11.34 30.39
C ASN B 351 -9.88 11.78 29.89
N ALA B 352 -10.72 10.82 29.55
CA ALA B 352 -12.00 11.19 28.97
C ALA B 352 -12.96 11.75 29.98
N SER B 353 -12.58 11.80 31.26
CA SER B 353 -13.40 12.26 32.38
C SER B 353 -12.63 13.24 33.25
N GLY B 354 -12.13 14.33 32.64
CA GLY B 354 -11.43 15.39 33.36
C GLY B 354 -10.02 15.06 33.83
N LYS B 355 -9.48 15.99 34.62
CA LYS B 355 -8.09 15.90 35.08
C LYS B 355 -7.88 14.74 36.04
N PHE B 356 -6.76 14.02 35.86
CA PHE B 356 -6.37 12.94 36.76
C PHE B 356 -4.91 13.06 37.17
N SER B 357 -4.57 12.35 38.24
CA SER B 357 -3.23 12.40 38.81
C SER B 357 -2.98 11.17 39.65
N ILE B 358 -1.73 10.73 39.69
CA ILE B 358 -1.23 9.79 40.68
C ILE B 358 -0.01 10.42 41.32
N ASP B 359 0.00 10.50 42.64
CA ASP B 359 1.17 10.99 43.37
C ASP B 359 1.87 9.78 43.93
N GLY B 360 3.03 9.45 43.35
CA GLY B 360 3.80 8.30 43.83
C GLY B 360 4.38 8.49 45.21
N THR B 361 4.44 9.73 45.68
CA THR B 361 4.98 10.02 47.00
C THR B 361 3.92 9.83 48.09
N SER B 362 2.73 10.41 47.90
CA SER B 362 1.67 10.23 48.87
C SER B 362 0.83 8.98 48.60
N GLY B 363 1.03 8.30 47.48
CA GLY B 363 0.24 7.13 47.15
C GLY B 363 -1.19 7.47 46.83
N GLN B 364 -1.45 8.67 46.33
CA GLN B 364 -2.80 9.18 46.20
C GLN B 364 -3.17 9.37 44.74
N ALA B 365 -4.31 8.83 44.35
CA ALA B 365 -4.79 8.89 42.98
C ALA B 365 -6.16 9.57 42.92
N SER B 366 -6.40 10.28 41.82
CA SER B 366 -7.64 11.00 41.59
C SER B 366 -8.07 10.88 40.14
N GLY B 367 -9.34 10.55 39.92
CA GLY B 367 -9.92 10.65 38.59
C GLY B 367 -9.39 9.64 37.57
N LEU B 368 -8.83 8.52 38.02
CA LEU B 368 -8.36 7.51 37.07
C LEU B 368 -9.50 7.02 36.20
N LEU B 369 -9.12 6.50 35.03
CA LEU B 369 -10.09 5.89 34.13
C LEU B 369 -9.38 4.71 33.50
N LEU B 370 -9.72 3.50 33.96
CA LEU B 370 -9.03 2.28 33.57
C LEU B 370 -9.92 1.48 32.63
N GLU B 371 -9.57 1.47 31.34
CA GLU B 371 -10.31 0.72 30.33
C GLU B 371 -9.32 0.21 29.29
N ASN B 372 -9.82 -0.67 28.41
CA ASN B 372 -9.06 -1.46 27.45
C ASN B 372 -7.71 -1.95 27.95
N GLY B 373 -7.70 -2.71 29.03
CA GLY B 373 -6.45 -3.18 29.57
C GLY B 373 -5.78 -2.24 30.55
N GLY B 374 -6.29 -1.03 30.70
CA GLY B 374 -5.88 -0.18 31.79
C GLY B 374 -5.92 -0.90 33.12
N SER B 375 -5.03 -0.51 34.02
CA SER B 375 -4.89 -1.23 35.28
C SER B 375 -4.18 -0.33 36.26
N PHE B 376 -4.79 -0.09 37.40
CA PHE B 376 -4.14 0.59 38.52
C PHE B 376 -4.13 -0.37 39.69
N THR B 377 -3.06 -0.35 40.48
CA THR B 377 -2.96 -1.14 41.70
C THR B 377 -2.70 -0.22 42.90
N VAL B 378 -3.54 -0.35 43.92
CA VAL B 378 -3.43 0.44 45.16
C VAL B 378 -2.66 -0.39 46.18
N ASN B 379 -1.42 0.01 46.45
CA ASN B 379 -0.58 -0.66 47.43
C ASN B 379 -0.96 -0.21 48.84
N ALA B 380 -0.41 -0.90 49.84
CA ALA B 380 -0.77 -0.64 51.23
C ALA B 380 -0.61 0.83 51.57
N GLY B 381 -1.66 1.41 52.16
CA GLY B 381 -1.68 2.81 52.50
C GLY B 381 -2.05 3.74 51.36
N GLY B 382 -2.24 3.22 50.13
CA GLY B 382 -2.62 4.05 49.01
C GLY B 382 -4.09 4.43 49.05
N GLN B 383 -4.47 5.30 48.12
CA GLN B 383 -5.85 5.77 48.09
C GLN B 383 -6.25 6.18 46.67
N ALA B 384 -7.37 5.63 46.19
CA ALA B 384 -7.88 5.90 44.86
C ALA B 384 -9.22 6.61 44.98
N GLY B 385 -9.27 7.85 44.49
CA GLY B 385 -10.47 8.66 44.54
C GLY B 385 -11.07 8.83 43.16
N ASN B 386 -12.38 8.67 43.07
CA ASN B 386 -13.17 8.90 41.86
C ASN B 386 -12.59 8.12 40.67
N THR B 387 -12.52 6.80 40.87
CA THR B 387 -12.02 5.91 39.85
C THR B 387 -13.17 5.40 38.99
N THR B 388 -12.93 5.31 37.70
CA THR B 388 -13.90 4.80 36.74
C THR B 388 -13.24 3.58 36.09
N VAL B 389 -13.71 2.38 36.41
CA VAL B 389 -13.17 1.20 35.76
C VAL B 389 -14.12 0.84 34.63
N GLY B 390 -13.62 0.81 33.40
CA GLY B 390 -14.41 0.56 32.22
C GLY B 390 -14.25 -0.84 31.68
N HIS B 391 -14.64 -1.04 30.43
CA HIS B 391 -14.57 -2.37 29.86
C HIS B 391 -13.12 -2.80 29.67
N ARG B 392 -12.78 -3.97 30.22
CA ARG B 392 -11.43 -4.54 30.21
C ARG B 392 -10.46 -3.73 31.07
N GLY B 393 -10.97 -3.01 32.06
CA GLY B 393 -10.14 -2.34 33.03
C GLY B 393 -10.15 -3.10 34.37
N THR B 394 -9.18 -2.76 35.22
CA THR B 394 -8.93 -3.54 36.44
C THR B 394 -8.41 -2.65 37.56
N LEU B 395 -9.14 -2.56 38.67
CA LEU B 395 -8.64 -1.90 39.86
C LEU B 395 -8.29 -2.97 40.88
N THR B 396 -7.04 -2.96 41.34
CA THR B 396 -6.58 -3.97 42.28
C THR B 396 -6.12 -3.24 43.54
N LEU B 397 -6.56 -3.70 44.71
CA LEU B 397 -6.17 -3.09 45.97
C LEU B 397 -5.50 -4.12 46.84
N ALA B 398 -4.28 -3.82 47.31
CA ALA B 398 -3.62 -4.67 48.29
C ALA B 398 -4.25 -4.46 49.66
N ALA B 399 -3.98 -5.40 50.55
CA ALA B 399 -4.47 -5.25 51.90
C ALA B 399 -3.99 -3.91 52.47
N GLY B 400 -4.92 -3.11 52.98
CA GLY B 400 -4.59 -1.77 53.47
C GLY B 400 -4.67 -0.67 52.44
N GLY B 401 -5.15 -0.96 51.23
CA GLY B 401 -5.49 0.10 50.32
C GLY B 401 -6.80 0.72 50.72
N SER B 402 -7.13 1.85 50.09
CA SER B 402 -8.36 2.51 50.48
C SER B 402 -8.93 3.28 49.29
N LEU B 403 -10.19 3.67 49.44
CA LEU B 403 -10.96 4.31 48.37
C LEU B 403 -11.61 5.57 48.90
N SER B 404 -12.16 6.34 47.97
CA SER B 404 -12.53 7.74 48.18
C SER B 404 -13.46 8.17 47.05
N GLY B 405 -14.47 8.93 47.39
CA GLY B 405 -15.35 9.40 46.33
C GLY B 405 -16.09 8.25 45.66
N ARG B 406 -16.47 8.49 44.41
CA ARG B 406 -17.27 7.54 43.64
C ARG B 406 -16.37 6.56 42.90
N THR B 407 -16.51 5.28 43.20
CA THR B 407 -15.82 4.22 42.47
C THR B 407 -16.84 3.55 41.56
N GLN B 408 -16.78 3.85 40.28
CA GLN B 408 -17.72 3.31 39.31
C GLN B 408 -17.08 2.13 38.57
N LEU B 409 -17.87 1.11 38.29
CA LEU B 409 -17.42 -0.04 37.50
C LEU B 409 -18.46 -0.37 36.47
N SER B 410 -18.09 -0.31 35.19
CA SER B 410 -19.06 -0.64 34.17
C SER B 410 -19.11 -2.14 33.95
N LYS B 411 -20.14 -2.61 33.24
CA LYS B 411 -20.13 -4.00 32.81
C LYS B 411 -18.81 -4.29 32.12
N GLY B 412 -18.16 -5.38 32.50
CA GLY B 412 -16.86 -5.71 31.95
C GLY B 412 -15.69 -5.12 32.68
N ALA B 413 -15.92 -4.43 33.79
CA ALA B 413 -14.86 -3.98 34.67
C ALA B 413 -14.54 -5.07 35.68
N SER B 414 -13.50 -4.82 36.47
CA SER B 414 -13.03 -5.82 37.44
C SER B 414 -12.31 -5.11 38.57
N MET B 415 -12.70 -5.40 39.81
CA MET B 415 -12.00 -4.86 40.98
C MET B 415 -11.67 -6.01 41.92
N VAL B 416 -10.40 -6.11 42.30
CA VAL B 416 -9.90 -7.23 43.09
C VAL B 416 -9.44 -6.72 44.44
N LEU B 417 -9.96 -7.30 45.51
CA LEU B 417 -9.61 -6.94 46.88
C LEU B 417 -8.75 -8.03 47.50
N ASN B 418 -7.51 -7.71 47.82
CA ASN B 418 -6.61 -8.67 48.45
C ASN B 418 -6.49 -8.44 49.96
N GLY B 419 -7.33 -7.58 50.52
CA GLY B 419 -7.35 -7.36 51.96
C GLY B 419 -8.47 -6.44 52.34
N ASP B 420 -8.47 -6.02 53.60
CA ASP B 420 -9.49 -5.09 54.07
C ASP B 420 -9.35 -3.77 53.33
N VAL B 421 -10.44 -3.35 52.67
CA VAL B 421 -10.51 -2.11 51.92
C VAL B 421 -11.74 -1.34 52.39
N VAL B 422 -11.55 -0.06 52.73
CA VAL B 422 -12.62 0.81 53.17
C VAL B 422 -12.76 1.97 52.19
N SER B 423 -13.98 2.22 51.74
CA SER B 423 -14.29 3.34 50.86
C SER B 423 -15.00 4.39 51.68
N THR B 424 -14.48 5.61 51.65
CA THR B 424 -15.18 6.70 52.30
C THR B 424 -16.14 7.35 51.32
N GLY B 425 -16.74 6.56 50.44
CA GLY B 425 -17.62 7.09 49.41
C GLY B 425 -18.58 6.06 48.92
N ASP B 426 -18.84 6.08 47.61
CA ASP B 426 -19.85 5.24 47.00
C ASP B 426 -19.16 4.25 46.07
N ILE B 427 -19.65 3.02 46.03
CA ILE B 427 -19.26 2.05 45.00
C ILE B 427 -20.49 1.79 44.15
N VAL B 428 -20.40 2.12 42.87
CA VAL B 428 -21.48 1.84 41.92
C VAL B 428 -20.95 0.75 40.99
N ASN B 429 -21.53 -0.46 41.09
CA ASN B 429 -20.92 -1.65 40.51
C ASN B 429 -21.84 -2.29 39.47
N ALA B 430 -21.46 -2.17 38.20
CA ALA B 430 -22.07 -2.94 37.11
C ALA B 430 -21.16 -4.05 36.60
N GLY B 431 -20.04 -4.29 37.28
CA GLY B 431 -19.02 -5.21 36.83
C GLY B 431 -18.76 -6.38 37.75
N GLU B 432 -17.50 -6.63 38.05
CA GLU B 432 -17.09 -7.84 38.76
C GLU B 432 -16.20 -7.42 39.92
N ILE B 433 -16.60 -7.77 41.14
CA ILE B 433 -15.84 -7.42 42.34
C ILE B 433 -15.45 -8.72 43.04
N ARG B 434 -14.16 -8.93 43.23
CA ARG B 434 -13.66 -10.23 43.62
C ARG B 434 -12.80 -10.11 44.86
N PHE B 435 -13.17 -10.84 45.91
CA PHE B 435 -12.30 -11.04 47.06
C PHE B 435 -11.28 -12.13 46.73
N ASP B 436 -10.00 -11.87 47.01
CA ASP B 436 -8.93 -12.75 46.51
C ASP B 436 -7.70 -12.66 47.42
N ASN B 437 -6.62 -13.31 46.98
CA ASN B 437 -5.26 -13.30 47.58
C ASN B 437 -4.18 -13.56 46.50
N VAL B 456 -6.56 -17.31 51.20
CA VAL B 456 -6.93 -18.26 52.23
C VAL B 456 -7.50 -17.53 53.45
N THR B 457 -7.54 -16.20 53.40
CA THR B 457 -8.04 -15.39 54.50
C THR B 457 -9.08 -14.39 54.01
N PHE B 458 -10.10 -14.13 54.84
CA PHE B 458 -11.30 -13.38 54.44
C PHE B 458 -11.19 -11.91 54.82
N HIS B 459 -11.93 -11.06 54.10
CA HIS B 459 -11.79 -9.62 54.21
C HIS B 459 -13.15 -8.93 54.22
N LYS B 460 -13.14 -7.68 54.69
CA LYS B 460 -14.29 -6.80 54.77
C LYS B 460 -14.16 -5.70 53.73
N LEU B 461 -15.11 -5.61 52.80
CA LEU B 461 -15.22 -4.41 51.96
C LEU B 461 -16.19 -3.45 52.63
N THR B 462 -15.67 -2.34 53.15
CA THR B 462 -16.44 -1.40 53.94
C THR B 462 -16.65 -0.14 53.11
N THR B 463 -17.88 0.34 53.05
CA THR B 463 -18.18 1.48 52.20
C THR B 463 -19.35 2.23 52.80
N THR B 464 -19.44 3.53 52.51
CA THR B 464 -20.60 4.24 53.04
C THR B 464 -21.85 3.95 52.21
N ASN B 465 -21.72 3.92 50.89
CA ASN B 465 -22.82 3.62 49.99
C ASN B 465 -22.47 2.51 49.03
N LEU B 466 -23.49 1.83 48.53
CA LEU B 466 -23.33 0.80 47.51
C LEU B 466 -24.53 0.85 46.58
N THR B 467 -24.28 0.98 45.28
CA THR B 467 -25.33 1.10 44.27
C THR B 467 -25.17 -0.04 43.28
N GLY B 468 -25.90 -1.13 43.52
CA GLY B 468 -25.85 -2.24 42.58
C GLY B 468 -26.39 -1.85 41.21
N GLN B 469 -25.70 -2.29 40.18
CA GLN B 469 -26.05 -1.96 38.80
C GLN B 469 -26.15 -3.23 37.96
N GLY B 470 -26.49 -4.35 38.58
CA GLY B 470 -26.33 -5.61 37.91
C GLY B 470 -24.96 -6.21 38.04
N GLY B 471 -24.08 -5.60 38.84
CA GLY B 471 -22.79 -6.18 39.10
C GLY B 471 -22.86 -7.39 40.02
N THR B 472 -21.81 -8.20 39.92
CA THR B 472 -21.58 -9.37 40.77
C THR B 472 -20.54 -9.02 41.81
N ILE B 473 -20.58 -9.71 42.94
CA ILE B 473 -19.54 -9.66 43.95
C ILE B 473 -19.20 -11.10 44.30
N ASN B 474 -18.02 -11.57 43.89
CA ASN B 474 -17.51 -12.90 44.24
C ASN B 474 -16.92 -12.96 45.63
N MET B 475 -17.56 -13.77 46.46
CA MET B 475 -17.27 -13.89 47.86
C MET B 475 -16.98 -15.36 48.18
N ARG B 476 -16.47 -15.57 49.39
CA ARG B 476 -15.99 -16.87 49.82
C ARG B 476 -16.58 -17.17 51.20
N VAL B 477 -16.86 -18.44 51.45
CA VAL B 477 -17.59 -18.83 52.64
C VAL B 477 -17.12 -20.22 53.06
N ARG B 478 -17.19 -20.48 54.37
CA ARG B 478 -16.98 -21.83 54.89
C ARG B 478 -18.27 -22.31 55.54
N LEU B 479 -18.82 -23.39 55.01
CA LEU B 479 -20.06 -23.95 55.54
C LEU B 479 -19.79 -25.16 56.43
N ASP B 480 -18.84 -24.97 57.36
CA ASP B 480 -18.49 -25.84 58.49
C ASP B 480 -18.95 -25.14 59.77
N GLY B 481 -18.34 -25.50 60.90
CA GLY B 481 -18.74 -24.88 62.16
C GLY B 481 -18.59 -23.37 62.20
N SER B 482 -17.44 -22.87 61.72
CA SER B 482 -17.15 -21.43 61.75
C SER B 482 -18.13 -20.69 60.88
N ASN B 483 -18.64 -19.57 61.38
CA ASN B 483 -19.56 -18.75 60.58
C ASN B 483 -18.75 -17.65 59.89
N ALA B 484 -17.75 -18.11 59.15
CA ALA B 484 -16.69 -17.27 58.58
C ALA B 484 -16.86 -17.09 57.08
N SER B 485 -16.63 -15.87 56.63
CA SER B 485 -16.78 -15.52 55.23
C SER B 485 -16.22 -14.13 55.01
N ASP B 486 -16.12 -13.74 53.73
CA ASP B 486 -16.02 -12.33 53.41
C ASP B 486 -17.34 -11.64 53.77
N GLN B 487 -17.29 -10.33 53.88
CA GLN B 487 -18.43 -9.58 54.37
C GLN B 487 -18.39 -8.16 53.83
N LEU B 488 -19.51 -7.74 53.24
CA LEU B 488 -19.83 -6.32 53.05
C LEU B 488 -20.20 -5.62 54.35
N VAL B 489 -19.89 -4.32 54.39
CA VAL B 489 -20.28 -3.44 55.47
C VAL B 489 -20.73 -2.12 54.84
N ILE B 490 -21.97 -1.72 55.12
CA ILE B 490 -22.49 -0.43 54.69
C ILE B 490 -22.34 0.51 55.88
N ASN B 491 -21.64 1.61 55.67
CA ASN B 491 -21.37 2.54 56.77
C ASN B 491 -22.23 3.80 56.64
N GLY B 492 -23.39 3.79 57.30
CA GLY B 492 -24.30 4.91 57.36
C GLY B 492 -25.24 5.14 56.19
N GLY B 493 -24.78 4.86 54.97
CA GLY B 493 -25.58 5.10 53.78
C GLY B 493 -26.60 4.03 53.51
N GLN B 494 -26.94 3.87 52.23
CA GLN B 494 -27.86 2.83 51.77
C GLN B 494 -27.14 1.83 50.89
N ALA B 495 -27.70 0.63 50.81
CA ALA B 495 -27.25 -0.41 49.88
C ALA B 495 -28.37 -0.58 48.86
N THR B 496 -28.33 0.22 47.81
CA THR B 496 -29.45 0.31 46.90
C THR B 496 -29.19 -0.56 45.67
N GLY B 497 -29.92 -0.31 44.57
CA GLY B 497 -29.74 -0.97 43.29
C GLY B 497 -30.01 -2.47 43.32
N LYS B 498 -29.39 -3.18 42.39
CA LYS B 498 -29.46 -4.63 42.32
C LYS B 498 -28.06 -5.21 42.13
N THR B 499 -27.71 -6.20 42.95
CA THR B 499 -26.37 -6.78 42.99
C THR B 499 -26.47 -8.30 43.15
N TRP B 500 -25.80 -9.03 42.26
CA TRP B 500 -25.62 -10.46 42.43
C TRP B 500 -24.46 -10.77 43.37
N LEU B 501 -24.73 -11.57 44.43
CA LEU B 501 -23.69 -12.16 45.28
C LEU B 501 -23.46 -13.61 44.87
N ALA B 502 -22.23 -13.92 44.44
CA ALA B 502 -21.86 -15.29 44.09
C ALA B 502 -20.85 -15.79 45.11
N PHE B 503 -21.23 -16.79 45.88
CA PHE B 503 -20.28 -17.30 46.87
C PHE B 503 -19.52 -18.49 46.31
N THR B 504 -18.45 -18.87 46.98
CA THR B 504 -17.71 -20.06 46.59
C THR B 504 -17.37 -20.79 47.88
N ASN B 505 -17.68 -22.07 47.98
CA ASN B 505 -17.46 -22.75 49.26
C ASN B 505 -16.00 -23.16 49.38
N VAL B 506 -15.32 -22.60 50.39
CA VAL B 506 -13.91 -22.87 50.65
C VAL B 506 -13.65 -24.16 51.43
N GLY B 507 -14.62 -24.66 52.22
CA GLY B 507 -14.44 -25.91 52.94
C GLY B 507 -14.70 -27.14 52.09
N ASN B 508 -14.98 -28.27 52.77
CA ASN B 508 -15.32 -29.48 52.02
C ASN B 508 -16.78 -29.47 51.59
N SER B 509 -17.02 -29.68 50.30
CA SER B 509 -18.37 -29.58 49.78
C SER B 509 -19.29 -30.71 50.24
N ASN B 510 -18.74 -31.82 50.76
CA ASN B 510 -19.55 -32.87 51.34
C ASN B 510 -19.83 -32.64 52.83
N LEU B 511 -19.17 -31.65 53.44
CA LEU B 511 -19.42 -31.28 54.82
C LEU B 511 -20.40 -30.12 54.85
N GLY B 512 -21.60 -30.35 55.40
CA GLY B 512 -22.59 -29.29 55.53
C GLY B 512 -23.10 -29.11 56.94
N VAL B 513 -22.71 -28.02 57.59
CA VAL B 513 -23.14 -27.73 58.95
C VAL B 513 -24.29 -26.74 58.92
N ALA B 514 -25.24 -26.91 59.84
CA ALA B 514 -26.35 -25.98 59.95
C ALA B 514 -25.88 -24.66 60.53
N THR B 515 -26.42 -23.57 59.98
CA THR B 515 -26.19 -22.25 60.54
C THR B 515 -26.94 -22.11 61.87
N THR B 516 -26.33 -21.39 62.81
CA THR B 516 -26.92 -21.19 64.13
C THR B 516 -27.24 -19.71 64.31
N GLY B 517 -28.34 -19.43 65.01
CA GLY B 517 -28.79 -18.07 65.12
C GLY B 517 -29.26 -17.56 63.77
N GLN B 518 -29.16 -16.25 63.58
CA GLN B 518 -29.56 -15.63 62.32
C GLN B 518 -28.73 -16.10 61.14
N GLY B 519 -27.57 -16.70 61.38
CA GLY B 519 -26.71 -17.19 60.32
C GLY B 519 -25.42 -16.40 60.15
N ILE B 520 -24.81 -16.59 58.98
CA ILE B 520 -23.54 -15.96 58.63
C ILE B 520 -23.81 -14.55 58.09
N ARG B 521 -23.42 -13.53 58.86
CA ARG B 521 -23.68 -12.16 58.44
C ARG B 521 -22.77 -11.79 57.28
N VAL B 522 -23.31 -11.68 56.07
CA VAL B 522 -22.49 -11.37 54.91
C VAL B 522 -22.60 -9.92 54.44
N VAL B 523 -23.68 -9.22 54.78
CA VAL B 523 -23.78 -7.77 54.60
C VAL B 523 -24.18 -7.20 55.95
N ASP B 524 -23.28 -6.41 56.55
CA ASP B 524 -23.46 -5.83 57.88
C ASP B 524 -23.76 -4.35 57.72
N ALA B 525 -25.01 -3.94 57.94
CA ALA B 525 -25.39 -2.53 57.96
C ALA B 525 -25.13 -2.00 59.36
N GLN B 526 -24.86 -0.70 59.42
CA GLN B 526 -24.13 -0.17 60.55
C GLN B 526 -24.08 1.36 60.54
N ASN B 527 -23.94 1.95 61.74
CA ASN B 527 -24.09 3.39 61.98
C ASN B 527 -25.31 3.99 61.30
N GLY B 528 -26.48 3.34 61.42
CA GLY B 528 -27.70 3.90 60.88
C GLY B 528 -27.87 3.67 59.40
N ALA B 529 -27.21 2.66 58.84
CA ALA B 529 -27.35 2.38 57.43
C ALA B 529 -28.59 1.55 57.21
N THR B 530 -29.16 1.68 56.03
CA THR B 530 -30.30 0.88 55.63
C THR B 530 -29.97 0.17 54.32
N THR B 531 -30.71 -0.89 54.03
CA THR B 531 -30.52 -1.58 52.76
C THR B 531 -31.90 -1.88 52.19
N GLU B 532 -32.09 -1.54 50.92
CA GLU B 532 -33.25 -2.07 50.23
C GLU B 532 -33.15 -3.59 50.22
N GLU B 533 -34.26 -4.18 49.83
CA GLU B 533 -34.55 -5.59 49.99
C GLU B 533 -34.47 -6.39 48.71
N GLY B 534 -34.63 -5.75 47.56
CA GLY B 534 -34.19 -6.42 46.37
C GLY B 534 -32.69 -6.37 46.16
N ALA B 535 -31.93 -5.83 47.12
CA ALA B 535 -30.58 -5.33 46.84
C ALA B 535 -29.61 -6.44 46.47
N PHE B 536 -29.77 -7.60 47.07
CA PHE B 536 -28.83 -8.68 46.91
C PHE B 536 -29.57 -9.97 46.57
N ALA B 537 -28.90 -10.85 45.82
CA ALA B 537 -29.48 -12.12 45.43
C ALA B 537 -28.33 -13.03 45.03
N LEU B 538 -28.51 -14.33 45.21
CA LEU B 538 -27.46 -15.28 44.83
C LEU B 538 -27.40 -15.46 43.32
N SER B 539 -26.18 -15.60 42.79
CA SER B 539 -25.98 -15.94 41.38
C SER B 539 -26.04 -17.43 41.16
N ARG B 540 -25.32 -18.15 41.97
CA ARG B 540 -25.22 -19.58 42.19
C ARG B 540 -26.23 -20.00 43.22
N PRO B 541 -26.52 -21.30 43.31
CA PRO B 541 -27.01 -21.84 44.58
C PRO B 541 -25.81 -22.17 45.46
N LEU B 542 -26.01 -22.08 46.76
CA LEU B 542 -24.96 -22.37 47.72
C LEU B 542 -25.36 -23.60 48.51
N GLN B 543 -24.79 -24.77 48.16
CA GLN B 543 -25.16 -26.01 48.83
C GLN B 543 -23.91 -26.72 49.31
N ALA B 544 -24.03 -27.38 50.46
CA ALA B 544 -22.93 -28.16 51.01
C ALA B 544 -23.53 -29.17 51.97
N GLY B 545 -23.05 -30.41 51.86
CA GLY B 545 -23.63 -31.47 52.67
C GLY B 545 -25.11 -31.61 52.39
N ALA B 546 -25.90 -31.63 53.45
CA ALA B 546 -27.33 -31.88 53.32
C ALA B 546 -28.16 -30.61 53.21
N PHE B 547 -27.53 -29.46 53.06
CA PHE B 547 -28.23 -28.19 53.24
C PHE B 547 -28.11 -27.33 52.00
N ASN B 548 -29.17 -26.57 51.76
CA ASN B 548 -29.14 -25.43 50.86
C ASN B 548 -29.08 -24.16 51.72
N TYR B 549 -28.22 -23.21 51.32
CA TYR B 549 -28.02 -21.98 52.06
C TYR B 549 -28.62 -20.83 51.27
N THR B 550 -29.42 -20.01 51.94
CA THR B 550 -30.17 -18.96 51.27
C THR B 550 -29.81 -17.61 51.85
N LEU B 551 -29.94 -16.60 51.01
CA LEU B 551 -29.64 -15.24 51.38
C LEU B 551 -30.92 -14.59 51.89
N ASN B 552 -30.85 -13.94 53.04
CA ASN B 552 -32.05 -13.46 53.72
C ASN B 552 -31.78 -12.09 54.33
N ARG B 553 -32.55 -11.10 53.91
CA ARG B 553 -32.56 -9.83 54.62
C ARG B 553 -33.44 -9.93 55.85
N ASP B 554 -32.99 -9.34 56.94
CA ASP B 554 -33.76 -9.30 58.17
C ASP B 554 -34.12 -7.85 58.49
N SER B 555 -35.05 -7.69 59.44
CA SER B 555 -35.35 -6.38 60.02
C SER B 555 -34.11 -5.71 60.62
N ASP B 556 -33.02 -6.47 60.78
CA ASP B 556 -31.71 -6.00 61.21
C ASP B 556 -31.06 -5.06 60.20
N GLU B 557 -31.59 -5.02 58.97
CA GLU B 557 -31.03 -4.33 57.82
C GLU B 557 -29.88 -5.15 57.26
N ASP B 558 -29.44 -6.15 58.02
CA ASP B 558 -28.33 -6.99 57.63
C ASP B 558 -28.83 -8.14 56.77
N TRP B 559 -27.91 -8.83 56.11
CA TRP B 559 -28.22 -9.98 55.27
C TRP B 559 -27.48 -11.20 55.78
N TYR B 560 -28.13 -12.36 55.71
CA TYR B 560 -27.65 -13.56 56.36
C TYR B 560 -27.74 -14.77 55.43
N LEU B 561 -26.85 -15.74 55.65
CA LEU B 561 -26.90 -17.06 55.02
C LEU B 561 -27.41 -18.07 56.04
N ARG B 562 -28.49 -18.78 55.72
CA ARG B 562 -29.03 -19.81 56.60
C ARG B 562 -29.26 -21.10 55.85
N SER B 563 -29.42 -22.18 56.60
CA SER B 563 -29.43 -23.54 56.06
C SER B 563 -30.86 -24.08 55.96
N GLU B 564 -31.05 -25.09 55.09
CA GLU B 564 -32.40 -25.63 54.86
C GLU B 564 -32.42 -27.12 54.53
N ASN B 565 -33.19 -27.90 55.30
CA ASN B 565 -33.68 -29.27 54.97
C ASN B 565 -32.61 -30.28 54.51
N ALA C 4 0.43 -57.73 0.26
CA ALA C 4 -0.33 -57.15 -0.83
C ALA C 4 -1.42 -56.19 -0.31
N ASP C 5 -2.61 -56.68 0.02
CA ASP C 5 -3.73 -55.76 0.24
C ASP C 5 -3.81 -55.38 1.73
N LYS C 6 -2.99 -54.40 2.12
CA LYS C 6 -2.83 -53.99 3.52
C LYS C 6 -4.03 -53.18 4.01
N VAL C 7 -4.32 -53.30 5.32
CA VAL C 7 -5.50 -52.66 5.90
C VAL C 7 -5.21 -52.12 7.30
N VAL C 8 -5.04 -50.81 7.43
CA VAL C 8 -4.87 -50.19 8.74
C VAL C 8 -6.24 -49.97 9.38
N GLN C 9 -6.40 -50.46 10.58
CA GLN C 9 -7.68 -50.42 11.27
C GLN C 9 -7.64 -49.45 12.44
N ALA C 10 -8.82 -49.22 13.04
CA ALA C 10 -8.97 -48.16 14.04
C ALA C 10 -7.95 -48.25 15.15
N GLY C 11 -7.26 -47.15 15.41
CA GLY C 11 -6.23 -47.13 16.45
C GLY C 11 -4.91 -47.75 16.06
N GLU C 12 -4.73 -48.14 14.80
CA GLU C 12 -3.45 -48.63 14.32
C GLU C 12 -2.66 -47.51 13.65
N THR C 13 -1.34 -47.67 13.65
CA THR C 13 -0.45 -46.71 13.00
C THR C 13 0.60 -47.46 12.20
N VAL C 14 0.75 -47.10 10.93
CA VAL C 14 1.76 -47.65 10.04
C VAL C 14 2.76 -46.56 9.71
N ASN C 15 4.04 -46.92 9.68
CA ASN C 15 5.09 -45.89 9.69
C ASN C 15 6.05 -46.14 8.54
N ASP C 16 6.39 -45.07 7.83
CA ASP C 16 7.57 -45.03 6.96
C ASP C 16 7.62 -46.19 5.96
N GLY C 17 6.46 -46.77 5.64
CA GLY C 17 6.37 -47.76 4.60
C GLY C 17 6.43 -47.16 3.21
N THR C 18 6.27 -48.03 2.21
CA THR C 18 6.30 -47.67 0.80
C THR C 18 5.33 -48.59 0.04
N LEU C 19 4.74 -48.05 -1.02
CA LEU C 19 3.59 -48.64 -1.69
C LEU C 19 3.87 -48.74 -3.18
N THR C 20 3.82 -49.95 -3.70
CA THR C 20 4.37 -50.24 -5.02
C THR C 20 3.44 -51.21 -5.75
N ASN C 21 3.49 -51.21 -7.08
CA ASN C 21 2.92 -52.29 -7.87
C ASN C 21 1.44 -52.53 -7.54
N HIS C 22 0.63 -51.49 -7.77
CA HIS C 22 -0.82 -51.54 -7.65
C HIS C 22 -1.28 -52.02 -6.29
N ASP C 23 -0.46 -51.81 -5.29
CA ASP C 23 -0.66 -52.37 -3.99
C ASP C 23 -1.71 -51.43 -3.34
N ASN C 24 -2.76 -51.92 -2.69
CA ASN C 24 -3.65 -50.94 -2.05
C ASN C 24 -3.31 -50.82 -0.58
N GLN C 25 -3.54 -49.63 -0.03
CA GLN C 25 -3.51 -49.44 1.42
C GLN C 25 -4.81 -48.79 1.85
N ILE C 26 -5.59 -49.46 2.69
CA ILE C 26 -6.84 -48.92 3.20
C ILE C 26 -6.60 -48.48 4.65
N VAL C 27 -6.74 -47.18 4.89
CA VAL C 27 -6.33 -46.55 6.14
C VAL C 27 -7.57 -46.19 6.94
N PHE C 28 -7.80 -46.87 8.05
CA PHE C 28 -8.86 -46.53 8.98
C PHE C 28 -8.36 -45.85 10.24
N GLY C 29 -7.06 -45.98 10.54
CA GLY C 29 -6.44 -45.30 11.64
C GLY C 29 -5.49 -44.26 11.10
N THR C 30 -4.19 -44.49 11.28
CA THR C 30 -3.19 -43.49 10.97
C THR C 30 -2.11 -44.14 10.12
N ALA C 31 -1.63 -43.43 9.08
CA ALA C 31 -0.56 -43.94 8.24
C ALA C 31 0.39 -42.79 7.93
N ASN C 32 1.52 -42.76 8.63
CA ASN C 32 2.47 -41.66 8.51
C ASN C 32 3.70 -42.08 7.72
N GLY C 33 4.31 -41.08 7.08
CA GLY C 33 5.57 -41.25 6.39
C GLY C 33 5.52 -42.17 5.18
N MET C 34 4.33 -42.47 4.69
CA MET C 34 4.22 -43.34 3.54
C MET C 34 4.77 -42.69 2.29
N THR C 35 5.16 -43.54 1.35
CA THR C 35 5.52 -43.14 0.00
C THR C 35 4.59 -43.92 -0.92
N ILE C 36 3.58 -43.25 -1.46
CA ILE C 36 2.70 -43.87 -2.42
C ILE C 36 3.25 -43.60 -3.82
N SER C 37 3.56 -44.69 -4.51
CA SER C 37 4.20 -44.64 -5.83
C SER C 37 3.48 -45.59 -6.80
N THR C 38 2.19 -45.80 -6.60
CA THR C 38 1.40 -46.62 -7.49
C THR C 38 -0.05 -46.21 -7.36
N GLY C 39 -0.86 -46.59 -8.35
CA GLY C 39 -2.27 -46.31 -8.34
C GLY C 39 -2.70 -45.24 -9.32
N LEU C 40 -1.75 -44.56 -9.99
CA LEU C 40 -2.13 -43.55 -10.97
C LEU C 40 -1.30 -43.76 -12.24
N GLU C 41 -0.94 -45.02 -12.53
CA GLU C 41 -0.06 -45.30 -13.65
C GLU C 41 -0.66 -44.85 -14.98
N LEU C 42 -1.98 -44.83 -15.08
CA LEU C 42 -2.68 -44.54 -16.33
C LEU C 42 -3.21 -43.12 -16.42
N GLY C 43 -2.94 -42.26 -15.44
CA GLY C 43 -3.38 -40.89 -15.48
C GLY C 43 -4.75 -40.65 -14.84
N PRO C 44 -5.07 -39.39 -14.56
CA PRO C 44 -6.33 -39.10 -13.87
C PRO C 44 -7.56 -39.49 -14.66
N ASP C 45 -7.50 -39.42 -15.99
CA ASP C 45 -8.68 -39.61 -16.81
C ASP C 45 -8.70 -41.06 -17.31
N SER C 46 -9.26 -41.93 -16.45
CA SER C 46 -9.13 -43.38 -16.48
C SER C 46 -9.86 -44.04 -15.32
N GLU C 47 -10.97 -44.78 -15.55
CA GLU C 47 -11.37 -45.51 -14.35
C GLU C 47 -10.56 -46.77 -14.17
N GLU C 48 -9.64 -47.04 -15.08
CA GLU C 48 -8.93 -48.32 -15.08
C GLU C 48 -7.62 -48.29 -14.25
N ASN C 49 -7.49 -47.44 -13.24
CA ASN C 49 -6.32 -47.51 -12.37
C ASN C 49 -6.54 -48.44 -11.19
N THR C 50 -5.45 -48.92 -10.62
CA THR C 50 -5.48 -49.84 -9.49
C THR C 50 -4.39 -49.46 -8.51
N GLY C 51 -4.74 -49.34 -7.23
CA GLY C 51 -3.74 -49.09 -6.20
C GLY C 51 -3.86 -47.72 -5.59
N GLY C 52 -3.01 -47.48 -4.60
CA GLY C 52 -2.93 -46.21 -3.93
C GLY C 52 -3.25 -46.33 -2.44
N GLN C 53 -3.32 -45.17 -1.80
CA GLN C 53 -3.70 -45.05 -0.41
C GLN C 53 -5.14 -44.55 -0.35
N TRP C 54 -5.95 -45.17 0.49
CA TRP C 54 -7.37 -44.82 0.58
C TRP C 54 -7.64 -44.47 2.03
N ILE C 55 -7.62 -43.17 2.35
CA ILE C 55 -7.99 -42.71 3.69
C ILE C 55 -9.50 -42.71 3.81
N GLN C 56 -10.01 -43.30 4.89
CA GLN C 56 -11.43 -43.53 5.11
C GLN C 56 -11.94 -42.65 6.24
N ASN C 57 -13.26 -42.71 6.48
CA ASN C 57 -13.84 -42.02 7.62
C ASN C 57 -13.00 -42.24 8.88
N GLY C 58 -12.62 -41.14 9.54
CA GLY C 58 -11.80 -41.21 10.73
C GLY C 58 -10.37 -41.62 10.49
N GLY C 59 -9.98 -41.83 9.24
CA GLY C 59 -8.61 -42.07 8.89
C GLY C 59 -7.81 -40.79 8.73
N ILE C 60 -6.50 -40.92 8.90
CA ILE C 60 -5.54 -39.84 8.82
C ILE C 60 -4.28 -40.35 8.14
N ALA C 61 -3.64 -39.48 7.36
CA ALA C 61 -2.38 -39.79 6.70
C ALA C 61 -1.48 -38.57 6.81
N GLY C 62 -0.35 -38.71 7.48
CA GLY C 62 0.55 -37.60 7.75
C GLY C 62 1.91 -37.80 7.12
N ASN C 63 2.54 -36.69 6.71
CA ASN C 63 3.87 -36.69 6.10
C ASN C 63 3.97 -37.70 4.96
N THR C 64 2.87 -37.84 4.23
CA THR C 64 2.82 -38.72 3.08
C THR C 64 3.50 -38.06 1.89
N THR C 65 4.15 -38.87 1.06
CA THR C 65 4.68 -38.41 -0.22
C THR C 65 4.07 -39.22 -1.35
N VAL C 66 3.28 -38.54 -2.20
CA VAL C 66 2.74 -39.14 -3.40
C VAL C 66 3.64 -38.74 -4.55
N THR C 67 4.35 -39.72 -5.11
CA THR C 67 5.33 -39.51 -6.18
C THR C 67 4.75 -39.95 -7.52
N THR C 68 5.59 -39.88 -8.53
CA THR C 68 5.19 -40.24 -9.87
C THR C 68 4.51 -41.61 -9.88
N ASN C 69 3.35 -41.68 -10.55
CA ASN C 69 2.44 -42.82 -10.66
C ASN C 69 1.62 -43.09 -9.40
N GLY C 70 1.63 -42.18 -8.42
CA GLY C 70 0.96 -42.41 -7.15
C GLY C 70 -0.41 -41.74 -7.09
N ARG C 71 -1.35 -42.43 -6.47
CA ARG C 71 -2.70 -41.92 -6.29
C ARG C 71 -3.04 -42.01 -4.81
N GLN C 72 -3.29 -40.88 -4.18
CA GLN C 72 -3.82 -40.84 -2.83
C GLN C 72 -5.29 -40.42 -2.93
N VAL C 73 -6.19 -41.25 -2.41
CA VAL C 73 -7.62 -40.96 -2.42
C VAL C 73 -8.06 -40.69 -1.00
N VAL C 74 -8.50 -39.48 -0.73
CA VAL C 74 -9.06 -39.14 0.56
C VAL C 74 -10.58 -39.14 0.42
N LEU C 75 -11.24 -40.12 1.03
CA LEU C 75 -12.69 -40.22 1.00
C LEU C 75 -13.27 -39.38 2.12
N GLU C 76 -14.53 -38.96 1.96
CA GLU C 76 -15.07 -37.95 2.87
C GLU C 76 -14.97 -38.42 4.31
N GLY C 77 -14.70 -37.47 5.20
CA GLY C 77 -14.37 -37.76 6.58
C GLY C 77 -12.96 -38.30 6.80
N GLY C 78 -12.15 -38.43 5.75
CA GLY C 78 -10.74 -38.73 5.93
C GLY C 78 -9.91 -37.48 5.95
N THR C 79 -8.67 -37.61 6.44
CA THR C 79 -7.77 -36.49 6.59
C THR C 79 -6.38 -36.85 6.08
N ALA C 80 -5.79 -35.95 5.30
CA ALA C 80 -4.41 -36.06 4.84
C ALA C 80 -3.71 -34.74 5.15
N SER C 81 -2.80 -34.74 6.12
CA SER C 81 -2.07 -33.53 6.45
C SER C 81 -0.60 -33.65 6.09
N ASP C 82 -0.02 -32.50 5.73
CA ASP C 82 1.41 -32.36 5.43
C ASP C 82 1.82 -33.33 4.32
N THR C 83 1.10 -33.24 3.22
CA THR C 83 1.28 -34.17 2.12
C THR C 83 2.05 -33.49 1.00
N VAL C 84 2.92 -34.26 0.35
CA VAL C 84 3.68 -33.82 -0.81
C VAL C 84 3.18 -34.58 -2.04
N ILE C 85 2.70 -33.85 -3.05
CA ILE C 85 2.38 -34.42 -4.36
C ILE C 85 3.44 -33.95 -5.35
N ARG C 86 4.02 -34.90 -6.07
CA ARG C 86 5.33 -34.77 -6.66
C ARG C 86 5.32 -35.42 -8.03
N ASP C 87 6.09 -34.84 -8.96
CA ASP C 87 6.57 -35.56 -10.15
C ASP C 87 5.47 -36.28 -10.91
N GLY C 88 4.24 -35.75 -10.86
CA GLY C 88 3.13 -36.30 -11.58
C GLY C 88 2.12 -37.10 -10.78
N GLY C 89 2.34 -37.24 -9.46
CA GLY C 89 1.36 -37.91 -8.61
C GLY C 89 0.11 -37.07 -8.46
N GLY C 90 -0.91 -37.68 -7.88
CA GLY C 90 -2.19 -37.01 -7.71
C GLY C 90 -2.88 -37.42 -6.43
N GLN C 91 -3.57 -36.44 -5.82
CA GLN C 91 -4.43 -36.69 -4.68
C GLN C 91 -5.86 -36.34 -5.06
N SER C 92 -6.74 -37.33 -5.02
CA SER C 92 -8.17 -37.12 -5.23
C SER C 92 -8.82 -36.91 -3.87
N LEU C 93 -9.31 -35.69 -3.62
CA LEU C 93 -9.70 -35.23 -2.29
C LEU C 93 -11.21 -35.08 -2.20
N ASN C 94 -11.85 -35.95 -1.41
CA ASN C 94 -13.25 -35.81 -1.07
C ASN C 94 -13.49 -35.43 0.38
N GLY C 95 -12.49 -35.63 1.24
CA GLY C 95 -12.56 -35.23 2.63
C GLY C 95 -11.74 -33.98 2.90
N LEU C 96 -10.81 -34.06 3.85
CA LEU C 96 -10.02 -32.91 4.26
C LEU C 96 -8.55 -33.14 3.94
N ALA C 97 -7.96 -32.19 3.21
CA ALA C 97 -6.51 -32.13 3.02
C ALA C 97 -6.01 -30.80 3.57
N VAL C 98 -5.00 -30.85 4.44
CA VAL C 98 -4.46 -29.65 5.05
C VAL C 98 -2.94 -29.64 4.88
N ASN C 99 -2.39 -28.51 4.43
CA ASN C 99 -0.96 -28.33 4.18
C ASN C 99 -0.43 -29.32 3.13
N THR C 100 -0.86 -29.16 1.89
CA THR C 100 -0.34 -29.99 0.81
C THR C 100 0.60 -29.15 -0.03
N THR C 101 1.59 -29.80 -0.66
CA THR C 101 2.56 -29.14 -1.54
C THR C 101 2.59 -29.85 -2.88
N LEU C 102 2.69 -29.08 -3.98
CA LEU C 102 2.65 -29.66 -5.32
C LEU C 102 3.82 -29.15 -6.17
N ASN C 103 4.68 -30.06 -6.62
CA ASN C 103 5.74 -29.75 -7.59
C ASN C 103 5.56 -30.63 -8.82
N ASN C 104 6.04 -30.13 -9.95
CA ASN C 104 6.36 -30.98 -11.10
C ASN C 104 5.18 -31.83 -11.54
N ARG C 105 4.14 -31.14 -11.98
CA ARG C 105 2.94 -31.74 -12.56
C ARG C 105 2.18 -32.64 -11.59
N GLY C 106 2.42 -32.52 -10.29
CA GLY C 106 1.59 -33.18 -9.30
C GLY C 106 0.26 -32.45 -9.16
N GLU C 107 -0.82 -33.22 -9.08
CA GLU C 107 -2.15 -32.65 -9.14
C GLU C 107 -2.92 -32.90 -7.85
N GLN C 108 -3.84 -32.00 -7.53
CA GLN C 108 -4.82 -32.24 -6.48
C GLN C 108 -6.21 -31.81 -6.95
N TRP C 109 -7.11 -32.78 -7.07
CA TRP C 109 -8.50 -32.48 -7.37
C TRP C 109 -9.31 -32.37 -6.09
N VAL C 110 -9.96 -31.22 -5.91
CA VAL C 110 -10.91 -31.01 -4.81
C VAL C 110 -12.31 -31.24 -5.37
N HIS C 111 -12.91 -32.38 -5.00
CA HIS C 111 -14.22 -32.77 -5.52
C HIS C 111 -15.33 -32.18 -4.64
N GLU C 112 -16.58 -32.62 -4.87
CA GLU C 112 -17.69 -32.11 -4.09
C GLU C 112 -17.54 -32.50 -2.62
N GLY C 113 -17.67 -31.50 -1.74
CA GLY C 113 -17.53 -31.70 -0.31
C GLY C 113 -16.11 -31.69 0.17
N GLY C 114 -15.14 -31.71 -0.74
CA GLY C 114 -13.75 -31.68 -0.34
C GLY C 114 -13.29 -30.29 0.04
N VAL C 115 -12.34 -30.24 0.96
CA VAL C 115 -11.80 -28.99 1.45
C VAL C 115 -10.28 -29.14 1.51
N ALA C 116 -9.58 -28.29 0.78
CA ALA C 116 -8.13 -28.27 0.74
C ALA C 116 -7.65 -26.97 1.39
N THR C 117 -6.93 -27.11 2.50
CA THR C 117 -6.40 -25.97 3.25
C THR C 117 -4.90 -25.84 3.06
N GLY C 118 -4.47 -24.61 2.80
CA GLY C 118 -3.05 -24.33 2.79
C GLY C 118 -2.30 -25.03 1.68
N THR C 119 -2.95 -25.29 0.56
CA THR C 119 -2.24 -25.91 -0.55
C THR C 119 -1.21 -24.94 -1.11
N ILE C 120 -0.01 -25.44 -1.37
CA ILE C 120 1.05 -24.66 -1.99
C ILE C 120 1.28 -25.22 -3.37
N ILE C 121 1.07 -24.40 -4.39
CA ILE C 121 1.21 -24.84 -5.78
C ILE C 121 2.54 -24.29 -6.27
N ASN C 122 3.60 -25.09 -6.07
CA ASN C 122 4.94 -24.77 -6.55
C ASN C 122 5.03 -25.12 -8.05
N ARG C 123 6.25 -25.02 -8.60
CA ARG C 123 6.52 -25.12 -10.04
C ARG C 123 5.72 -26.21 -10.71
N ASP C 124 4.81 -25.81 -11.60
CA ASP C 124 4.11 -26.68 -12.54
C ASP C 124 3.20 -27.71 -11.86
N GLY C 125 2.81 -27.48 -10.59
CA GLY C 125 1.73 -28.25 -10.00
C GLY C 125 0.37 -27.69 -10.39
N TYR C 126 -0.68 -28.44 -10.02
CA TYR C 126 -2.03 -28.12 -10.49
C TYR C 126 -3.05 -28.53 -9.43
N GLN C 127 -3.85 -27.56 -8.98
CA GLN C 127 -4.99 -27.79 -8.08
C GLN C 127 -6.24 -27.43 -8.88
N SER C 128 -7.07 -28.43 -9.16
CA SER C 128 -8.38 -28.23 -9.78
C SER C 128 -9.45 -28.33 -8.70
N VAL C 129 -10.10 -27.21 -8.39
CA VAL C 129 -11.21 -27.17 -7.44
C VAL C 129 -12.50 -27.39 -8.23
N LYS C 130 -13.00 -28.62 -8.22
CA LYS C 130 -14.24 -28.96 -8.88
C LYS C 130 -15.39 -28.26 -8.18
N SER C 131 -16.51 -28.09 -8.90
CA SER C 131 -17.65 -27.42 -8.29
C SER C 131 -18.20 -28.26 -7.13
N GLY C 132 -18.60 -27.57 -6.07
CA GLY C 132 -18.92 -28.19 -4.80
C GLY C 132 -17.75 -28.29 -3.85
N GLY C 133 -16.52 -28.14 -4.34
CA GLY C 133 -15.34 -28.21 -3.50
C GLY C 133 -14.82 -26.84 -3.10
N LEU C 134 -14.03 -26.82 -2.04
CA LEU C 134 -13.54 -25.58 -1.46
C LEU C 134 -12.04 -25.65 -1.24
N ALA C 135 -11.32 -24.68 -1.79
CA ALA C 135 -9.90 -24.51 -1.53
C ALA C 135 -9.72 -23.22 -0.76
N THR C 136 -9.05 -23.29 0.38
CA THR C 136 -8.93 -22.15 1.27
C THR C 136 -7.48 -21.95 1.69
N GLY C 137 -7.03 -20.70 1.71
CA GLY C 137 -5.64 -20.44 2.06
C GLY C 137 -4.66 -20.99 1.06
N THR C 138 -5.03 -21.03 -0.22
CA THR C 138 -4.12 -21.51 -1.23
C THR C 138 -3.05 -20.47 -1.56
N ILE C 139 -1.86 -20.95 -1.92
CA ILE C 139 -0.74 -20.11 -2.36
C ILE C 139 -0.26 -20.60 -3.72
N ILE C 140 -0.38 -19.76 -4.75
CA ILE C 140 -0.04 -20.18 -6.12
C ILE C 140 1.30 -19.57 -6.52
N ASN C 141 2.26 -20.44 -6.84
CA ASN C 141 3.59 -20.05 -7.28
C ASN C 141 3.90 -20.48 -8.70
N THR C 142 2.89 -20.88 -9.47
CA THR C 142 3.09 -21.39 -10.81
C THR C 142 1.84 -21.15 -11.65
N GLY C 143 1.97 -21.44 -12.94
CA GLY C 143 0.89 -21.38 -13.88
C GLY C 143 0.92 -20.16 -14.76
N ALA C 144 1.38 -19.04 -14.20
CA ALA C 144 1.37 -17.77 -14.91
C ALA C 144 2.70 -17.45 -15.54
N GLU C 145 3.67 -18.35 -15.45
CA GLU C 145 4.92 -18.22 -16.19
C GLU C 145 4.61 -17.98 -17.66
N GLY C 146 5.36 -17.09 -18.28
CA GLY C 146 5.00 -16.77 -19.64
C GLY C 146 3.93 -15.71 -19.78
N GLY C 147 3.58 -15.02 -18.70
CA GLY C 147 2.89 -13.75 -18.77
C GLY C 147 1.46 -13.79 -19.25
N PRO C 148 0.96 -12.63 -19.70
CA PRO C 148 -0.47 -12.52 -20.04
C PRO C 148 -0.87 -13.25 -21.32
N ASP C 149 0.09 -13.59 -22.18
CA ASP C 149 -0.24 -14.19 -23.47
C ASP C 149 -0.22 -15.71 -23.47
N SER C 150 0.25 -16.34 -22.39
CA SER C 150 0.08 -17.77 -22.27
C SER C 150 -1.36 -18.06 -21.84
N ASP C 151 -1.96 -19.01 -22.55
CA ASP C 151 -3.30 -19.55 -22.45
C ASP C 151 -3.41 -20.55 -21.33
N ASN C 152 -2.30 -20.82 -20.66
CA ASN C 152 -2.15 -21.96 -19.77
C ASN C 152 -3.34 -22.09 -18.84
N SER C 153 -4.00 -23.24 -18.93
CA SER C 153 -4.94 -23.65 -17.90
C SER C 153 -4.49 -24.92 -17.21
N TYR C 154 -3.25 -25.36 -17.49
CA TYR C 154 -2.75 -26.68 -17.15
C TYR C 154 -2.02 -26.74 -15.82
N THR C 155 -1.58 -25.60 -15.29
CA THR C 155 -0.97 -25.55 -13.97
C THR C 155 -1.44 -24.29 -13.24
N GLY C 156 -1.41 -24.33 -11.93
CA GLY C 156 -1.92 -23.24 -11.16
C GLY C 156 -3.13 -23.73 -10.40
N GLN C 157 -4.04 -22.83 -10.08
CA GLN C 157 -5.33 -23.19 -9.51
C GLN C 157 -6.42 -22.93 -10.54
N LYS C 158 -7.26 -23.95 -10.78
CA LYS C 158 -8.43 -23.81 -11.63
C LYS C 158 -9.67 -24.07 -10.77
N VAL C 159 -10.65 -23.16 -10.84
CA VAL C 159 -11.75 -23.11 -9.89
C VAL C 159 -13.07 -23.25 -10.64
N GLN C 160 -13.77 -24.37 -10.42
CA GLN C 160 -15.19 -24.45 -10.70
C GLN C 160 -16.04 -24.30 -9.45
N GLY C 161 -15.49 -24.66 -8.29
CA GLY C 161 -16.13 -24.40 -7.01
C GLY C 161 -15.78 -23.07 -6.38
N THR C 162 -15.13 -23.13 -5.21
CA THR C 162 -14.90 -21.96 -4.40
C THR C 162 -13.45 -21.92 -3.94
N ALA C 163 -12.85 -20.74 -4.03
CA ALA C 163 -11.54 -20.46 -3.48
C ALA C 163 -11.65 -19.23 -2.60
N GLU C 164 -11.34 -19.37 -1.33
CA GLU C 164 -11.33 -18.24 -0.41
C GLU C 164 -9.91 -18.02 0.10
N SER C 165 -9.59 -16.75 0.33
CA SER C 165 -8.29 -16.32 0.87
C SER C 165 -7.13 -16.96 0.12
N THR C 166 -7.01 -16.56 -1.15
CA THR C 166 -5.99 -17.08 -2.04
C THR C 166 -4.92 -16.03 -2.25
N THR C 167 -3.66 -16.45 -2.08
CA THR C 167 -2.52 -15.58 -2.33
C THR C 167 -1.84 -16.00 -3.62
N ILE C 168 -1.68 -15.06 -4.56
CA ILE C 168 -1.05 -15.35 -5.84
C ILE C 168 0.30 -14.63 -5.91
N ASN C 169 1.39 -15.40 -6.03
CA ASN C 169 2.72 -14.82 -6.06
C ASN C 169 3.24 -14.71 -7.49
N LYS C 170 4.48 -14.19 -7.63
CA LYS C 170 5.16 -14.17 -8.92
C LYS C 170 5.00 -15.53 -9.60
N ASN C 171 4.66 -15.49 -10.89
CA ASN C 171 4.42 -16.67 -11.73
C ASN C 171 3.13 -17.41 -11.37
N GLY C 172 2.34 -16.92 -10.42
CA GLY C 172 1.15 -17.63 -9.99
C GLY C 172 -0.07 -17.27 -10.84
N ARG C 173 -0.91 -18.27 -11.09
CA ARG C 173 -2.11 -18.03 -11.88
C ARG C 173 -3.32 -18.72 -11.24
N GLN C 174 -4.46 -18.05 -11.30
CA GLN C 174 -5.72 -18.66 -10.89
C GLN C 174 -6.74 -18.45 -12.00
N ILE C 175 -7.35 -19.54 -12.47
CA ILE C 175 -8.45 -19.43 -13.44
C ILE C 175 -9.75 -19.81 -12.76
N ILE C 176 -10.73 -18.92 -12.88
CA ILE C 176 -12.06 -19.02 -12.30
C ILE C 176 -13.01 -19.19 -13.46
N LEU C 177 -13.59 -20.38 -13.61
CA LEU C 177 -14.50 -20.65 -14.71
C LEU C 177 -15.90 -20.12 -14.38
N PHE C 178 -16.83 -20.25 -15.35
CA PHE C 178 -18.20 -19.77 -15.18
C PHE C 178 -18.77 -20.13 -13.81
N SER C 179 -18.53 -21.35 -13.36
CA SER C 179 -19.11 -21.86 -12.13
C SER C 179 -18.51 -21.22 -10.89
N GLY C 180 -17.27 -20.71 -10.98
CA GLY C 180 -16.44 -20.54 -9.80
C GLY C 180 -16.59 -19.20 -9.11
N LEU C 181 -16.11 -19.16 -7.86
CA LEU C 181 -16.09 -17.95 -7.05
C LEU C 181 -14.72 -17.84 -6.38
N ALA C 182 -14.04 -16.72 -6.59
CA ALA C 182 -12.88 -16.39 -5.77
C ALA C 182 -13.28 -15.29 -4.79
N ARG C 183 -13.13 -15.58 -3.52
CA ARG C 183 -13.39 -14.64 -2.45
C ARG C 183 -12.08 -14.31 -1.75
N ASP C 184 -11.81 -13.01 -1.59
CA ASP C 184 -10.68 -12.52 -0.78
C ASP C 184 -9.33 -12.97 -1.34
N THR C 185 -9.02 -12.50 -2.56
CA THR C 185 -7.79 -12.82 -3.25
C THR C 185 -6.80 -11.67 -3.23
N LEU C 186 -5.53 -12.01 -2.98
CA LEU C 186 -4.43 -11.06 -3.01
C LEU C 186 -3.46 -11.50 -4.10
N ILE C 187 -3.26 -10.68 -5.14
CA ILE C 187 -2.45 -11.05 -6.30
C ILE C 187 -1.22 -10.16 -6.39
N TYR C 188 -0.04 -10.74 -6.14
CA TYR C 188 1.20 -9.98 -6.13
C TYR C 188 1.77 -9.80 -7.55
N ALA C 189 2.82 -8.98 -7.62
CA ALA C 189 3.44 -8.63 -8.89
C ALA C 189 4.00 -9.87 -9.57
N GLY C 190 3.59 -10.09 -10.81
CA GLY C 190 4.03 -11.24 -11.57
C GLY C 190 3.04 -12.39 -11.61
N GLY C 191 1.93 -12.31 -10.88
CA GLY C 191 0.86 -13.28 -10.97
C GLY C 191 -0.39 -12.67 -11.60
N ASP C 192 -1.38 -13.53 -11.84
CA ASP C 192 -2.62 -13.03 -12.44
C ASP C 192 -3.77 -13.98 -12.17
N GLN C 193 -4.97 -13.51 -12.51
CA GLN C 193 -6.22 -14.22 -12.30
C GLN C 193 -7.14 -14.03 -13.50
N SER C 194 -7.65 -15.13 -14.02
CA SER C 194 -8.59 -15.12 -15.14
C SER C 194 -10.00 -15.33 -14.57
N VAL C 195 -10.89 -14.35 -14.75
CA VAL C 195 -12.23 -14.40 -14.17
C VAL C 195 -13.26 -14.70 -15.27
N HIS C 196 -13.76 -15.93 -15.27
CA HIS C 196 -14.91 -16.27 -16.10
C HIS C 196 -16.20 -16.39 -15.30
N GLY C 197 -16.10 -16.63 -14.00
CA GLY C 197 -17.26 -16.59 -13.14
C GLY C 197 -17.25 -15.29 -12.38
N ARG C 198 -16.77 -15.33 -11.15
CA ARG C 198 -16.95 -14.17 -10.29
C ARG C 198 -15.85 -14.11 -9.23
N ALA C 199 -15.29 -12.93 -9.11
CA ALA C 199 -14.24 -12.65 -8.15
C ALA C 199 -14.72 -11.55 -7.22
N LEU C 200 -14.51 -11.73 -5.93
CA LEU C 200 -14.97 -10.79 -4.94
C LEU C 200 -13.79 -10.42 -4.05
N ASN C 201 -13.58 -9.11 -3.87
CA ASN C 201 -12.61 -8.57 -2.92
C ASN C 201 -11.15 -8.91 -3.31
N THR C 202 -10.75 -8.42 -4.46
CA THR C 202 -9.44 -8.76 -5.00
C THR C 202 -8.51 -7.56 -4.85
N THR C 203 -7.26 -7.81 -4.45
CA THR C 203 -6.27 -6.75 -4.26
C THR C 203 -5.06 -7.02 -5.16
N LEU C 204 -4.89 -6.19 -6.19
CA LEU C 204 -3.78 -6.29 -7.13
C LEU C 204 -2.58 -5.50 -6.62
N ASN C 205 -1.72 -6.15 -5.84
CA ASN C 205 -0.46 -5.53 -5.43
C ASN C 205 0.60 -5.83 -6.50
N GLY C 206 0.40 -5.21 -7.66
CA GLY C 206 1.23 -5.45 -8.82
C GLY C 206 0.78 -6.57 -9.73
N GLY C 207 -0.35 -7.22 -9.41
CA GLY C 207 -0.85 -8.34 -10.18
C GLY C 207 -1.96 -7.94 -11.15
N TYR C 208 -2.38 -8.94 -11.95
CA TYR C 208 -3.22 -8.71 -13.11
C TYR C 208 -4.55 -9.44 -12.95
N GLN C 209 -5.62 -8.76 -13.36
CA GLN C 209 -6.95 -9.36 -13.36
C GLN C 209 -7.55 -9.19 -14.74
N TYR C 210 -7.89 -10.32 -15.37
CA TYR C 210 -8.58 -10.33 -16.66
C TYR C 210 -10.05 -10.65 -16.36
N VAL C 211 -10.98 -9.83 -16.83
CA VAL C 211 -12.40 -10.15 -16.68
C VAL C 211 -12.97 -10.40 -18.08
N HIS C 212 -13.36 -11.63 -18.38
CA HIS C 212 -13.84 -11.98 -19.71
C HIS C 212 -15.38 -11.88 -19.81
N ARG C 213 -15.92 -12.26 -20.97
CA ARG C 213 -17.35 -12.34 -21.20
C ARG C 213 -18.05 -13.05 -20.05
N ASP C 214 -19.07 -12.39 -19.49
CA ASP C 214 -19.90 -12.88 -18.40
C ASP C 214 -19.13 -13.07 -17.11
N GLY C 215 -17.95 -12.47 -17.02
CA GLY C 215 -17.20 -12.48 -15.79
C GLY C 215 -17.58 -11.29 -14.92
N LEU C 216 -17.59 -11.50 -13.62
CA LEU C 216 -18.06 -10.50 -12.68
C LEU C 216 -16.98 -10.27 -11.63
N ALA C 217 -16.52 -9.03 -11.52
CA ALA C 217 -15.53 -8.64 -10.54
C ALA C 217 -16.13 -7.59 -9.62
N LEU C 218 -16.00 -7.78 -8.31
CA LEU C 218 -16.56 -6.86 -7.33
C LEU C 218 -15.46 -6.52 -6.33
N ASN C 219 -15.26 -5.22 -6.07
CA ASN C 219 -14.36 -4.71 -5.01
C ASN C 219 -12.89 -5.05 -5.29
N THR C 220 -12.42 -4.62 -6.47
CA THR C 220 -11.03 -4.79 -6.82
C THR C 220 -10.28 -3.52 -6.49
N VAL C 221 -9.13 -3.67 -5.87
CA VAL C 221 -8.24 -2.55 -5.52
C VAL C 221 -6.96 -2.68 -6.32
N ILE C 222 -6.68 -1.72 -7.20
CA ILE C 222 -5.49 -1.75 -8.04
C ILE C 222 -4.41 -0.87 -7.40
N ASN C 223 -3.37 -1.47 -6.86
CA ASN C 223 -2.24 -0.72 -6.32
C ASN C 223 -1.11 -0.62 -7.36
N GLU C 224 0.02 -0.01 -6.98
CA GLU C 224 1.04 0.30 -7.97
C GLU C 224 1.46 -0.94 -8.74
N GLY C 225 1.35 -0.84 -10.07
CA GLY C 225 1.76 -1.89 -10.95
C GLY C 225 0.69 -2.91 -11.25
N GLY C 226 -0.45 -2.86 -10.54
CA GLY C 226 -1.56 -3.74 -10.85
C GLY C 226 -2.39 -3.31 -12.07
N TRP C 227 -3.17 -4.26 -12.57
CA TRP C 227 -3.89 -4.09 -13.81
C TRP C 227 -5.20 -4.86 -13.76
N GLN C 228 -6.30 -4.17 -14.03
CA GLN C 228 -7.61 -4.80 -14.16
C GLN C 228 -8.05 -4.59 -15.58
N VAL C 229 -8.24 -5.67 -16.32
CA VAL C 229 -8.62 -5.60 -17.72
C VAL C 229 -10.00 -6.19 -17.87
N VAL C 230 -10.95 -5.36 -18.30
CA VAL C 230 -12.34 -5.75 -18.51
C VAL C 230 -12.50 -5.93 -20.02
N LYS C 231 -12.60 -7.18 -20.45
CA LYS C 231 -12.82 -7.44 -21.86
C LYS C 231 -14.31 -7.37 -22.19
N ALA C 232 -14.60 -7.33 -23.49
CA ALA C 232 -15.97 -7.28 -23.95
C ALA C 232 -16.81 -8.34 -23.25
N GLY C 233 -17.93 -7.91 -22.68
CA GLY C 233 -18.81 -8.81 -21.97
C GLY C 233 -18.52 -8.97 -20.50
N GLY C 234 -17.45 -8.36 -19.98
CA GLY C 234 -17.17 -8.44 -18.57
C GLY C 234 -17.77 -7.27 -17.80
N ALA C 235 -17.79 -7.41 -16.47
CA ALA C 235 -18.28 -6.34 -15.65
C ALA C 235 -17.45 -6.20 -14.38
N ALA C 236 -17.14 -4.95 -14.02
CA ALA C 236 -16.48 -4.65 -12.76
C ALA C 236 -17.36 -3.72 -11.93
N GLY C 237 -17.49 -4.02 -10.64
CA GLY C 237 -18.13 -3.07 -9.75
C GLY C 237 -17.24 -2.63 -8.61
N ASN C 238 -17.12 -1.32 -8.41
CA ASN C 238 -16.44 -0.75 -7.24
C ASN C 238 -14.93 -1.00 -7.29
N THR C 239 -14.35 -0.80 -8.48
CA THR C 239 -12.91 -0.93 -8.65
C THR C 239 -12.25 0.38 -8.26
N THR C 240 -11.24 0.30 -7.40
CA THR C 240 -10.45 1.44 -7.00
C THR C 240 -9.13 1.48 -7.77
N ILE C 241 -8.85 2.61 -8.40
CA ILE C 241 -7.60 2.82 -9.11
C ILE C 241 -6.70 3.68 -8.20
N ASN C 242 -5.73 3.06 -7.56
CA ASN C 242 -4.78 3.83 -6.80
C ASN C 242 -3.64 4.28 -7.70
N GLN C 243 -2.63 4.92 -7.11
CA GLN C 243 -1.54 5.47 -7.90
C GLN C 243 -0.76 4.38 -8.64
N ASN C 244 -0.41 4.68 -9.90
CA ASN C 244 0.39 3.79 -10.76
C ASN C 244 -0.23 2.41 -10.90
N GLY C 245 -1.55 2.34 -10.85
CA GLY C 245 -2.28 1.18 -11.29
C GLY C 245 -3.08 1.55 -12.52
N GLU C 246 -3.61 0.54 -13.18
CA GLU C 246 -4.36 0.84 -14.40
C GLU C 246 -5.61 -0.01 -14.49
N LEU C 247 -6.72 0.66 -14.80
CA LEU C 247 -7.97 0.01 -15.17
C LEU C 247 -8.11 0.18 -16.67
N ARG C 248 -8.42 -0.91 -17.36
CA ARG C 248 -8.50 -0.86 -18.82
C ARG C 248 -9.77 -1.57 -19.25
N VAL C 249 -10.64 -0.84 -19.95
CA VAL C 249 -11.97 -1.31 -20.28
C VAL C 249 -12.06 -1.35 -21.79
N HIS C 250 -12.03 -2.57 -22.33
CA HIS C 250 -12.18 -2.74 -23.77
C HIS C 250 -13.56 -2.31 -24.22
N ALA C 251 -13.74 -2.25 -25.53
CA ALA C 251 -15.05 -1.96 -26.08
C ALA C 251 -16.00 -3.12 -25.80
N GLY C 252 -17.10 -2.81 -25.13
CA GLY C 252 -18.07 -3.81 -24.77
C GLY C 252 -18.01 -4.30 -23.34
N GLY C 253 -17.01 -3.90 -22.57
CA GLY C 253 -16.93 -4.23 -21.17
C GLY C 253 -17.41 -3.06 -20.35
N GLU C 254 -17.84 -3.32 -19.11
CA GLU C 254 -18.42 -2.21 -18.39
C GLU C 254 -17.82 -2.26 -16.98
N ALA C 255 -17.41 -1.11 -16.47
CA ALA C 255 -16.91 -0.99 -15.12
C ALA C 255 -17.61 0.18 -14.46
N THR C 256 -18.35 -0.10 -13.39
CA THR C 256 -19.19 0.89 -12.75
C THR C 256 -18.71 1.12 -11.33
N ALA C 257 -18.98 2.31 -10.80
CA ALA C 257 -18.60 2.70 -9.45
C ALA C 257 -17.08 2.72 -9.26
N VAL C 258 -16.40 3.31 -10.25
CA VAL C 258 -14.94 3.35 -10.23
C VAL C 258 -14.49 4.55 -9.41
N THR C 259 -13.68 4.29 -8.41
CA THR C 259 -12.97 5.32 -7.67
C THR C 259 -11.60 5.44 -8.33
N GLN C 260 -11.44 6.45 -9.17
CA GLN C 260 -10.15 6.69 -9.82
C GLN C 260 -9.36 7.71 -9.00
N ASN C 261 -8.53 7.19 -8.09
CA ASN C 261 -7.71 8.09 -7.28
C ASN C 261 -6.66 8.81 -8.12
N THR C 262 -6.14 9.85 -7.51
CA THR C 262 -5.13 10.69 -8.12
C THR C 262 -3.87 9.87 -8.35
N GLY C 263 -3.40 9.83 -9.59
CA GLY C 263 -2.39 8.88 -10.03
C GLY C 263 -2.93 7.64 -10.73
N GLY C 264 -4.24 7.49 -10.84
CA GLY C 264 -4.80 6.29 -11.43
C GLY C 264 -4.93 6.36 -12.94
N ALA C 265 -4.58 5.26 -13.59
CA ALA C 265 -4.57 5.18 -15.04
C ALA C 265 -5.84 4.52 -15.56
N LEU C 266 -6.64 5.28 -16.31
CA LEU C 266 -7.80 4.76 -16.98
C LEU C 266 -7.50 4.68 -18.47
N VAL C 267 -7.69 3.50 -19.04
CA VAL C 267 -7.39 3.23 -20.45
C VAL C 267 -8.67 2.65 -21.02
N THR C 268 -9.33 3.40 -21.89
CA THR C 268 -10.62 2.95 -22.39
C THR C 268 -10.98 3.80 -23.60
N SER C 269 -12.18 3.57 -24.13
CA SER C 269 -12.65 4.30 -25.31
C SER C 269 -14.15 4.53 -25.19
N THR C 270 -14.65 5.44 -26.04
CA THR C 270 -16.06 5.81 -25.99
C THR C 270 -16.96 4.63 -26.31
N ALA C 271 -16.40 3.57 -26.91
CA ALA C 271 -17.09 2.31 -27.19
C ALA C 271 -17.23 1.40 -25.96
N ALA C 272 -16.91 1.87 -24.77
CA ALA C 272 -17.07 1.09 -23.57
C ALA C 272 -18.01 1.81 -22.62
N THR C 273 -18.14 1.26 -21.41
CA THR C 273 -18.95 1.88 -20.37
C THR C 273 -18.15 1.95 -19.07
N VAL C 274 -17.87 3.18 -18.62
CA VAL C 274 -17.10 3.41 -17.40
C VAL C 274 -17.72 4.58 -16.66
N ILE C 275 -18.20 4.34 -15.43
CA ILE C 275 -18.81 5.34 -14.57
C ILE C 275 -17.99 5.45 -13.29
N GLY C 276 -17.87 6.67 -12.75
CA GLY C 276 -17.17 6.79 -11.48
C GLY C 276 -16.83 8.23 -11.10
N THR C 277 -15.83 8.35 -10.22
CA THR C 277 -15.31 9.61 -9.72
C THR C 277 -13.80 9.65 -9.88
N ASN C 278 -13.26 10.74 -10.43
CA ASN C 278 -11.84 11.01 -10.37
C ASN C 278 -11.58 12.20 -9.45
N ARG C 279 -10.31 12.60 -9.37
CA ARG C 279 -9.93 13.65 -8.42
C ARG C 279 -10.50 15.02 -8.80
N LEU C 280 -11.21 15.15 -9.92
CA LEU C 280 -11.91 16.40 -10.21
C LEU C 280 -13.39 16.31 -9.91
N GLY C 281 -14.02 15.19 -10.21
CA GLY C 281 -15.43 15.03 -9.89
C GLY C 281 -15.96 13.75 -10.49
N ASN C 282 -17.28 13.74 -10.70
CA ASN C 282 -17.92 12.61 -11.34
C ASN C 282 -17.49 12.57 -12.81
N PHE C 283 -17.39 11.35 -13.37
CA PHE C 283 -17.06 11.18 -14.78
C PHE C 283 -17.89 10.04 -15.33
N THR C 284 -18.05 10.04 -16.66
CA THR C 284 -18.98 9.14 -17.34
C THR C 284 -18.46 8.86 -18.74
N VAL C 285 -18.37 7.58 -19.08
CA VAL C 285 -18.16 7.16 -20.46
C VAL C 285 -19.26 6.15 -20.75
N GLU C 286 -20.22 6.54 -21.61
CA GLU C 286 -21.41 5.73 -21.85
C GLU C 286 -22.00 6.12 -23.19
N ASN C 287 -22.36 5.12 -23.99
CA ASN C 287 -23.10 5.35 -25.24
C ASN C 287 -22.37 6.33 -26.18
N GLY C 288 -21.06 6.20 -26.27
CA GLY C 288 -20.31 7.07 -27.16
C GLY C 288 -20.12 8.49 -26.67
N LYS C 289 -20.30 8.74 -25.39
CA LYS C 289 -20.33 10.09 -24.85
C LYS C 289 -19.40 10.06 -23.64
N ALA C 290 -18.38 10.92 -23.61
CA ALA C 290 -17.50 10.98 -22.45
C ALA C 290 -17.60 12.36 -21.80
N ASP C 291 -17.69 12.39 -20.47
CA ASP C 291 -17.73 13.66 -19.74
C ASP C 291 -16.97 13.53 -18.43
N GLY C 292 -15.91 14.33 -18.27
CA GLY C 292 -15.21 14.49 -17.01
C GLY C 292 -14.02 13.59 -16.79
N VAL C 293 -13.52 12.95 -17.84
CA VAL C 293 -12.46 11.95 -17.71
C VAL C 293 -11.12 12.63 -17.42
N VAL C 294 -10.34 12.04 -16.51
CA VAL C 294 -9.01 12.54 -16.18
C VAL C 294 -7.99 11.52 -16.64
N LEU C 295 -7.19 11.87 -17.64
CA LEU C 295 -6.20 10.96 -18.17
C LEU C 295 -4.89 11.33 -17.48
N GLU C 296 -4.45 10.49 -16.54
CA GLU C 296 -3.17 10.70 -15.88
C GLU C 296 -2.22 9.59 -16.29
N SER C 297 -0.96 9.76 -15.88
CA SER C 297 0.15 8.82 -16.08
C SER C 297 -0.22 7.43 -16.62
N GLY C 298 -0.18 7.26 -17.94
CA GLY C 298 -0.55 6.01 -18.56
C GLY C 298 -1.99 5.94 -19.01
N GLY C 299 -2.85 6.87 -18.59
CA GLY C 299 -4.25 6.84 -18.96
C GLY C 299 -4.47 7.27 -20.39
N ARG C 300 -5.52 6.72 -21.00
CA ARG C 300 -5.82 6.99 -22.41
C ARG C 300 -7.30 6.89 -22.65
N LEU C 301 -7.84 7.86 -23.38
CA LEU C 301 -9.21 7.82 -23.87
C LEU C 301 -9.15 7.94 -25.38
N ASP C 302 -9.76 6.98 -26.08
CA ASP C 302 -9.94 7.07 -27.53
C ASP C 302 -11.37 7.55 -27.79
N VAL C 303 -11.51 8.72 -28.38
CA VAL C 303 -12.80 9.20 -28.83
C VAL C 303 -12.95 8.71 -30.26
N LEU C 304 -13.88 7.79 -30.49
CA LEU C 304 -14.00 7.13 -31.78
C LEU C 304 -14.83 7.94 -32.77
N GLU C 305 -14.85 7.46 -34.03
CA GLU C 305 -15.63 8.08 -35.09
C GLU C 305 -17.11 8.13 -34.72
N SER C 306 -17.67 9.34 -34.71
CA SER C 306 -19.06 9.65 -34.37
C SER C 306 -19.31 9.70 -32.87
N HIS C 307 -18.27 9.66 -32.03
CA HIS C 307 -18.46 9.81 -30.60
C HIS C 307 -17.89 11.16 -30.16
N SER C 308 -18.11 11.51 -28.88
CA SER C 308 -17.82 12.83 -28.35
C SER C 308 -17.28 12.73 -26.94
N ALA C 309 -16.56 13.77 -26.51
CA ALA C 309 -15.99 13.87 -25.17
C ALA C 309 -16.05 15.34 -24.73
N GLN C 310 -16.25 15.58 -23.44
CA GLN C 310 -16.45 16.96 -23.10
C GLN C 310 -15.70 17.05 -21.78
N ASN C 311 -15.07 18.19 -21.44
CA ASN C 311 -14.45 18.35 -20.10
C ASN C 311 -13.48 17.22 -19.77
N THR C 312 -12.46 17.10 -20.63
CA THR C 312 -11.36 16.17 -20.42
C THR C 312 -10.15 16.92 -19.91
N LEU C 313 -9.43 16.29 -18.99
CA LEU C 313 -8.16 16.80 -18.49
C LEU C 313 -7.12 15.72 -18.70
N VAL C 314 -6.24 15.88 -19.69
CA VAL C 314 -5.14 14.96 -19.92
C VAL C 314 -3.93 15.59 -19.24
N ASP C 315 -3.27 14.81 -18.43
CA ASP C 315 -2.25 15.36 -17.56
C ASP C 315 -0.98 14.57 -17.89
N ASP C 316 0.10 14.86 -17.18
CA ASP C 316 1.40 14.37 -17.62
C ASP C 316 1.39 12.84 -17.71
N GLY C 317 1.62 12.32 -18.91
CA GLY C 317 1.49 10.90 -19.17
C GLY C 317 0.11 10.46 -19.59
N GLY C 318 -0.83 11.38 -19.68
CA GLY C 318 -2.13 11.09 -20.22
C GLY C 318 -2.15 11.27 -21.71
N THR C 319 -3.13 10.61 -22.34
CA THR C 319 -3.21 10.59 -23.79
C THR C 319 -4.67 10.72 -24.17
N LEU C 320 -4.99 11.73 -24.99
CA LEU C 320 -6.30 11.84 -25.62
C LEU C 320 -6.09 11.63 -27.12
N ALA C 321 -6.65 10.55 -27.65
CA ALA C 321 -6.61 10.26 -29.07
C ALA C 321 -8.01 10.45 -29.63
N VAL C 322 -8.18 11.45 -30.46
CA VAL C 322 -9.48 11.78 -31.04
C VAL C 322 -9.43 11.33 -32.49
N SER C 323 -10.12 10.23 -32.80
CA SER C 323 -10.18 9.73 -34.16
C SER C 323 -10.79 10.76 -35.10
N ALA C 324 -10.50 10.61 -36.38
CA ALA C 324 -11.21 11.38 -37.38
C ALA C 324 -12.70 11.05 -37.31
N GLY C 325 -13.53 12.09 -37.32
CA GLY C 325 -14.93 11.94 -37.02
C GLY C 325 -15.28 11.99 -35.54
N GLY C 326 -14.31 12.24 -34.66
CA GLY C 326 -14.58 12.39 -33.25
C GLY C 326 -14.54 13.83 -32.83
N LYS C 327 -15.26 14.10 -31.75
CA LYS C 327 -15.43 15.43 -31.16
C LYS C 327 -14.93 15.36 -29.72
N ALA C 328 -14.34 16.45 -29.24
CA ALA C 328 -13.65 16.50 -27.94
C ALA C 328 -13.49 17.98 -27.60
N THR C 329 -14.32 18.49 -26.69
CA THR C 329 -14.40 19.92 -26.40
C THR C 329 -14.04 20.15 -24.95
N SER C 330 -13.87 21.42 -24.59
CA SER C 330 -13.31 21.84 -23.30
C SER C 330 -12.24 20.86 -22.79
N VAL C 331 -11.28 20.55 -23.65
CA VAL C 331 -10.11 19.72 -23.30
C VAL C 331 -9.06 20.60 -22.64
N THR C 332 -8.36 20.05 -21.64
CA THR C 332 -7.23 20.74 -21.05
C THR C 332 -6.03 19.79 -21.09
N ILE C 333 -5.00 20.18 -21.85
CA ILE C 333 -3.73 19.45 -21.92
C ILE C 333 -2.76 20.18 -21.02
N THR C 334 -2.36 19.57 -19.90
CA THR C 334 -1.28 20.17 -19.13
C THR C 334 0.06 19.77 -19.75
N SER C 335 1.12 20.51 -19.43
CA SER C 335 2.42 20.18 -20.02
C SER C 335 2.78 18.76 -19.64
N GLY C 336 3.23 18.00 -20.63
CA GLY C 336 3.43 16.57 -20.50
C GLY C 336 2.29 15.74 -21.04
N GLY C 337 1.18 16.38 -21.42
CA GLY C 337 0.04 15.66 -21.96
C GLY C 337 0.20 15.40 -23.45
N ALA C 338 -0.27 14.23 -23.87
CA ALA C 338 -0.15 13.77 -25.26
C ALA C 338 -1.49 13.84 -25.97
N LEU C 339 -1.55 14.56 -27.09
CA LEU C 339 -2.73 14.57 -27.94
C LEU C 339 -2.43 13.83 -29.23
N ILE C 340 -3.34 12.97 -29.65
CA ILE C 340 -3.22 12.25 -30.91
C ILE C 340 -4.48 12.55 -31.71
N ALA C 341 -4.33 13.27 -32.81
CA ALA C 341 -5.47 13.59 -33.64
C ALA C 341 -5.02 13.62 -35.09
N ASP C 342 -5.93 14.04 -35.96
CA ASP C 342 -5.57 14.34 -37.34
C ASP C 342 -6.54 15.40 -37.87
N SER C 343 -6.42 15.69 -39.17
CA SER C 343 -7.15 16.79 -39.79
C SER C 343 -8.65 16.55 -39.82
N GLY C 344 -9.08 15.31 -39.54
CA GLY C 344 -10.48 14.94 -39.51
C GLY C 344 -11.14 14.98 -38.15
N ALA C 345 -10.35 15.07 -37.09
CA ALA C 345 -10.94 15.16 -35.76
C ALA C 345 -11.39 16.59 -35.50
N THR C 346 -12.26 16.73 -34.50
CA THR C 346 -12.74 18.02 -34.03
C THR C 346 -12.41 18.15 -32.54
N VAL C 347 -11.57 19.12 -32.21
CA VAL C 347 -11.01 19.29 -30.88
C VAL C 347 -10.91 20.77 -30.59
N GLU C 348 -11.32 21.16 -29.39
CA GLU C 348 -11.14 22.51 -28.88
C GLU C 348 -10.65 22.41 -27.44
N GLY C 349 -9.74 23.29 -27.05
CA GLY C 349 -9.29 23.27 -25.68
C GLY C 349 -8.15 24.24 -25.44
N THR C 350 -7.42 24.00 -24.35
CA THR C 350 -6.26 24.80 -23.99
C THR C 350 -5.13 23.88 -23.54
N ASN C 351 -3.93 24.14 -24.05
CA ASN C 351 -2.72 23.40 -23.71
C ASN C 351 -1.72 24.33 -23.02
N ALA C 352 -0.48 23.83 -22.86
CA ALA C 352 0.53 24.50 -22.05
C ALA C 352 0.93 25.86 -22.59
N SER C 353 0.37 26.26 -23.73
CA SER C 353 0.70 27.53 -24.37
C SER C 353 -0.49 28.03 -25.17
N GLY C 354 -1.67 28.01 -24.56
CA GLY C 354 -2.80 28.77 -25.08
C GLY C 354 -3.89 27.94 -25.72
N LYS C 355 -4.90 28.66 -26.20
CA LYS C 355 -6.03 28.04 -26.88
C LYS C 355 -5.53 27.27 -28.11
N PHE C 356 -6.14 26.12 -28.35
CA PHE C 356 -5.86 25.31 -29.52
C PHE C 356 -7.13 24.64 -30.01
N SER C 357 -7.14 24.31 -31.30
CA SER C 357 -8.36 23.82 -31.91
C SER C 357 -8.05 23.11 -33.22
N ILE C 358 -8.84 22.07 -33.52
CA ILE C 358 -8.84 21.41 -34.81
C ILE C 358 -10.29 21.37 -35.30
N ASP C 359 -10.52 21.85 -36.52
CA ASP C 359 -11.86 21.92 -37.09
C ASP C 359 -11.97 20.86 -38.19
N GLY C 360 -12.41 19.67 -37.80
CA GLY C 360 -12.51 18.53 -38.70
C GLY C 360 -13.37 18.76 -39.91
N THR C 361 -14.18 19.81 -39.93
CA THR C 361 -14.95 20.15 -41.11
C THR C 361 -14.12 20.93 -42.14
N SER C 362 -13.22 21.81 -41.71
CA SER C 362 -12.37 22.52 -42.67
C SER C 362 -10.97 21.96 -42.77
N GLY C 363 -10.55 21.09 -41.84
CA GLY C 363 -9.21 20.55 -41.85
C GLY C 363 -8.14 21.53 -41.42
N GLN C 364 -8.48 22.46 -40.51
CA GLN C 364 -7.52 23.44 -40.03
C GLN C 364 -7.28 23.28 -38.54
N ALA C 365 -6.02 23.46 -38.15
CA ALA C 365 -5.59 23.35 -36.76
C ALA C 365 -4.79 24.59 -36.40
N SER C 366 -4.98 25.08 -35.18
CA SER C 366 -4.19 26.19 -34.66
C SER C 366 -3.76 25.91 -33.23
N GLY C 367 -2.47 26.13 -32.97
CA GLY C 367 -1.93 26.13 -31.61
C GLY C 367 -1.59 24.77 -31.02
N LEU C 368 -1.36 23.76 -31.84
CA LEU C 368 -1.18 22.40 -31.32
C LEU C 368 0.14 22.25 -30.56
N LEU C 369 0.14 21.39 -29.57
CA LEU C 369 1.34 21.13 -28.77
C LEU C 369 1.50 19.62 -28.66
N LEU C 370 2.41 19.07 -29.45
CA LEU C 370 2.59 17.63 -29.59
C LEU C 370 3.84 17.22 -28.85
N GLU C 371 3.68 16.53 -27.73
CA GLU C 371 4.81 16.01 -26.97
C GLU C 371 4.38 14.72 -26.28
N ASN C 372 5.38 13.94 -25.85
CA ASN C 372 5.17 12.79 -24.99
C ASN C 372 4.30 11.72 -25.65
N GLY C 373 4.55 11.49 -26.92
CA GLY C 373 3.68 10.62 -27.67
C GLY C 373 2.55 11.34 -28.37
N GLY C 374 2.49 12.67 -28.27
CA GLY C 374 1.56 13.42 -29.08
C GLY C 374 1.87 13.28 -30.55
N SER C 375 0.85 13.43 -31.38
CA SER C 375 1.00 13.13 -32.79
C SER C 375 -0.16 13.73 -33.56
N PHE C 376 0.13 14.54 -34.57
CA PHE C 376 -0.90 15.10 -35.43
C PHE C 376 -0.58 14.82 -36.89
N THR C 377 -1.56 14.33 -37.64
CA THR C 377 -1.38 14.01 -39.05
C THR C 377 -2.19 15.02 -39.87
N VAL C 378 -1.48 15.89 -40.59
CA VAL C 378 -2.13 16.84 -41.50
C VAL C 378 -2.39 16.09 -42.79
N ASN C 379 -3.67 15.89 -43.12
CA ASN C 379 -4.08 15.16 -44.31
C ASN C 379 -4.20 16.10 -45.48
N ALA C 380 -4.54 15.53 -46.64
CA ALA C 380 -4.56 16.32 -47.86
C ALA C 380 -5.53 17.48 -47.70
N GLY C 381 -5.11 18.65 -48.15
CA GLY C 381 -5.90 19.84 -47.94
C GLY C 381 -5.91 20.37 -46.53
N GLY C 382 -5.09 19.82 -45.63
CA GLY C 382 -5.04 20.31 -44.27
C GLY C 382 -4.16 21.54 -44.12
N GLN C 383 -4.19 22.10 -42.92
CA GLN C 383 -3.53 23.36 -42.62
C GLN C 383 -3.26 23.39 -41.12
N ALA C 384 -2.01 23.52 -40.73
CA ALA C 384 -1.64 23.55 -39.31
C ALA C 384 -0.93 24.85 -39.00
N GLY C 385 -1.52 25.65 -38.13
CA GLY C 385 -0.95 26.93 -37.74
C GLY C 385 -0.36 26.84 -36.35
N ASN C 386 0.87 27.36 -36.22
CA ASN C 386 1.54 27.49 -34.93
C ASN C 386 1.60 26.16 -34.17
N THR C 387 2.04 25.14 -34.88
CA THR C 387 2.29 23.87 -34.24
C THR C 387 3.58 23.96 -33.44
N THR C 388 3.59 23.34 -32.28
CA THR C 388 4.79 23.27 -31.46
C THR C 388 5.03 21.79 -31.20
N VAL C 389 6.04 21.20 -31.85
CA VAL C 389 6.31 19.78 -31.70
C VAL C 389 7.46 19.63 -30.71
N GLY C 390 7.22 18.91 -29.62
CA GLY C 390 8.16 18.81 -28.56
C GLY C 390 8.79 17.44 -28.49
N HIS C 391 9.37 17.14 -27.32
CA HIS C 391 10.02 15.86 -27.11
C HIS C 391 9.04 14.72 -27.31
N ARG C 392 9.42 13.73 -28.12
CA ARG C 392 8.55 12.62 -28.46
C ARG C 392 7.24 13.07 -29.12
N GLY C 393 7.19 14.30 -29.62
CA GLY C 393 6.08 14.73 -30.43
C GLY C 393 6.31 14.42 -31.92
N THR C 394 5.22 14.24 -32.66
CA THR C 394 5.32 13.94 -34.08
C THR C 394 4.28 14.74 -34.86
N LEU C 395 4.73 15.36 -35.94
CA LEU C 395 3.85 16.04 -36.88
C LEU C 395 4.06 15.35 -38.22
N THR C 396 2.97 14.85 -38.80
CA THR C 396 3.03 14.16 -40.08
C THR C 396 2.20 14.92 -41.09
N LEU C 397 2.77 15.14 -42.27
CA LEU C 397 2.07 15.85 -43.33
C LEU C 397 1.96 14.93 -44.54
N ALA C 398 0.72 14.65 -44.95
CA ALA C 398 0.47 13.95 -46.19
C ALA C 398 0.69 14.90 -47.36
N ALA C 399 0.70 14.34 -48.56
CA ALA C 399 0.87 15.17 -49.75
C ALA C 399 -0.29 16.15 -49.87
N GLY C 400 0.03 17.44 -49.93
CA GLY C 400 -0.97 18.48 -49.92
C GLY C 400 -1.26 19.11 -48.56
N GLY C 401 -0.47 18.82 -47.55
CA GLY C 401 -0.61 19.51 -46.29
C GLY C 401 0.12 20.82 -46.31
N SER C 402 -0.14 21.63 -45.29
CA SER C 402 0.49 22.94 -45.24
C SER C 402 0.59 23.41 -43.81
N LEU C 403 1.35 24.48 -43.62
CA LEU C 403 1.66 25.00 -42.31
C LEU C 403 1.63 26.52 -42.37
N SER C 404 1.43 27.12 -41.19
CA SER C 404 1.17 28.54 -41.07
C SER C 404 1.85 29.08 -39.82
N GLY C 405 2.32 30.32 -39.91
CA GLY C 405 2.95 30.93 -38.76
C GLY C 405 4.23 30.21 -38.41
N ARG C 406 4.50 30.07 -37.13
CA ARG C 406 5.73 29.46 -36.64
C ARG C 406 5.47 27.99 -36.37
N THR C 407 6.16 27.11 -37.08
CA THR C 407 6.12 25.69 -36.80
C THR C 407 7.42 25.34 -36.10
N GLN C 408 7.34 25.07 -34.81
CA GLN C 408 8.53 24.86 -33.99
C GLN C 408 8.75 23.38 -33.77
N LEU C 409 10.00 22.97 -33.83
CA LEU C 409 10.40 21.63 -33.42
C LEU C 409 11.49 21.78 -32.40
N SER C 410 11.32 21.13 -31.25
CA SER C 410 12.34 21.06 -30.22
C SER C 410 13.14 19.77 -30.38
N LYS C 411 14.22 19.65 -29.63
CA LYS C 411 15.02 18.43 -29.73
C LYS C 411 14.15 17.23 -29.41
N GLY C 412 14.33 16.15 -30.17
CA GLY C 412 13.51 14.96 -30.00
C GLY C 412 12.15 15.02 -30.67
N ALA C 413 11.84 16.12 -31.35
CA ALA C 413 10.61 16.25 -32.12
C ALA C 413 10.84 15.80 -33.55
N SER C 414 9.81 15.19 -34.11
CA SER C 414 9.91 14.60 -35.43
C SER C 414 8.80 15.16 -36.32
N MET C 415 9.16 15.56 -37.53
CA MET C 415 8.18 16.04 -38.52
C MET C 415 8.39 15.27 -39.81
N VAL C 416 7.43 14.44 -40.20
CA VAL C 416 7.57 13.58 -41.37
C VAL C 416 6.80 14.20 -42.54
N LEU C 417 7.43 14.20 -43.72
CA LEU C 417 6.85 14.77 -44.95
C LEU C 417 6.61 13.68 -45.98
N ASN C 418 5.35 13.34 -46.24
CA ASN C 418 5.09 12.29 -47.19
C ASN C 418 4.68 12.85 -48.55
N GLY C 419 4.75 14.15 -48.71
CA GLY C 419 4.61 14.75 -50.02
C GLY C 419 5.11 16.16 -49.98
N ASP C 420 4.97 16.84 -51.11
CA ASP C 420 5.28 18.25 -51.19
C ASP C 420 4.43 19.06 -50.21
N VAL C 421 5.09 19.85 -49.37
CA VAL C 421 4.47 20.57 -48.27
C VAL C 421 4.79 22.06 -48.38
N VAL C 422 3.80 22.92 -48.10
CA VAL C 422 4.01 24.36 -48.15
C VAL C 422 3.75 24.98 -46.79
N SER C 423 4.70 25.79 -46.35
CA SER C 423 4.62 26.56 -45.12
C SER C 423 4.51 28.00 -45.56
N THR C 424 3.40 28.66 -45.23
CA THR C 424 3.32 30.08 -45.54
C THR C 424 3.92 30.91 -44.43
N GLY C 425 4.79 30.31 -43.60
CA GLY C 425 5.39 30.99 -42.46
C GLY C 425 6.77 30.45 -42.19
N ASP C 426 7.09 30.25 -40.91
CA ASP C 426 8.45 29.93 -40.49
C ASP C 426 8.54 28.52 -39.93
N ILE C 427 9.53 27.79 -40.39
CA ILE C 427 9.88 26.50 -39.81
C ILE C 427 11.12 26.71 -38.95
N VAL C 428 11.03 26.43 -37.67
CA VAL C 428 12.17 26.55 -36.77
C VAL C 428 12.46 25.17 -36.24
N ASN C 429 13.62 24.61 -36.61
CA ASN C 429 13.90 23.19 -36.41
C ASN C 429 15.08 22.97 -35.49
N ALA C 430 14.82 22.42 -34.30
CA ALA C 430 15.86 21.87 -33.44
C ALA C 430 15.78 20.35 -33.34
N GLY C 431 14.73 19.75 -33.90
CA GLY C 431 14.49 18.32 -33.94
C GLY C 431 14.90 17.71 -35.26
N GLU C 432 14.10 16.78 -35.76
CA GLU C 432 14.39 16.07 -37.01
C GLU C 432 13.24 16.19 -37.99
N ILE C 433 13.56 16.32 -39.27
CA ILE C 433 12.59 16.34 -40.35
C ILE C 433 13.00 15.31 -41.39
N ARG C 434 12.09 14.39 -41.70
CA ARG C 434 12.23 13.44 -42.80
C ARG C 434 11.27 13.67 -43.94
N PHE C 435 11.81 13.58 -45.14
CA PHE C 435 11.05 13.20 -46.33
C PHE C 435 10.91 11.69 -46.34
N ASP C 436 9.77 11.19 -46.81
CA ASP C 436 9.46 9.77 -46.63
C ASP C 436 8.27 9.45 -47.54
N ASN C 437 7.79 8.21 -47.52
CA ASN C 437 6.68 7.78 -48.40
C ASN C 437 5.72 6.90 -47.58
N GLN C 438 4.71 7.55 -47.01
CA GLN C 438 3.85 6.98 -45.96
C GLN C 438 4.66 6.19 -44.91
N VAL C 456 9.64 5.22 -54.87
CA VAL C 456 10.13 6.43 -54.23
C VAL C 456 9.74 7.66 -55.07
N THR C 457 9.38 8.74 -54.40
CA THR C 457 9.13 10.02 -55.04
C THR C 457 9.80 11.11 -54.21
N PHE C 458 10.31 12.14 -54.88
CA PHE C 458 11.01 13.21 -54.18
C PHE C 458 10.09 14.41 -53.98
N HIS C 459 10.33 15.14 -52.91
CA HIS C 459 9.39 16.16 -52.45
C HIS C 459 10.10 17.49 -52.18
N LYS C 460 9.35 18.55 -52.34
CA LYS C 460 9.80 19.90 -52.03
C LYS C 460 9.13 20.32 -50.73
N LEU C 461 9.93 20.71 -49.75
CA LEU C 461 9.40 21.45 -48.60
C LEU C 461 9.63 22.93 -48.89
N THR C 462 8.55 23.69 -49.03
CA THR C 462 8.64 25.13 -49.27
C THR C 462 8.24 25.88 -48.02
N THR C 463 9.03 26.89 -47.67
CA THR C 463 8.80 27.70 -46.49
C THR C 463 9.34 29.10 -46.71
N THR C 464 8.71 30.07 -46.04
CA THR C 464 9.17 31.45 -46.16
C THR C 464 10.50 31.64 -45.46
N ASN C 465 10.61 31.17 -44.22
CA ASN C 465 11.84 31.27 -43.46
C ASN C 465 12.15 29.91 -42.86
N LEU C 466 13.45 29.65 -42.70
CA LEU C 466 13.91 28.45 -42.03
C LEU C 466 15.01 28.83 -41.05
N THR C 467 14.87 28.41 -39.81
CA THR C 467 15.83 28.75 -38.77
C THR C 467 16.32 27.46 -38.13
N GLY C 468 17.51 27.03 -38.52
CA GLY C 468 18.05 25.81 -37.94
C GLY C 468 18.48 26.08 -36.52
N GLN C 469 18.07 25.21 -35.60
CA GLN C 469 18.55 25.26 -34.23
C GLN C 469 19.34 24.00 -33.93
N GLY C 470 20.17 23.58 -34.89
CA GLY C 470 20.87 22.33 -34.81
C GLY C 470 20.04 21.13 -35.20
N GLY C 471 18.85 21.33 -35.70
CA GLY C 471 18.05 20.23 -36.18
C GLY C 471 18.63 19.62 -37.44
N THR C 472 18.13 18.45 -37.76
CA THR C 472 18.53 17.73 -38.95
C THR C 472 17.35 17.62 -39.92
N ILE C 473 17.67 17.57 -41.20
CA ILE C 473 16.68 17.29 -42.24
C ILE C 473 17.19 16.10 -43.03
N ASN C 474 16.55 14.95 -42.86
CA ASN C 474 16.97 13.74 -43.58
C ASN C 474 16.36 13.77 -44.96
N MET C 475 17.22 13.94 -45.96
CA MET C 475 16.81 14.05 -47.34
C MET C 475 17.31 12.83 -48.11
N ARG C 476 16.78 12.67 -49.32
CA ARG C 476 17.14 11.56 -50.19
C ARG C 476 17.68 12.09 -51.52
N VAL C 477 18.69 11.42 -52.06
CA VAL C 477 19.32 11.84 -53.31
C VAL C 477 19.50 10.62 -54.22
N ARG C 478 19.57 10.89 -55.52
CA ARG C 478 20.00 9.91 -56.53
C ARG C 478 21.31 10.41 -57.13
N LEU C 479 22.39 9.68 -56.86
CA LEU C 479 23.72 10.02 -57.37
C LEU C 479 24.04 9.27 -58.66
N ASP C 480 23.07 9.20 -59.59
CA ASP C 480 23.16 8.31 -60.74
C ASP C 480 22.86 9.03 -62.04
N GLY C 481 22.95 10.35 -62.03
CA GLY C 481 22.64 11.12 -63.21
C GLY C 481 21.27 11.74 -63.19
N SER C 482 20.41 11.30 -62.26
CA SER C 482 19.06 11.83 -62.23
C SER C 482 19.04 13.28 -61.81
N ASN C 483 20.08 13.75 -61.10
CA ASN C 483 19.98 14.98 -60.33
C ASN C 483 18.76 14.98 -59.40
N ALA C 484 18.31 13.79 -59.01
CA ALA C 484 17.07 13.62 -58.27
C ALA C 484 17.31 13.77 -56.77
N SER C 485 16.49 14.59 -56.13
CA SER C 485 16.63 14.85 -54.69
C SER C 485 15.36 15.49 -54.17
N ASP C 486 15.14 15.34 -52.86
CA ASP C 486 14.26 16.26 -52.15
C ASP C 486 14.86 17.66 -52.21
N GLN C 487 14.03 18.67 -51.97
CA GLN C 487 14.57 20.01 -52.02
C GLN C 487 14.05 20.82 -50.83
N LEU C 488 14.82 21.75 -50.32
CA LEU C 488 14.16 22.84 -49.62
C LEU C 488 14.08 24.02 -50.57
N VAL C 489 13.04 24.83 -50.39
CA VAL C 489 12.77 26.04 -51.14
C VAL C 489 12.49 27.15 -50.13
N ILE C 490 13.27 28.22 -50.19
CA ILE C 490 13.08 29.36 -49.32
C ILE C 490 12.39 30.42 -50.17
N ASN C 491 11.12 30.68 -49.86
CA ASN C 491 10.30 31.57 -50.67
C ASN C 491 10.23 32.93 -49.98
N GLY C 492 11.13 33.83 -50.37
CA GLY C 492 11.06 35.20 -49.89
C GLY C 492 11.99 35.51 -48.74
N GLY C 493 11.97 34.71 -47.69
CA GLY C 493 12.70 35.02 -46.46
C GLY C 493 14.16 34.60 -46.47
N GLN C 494 14.66 34.26 -45.29
CA GLN C 494 16.04 33.86 -45.08
C GLN C 494 16.09 32.42 -44.60
N ALA C 495 17.26 31.81 -44.73
CA ALA C 495 17.59 30.54 -44.12
C ALA C 495 18.75 30.82 -43.16
N THR C 496 18.49 30.76 -41.86
CA THR C 496 19.48 31.18 -40.86
C THR C 496 19.87 30.03 -39.92
N GLY C 497 20.66 30.36 -38.90
CA GLY C 497 20.99 29.36 -37.90
C GLY C 497 21.78 28.21 -38.50
N LYS C 498 21.58 27.03 -37.94
CA LYS C 498 22.38 25.87 -38.32
C LYS C 498 21.48 24.66 -38.52
N THR C 499 21.60 24.02 -39.69
CA THR C 499 20.83 22.83 -40.05
C THR C 499 21.76 21.74 -40.56
N TRP C 500 21.69 20.55 -39.93
CA TRP C 500 22.38 19.37 -40.44
C TRP C 500 21.55 18.72 -41.55
N LEU C 501 22.19 18.40 -42.67
CA LEU C 501 21.54 17.70 -43.77
C LEU C 501 22.09 16.28 -43.85
N ALA C 502 21.20 15.31 -43.84
CA ALA C 502 21.54 13.89 -43.82
C ALA C 502 20.95 13.28 -45.08
N PHE C 503 21.79 13.14 -46.11
CA PHE C 503 21.39 12.53 -47.37
C PHE C 503 21.63 11.04 -47.35
N THR C 504 20.79 10.30 -48.08
CA THR C 504 20.92 8.86 -48.21
C THR C 504 20.68 8.58 -49.69
N ASN C 505 21.61 7.89 -50.33
CA ASN C 505 21.45 7.62 -51.76
C ASN C 505 20.40 6.54 -51.92
N VAL C 506 19.30 6.85 -52.60
CA VAL C 506 18.29 5.84 -52.81
C VAL C 506 18.60 5.08 -54.09
N GLY C 507 19.88 5.06 -54.50
CA GLY C 507 20.33 4.29 -55.65
C GLY C 507 21.43 3.29 -55.34
N ASN C 508 22.10 2.75 -56.37
CA ASN C 508 23.16 1.79 -56.08
C ASN C 508 24.37 2.48 -55.46
N SER C 509 24.98 1.82 -54.47
CA SER C 509 26.09 2.41 -53.73
C SER C 509 27.42 2.38 -54.47
N ASN C 510 27.56 1.55 -55.50
CA ASN C 510 28.79 1.52 -56.28
C ASN C 510 28.71 2.39 -57.51
N LEU C 511 27.52 2.90 -57.82
CA LEU C 511 27.29 3.70 -59.02
C LEU C 511 27.33 5.16 -58.61
N GLY C 512 28.37 5.85 -59.06
CA GLY C 512 28.55 7.24 -58.75
C GLY C 512 28.91 8.05 -59.98
N VAL C 513 27.99 8.92 -60.40
CA VAL C 513 28.24 9.78 -61.55
C VAL C 513 28.60 11.16 -61.03
N ALA C 514 29.42 11.85 -61.79
CA ALA C 514 29.78 13.23 -61.47
C ALA C 514 28.58 14.14 -61.75
N THR C 515 28.50 15.22 -60.98
CA THR C 515 27.41 16.17 -61.08
C THR C 515 27.63 17.13 -62.26
N THR C 516 26.52 17.72 -62.72
CA THR C 516 26.45 18.61 -63.88
C THR C 516 26.65 20.07 -63.45
N GLY C 517 27.87 20.57 -63.61
CA GLY C 517 28.11 21.98 -63.32
C GLY C 517 27.87 22.42 -61.88
N GLN C 518 26.92 23.34 -61.66
CA GLN C 518 26.55 23.73 -60.30
C GLN C 518 26.14 22.53 -59.46
N GLY C 519 25.44 21.58 -60.06
CA GLY C 519 25.23 20.31 -59.41
C GLY C 519 23.77 20.04 -59.15
N ILE C 520 23.47 19.36 -58.05
CA ILE C 520 22.09 19.06 -57.68
C ILE C 520 21.66 20.14 -56.71
N ARG C 521 20.61 20.89 -57.06
CA ARG C 521 20.15 21.98 -56.21
C ARG C 521 19.31 21.40 -55.07
N VAL C 522 19.83 21.54 -53.85
CA VAL C 522 19.15 20.99 -52.68
C VAL C 522 18.49 22.06 -51.83
N VAL C 523 18.89 23.31 -51.97
CA VAL C 523 18.23 24.44 -51.33
C VAL C 523 18.00 25.47 -52.41
N ASP C 524 16.74 25.80 -52.71
CA ASP C 524 16.46 26.80 -53.73
C ASP C 524 16.00 28.08 -53.04
N ALA C 525 16.85 29.10 -53.07
CA ALA C 525 16.38 30.43 -52.73
C ALA C 525 15.56 30.99 -53.89
N GLN C 526 14.39 31.53 -53.59
CA GLN C 526 13.47 32.00 -54.61
C GLN C 526 12.82 33.30 -54.16
N ASN C 527 12.30 34.04 -55.16
CA ASN C 527 11.48 35.23 -54.92
C ASN C 527 12.13 36.18 -53.93
N GLY C 528 13.45 36.32 -54.04
CA GLY C 528 14.17 37.27 -53.21
C GLY C 528 14.77 36.71 -51.94
N ALA C 529 15.16 35.43 -51.94
CA ALA C 529 15.53 34.79 -50.69
C ALA C 529 17.03 34.92 -50.41
N THR C 530 17.36 34.74 -49.13
CA THR C 530 18.73 34.75 -48.62
C THR C 530 19.02 33.41 -47.97
N THR C 531 20.26 32.95 -48.09
CA THR C 531 20.76 31.89 -47.23
C THR C 531 22.11 32.33 -46.67
N GLU C 532 22.29 32.15 -45.36
CA GLU C 532 23.57 32.45 -44.75
C GLU C 532 24.61 31.43 -45.17
N GLU C 533 25.86 31.69 -44.83
CA GLU C 533 26.93 30.84 -45.34
C GLU C 533 27.18 29.60 -44.48
N GLY C 534 26.69 29.59 -43.26
CA GLY C 534 26.87 28.42 -42.42
C GLY C 534 25.54 27.79 -42.16
N ALA C 535 24.55 28.17 -42.97
CA ALA C 535 23.17 27.80 -42.71
C ALA C 535 22.98 26.29 -42.80
N PHE C 536 23.71 25.63 -43.69
CA PHE C 536 23.59 24.20 -43.87
C PHE C 536 24.94 23.52 -43.79
N ALA C 537 24.93 22.26 -43.36
CA ALA C 537 26.14 21.46 -43.29
C ALA C 537 25.75 19.98 -43.29
N LEU C 538 26.61 19.14 -43.85
CA LEU C 538 26.32 17.72 -44.00
C LEU C 538 26.51 16.94 -42.70
N SER C 539 25.56 16.06 -42.40
CA SER C 539 25.58 15.31 -41.16
C SER C 539 26.57 14.18 -41.28
N ARG C 540 26.58 13.58 -42.47
CA ARG C 540 27.24 12.37 -42.91
C ARG C 540 28.05 12.72 -44.15
N PRO C 541 29.19 12.04 -44.41
CA PRO C 541 29.81 12.15 -45.74
C PRO C 541 28.89 11.44 -46.71
N LEU C 542 28.72 12.04 -47.90
CA LEU C 542 27.90 11.50 -48.97
C LEU C 542 28.82 10.99 -50.06
N GLN C 543 28.86 9.67 -50.26
CA GLN C 543 29.82 9.06 -51.16
C GLN C 543 29.16 7.94 -51.94
N ALA C 544 29.39 7.92 -53.24
CA ALA C 544 28.91 6.85 -54.10
C ALA C 544 29.96 6.58 -55.17
N GLY C 545 30.14 5.30 -55.50
CA GLY C 545 31.21 4.89 -56.38
C GLY C 545 32.57 5.50 -56.05
N ALA C 546 33.13 6.23 -57.01
CA ALA C 546 34.47 6.79 -56.91
C ALA C 546 34.46 8.26 -56.51
N PHE C 547 33.33 8.80 -56.08
CA PHE C 547 33.23 10.23 -55.78
C PHE C 547 32.76 10.48 -54.36
N ASN C 548 33.33 11.51 -53.76
CA ASN C 548 32.76 12.22 -52.61
C ASN C 548 31.91 13.37 -53.13
N TYR C 549 30.69 13.52 -52.61
CA TYR C 549 29.81 14.62 -52.97
C TYR C 549 29.73 15.60 -51.81
N THR C 550 29.86 16.91 -52.11
CA THR C 550 29.99 17.96 -51.09
C THR C 550 28.91 19.03 -51.26
N LEU C 551 28.65 19.74 -50.17
CA LEU C 551 27.55 20.69 -50.11
C LEU C 551 28.09 22.10 -50.25
N ASN C 552 27.61 22.85 -51.24
CA ASN C 552 28.21 24.15 -51.55
C ASN C 552 27.16 25.23 -51.75
N ARG C 553 27.38 26.41 -51.17
CA ARG C 553 26.53 27.58 -51.39
C ARG C 553 27.16 28.42 -52.51
N ASP C 554 26.37 28.81 -53.50
CA ASP C 554 26.91 29.69 -54.54
C ASP C 554 26.35 31.10 -54.40
N SER C 555 26.81 31.97 -55.31
CA SER C 555 26.38 33.37 -55.31
C SER C 555 24.87 33.51 -55.39
N ASP C 556 24.19 32.60 -56.08
CA ASP C 556 22.76 32.70 -56.30
C ASP C 556 21.94 32.42 -55.04
N GLU C 557 22.60 32.25 -53.88
CA GLU C 557 22.03 31.97 -52.57
C GLU C 557 21.57 30.50 -52.47
N ASP C 558 21.60 29.74 -53.57
CA ASP C 558 21.18 28.35 -53.56
C ASP C 558 22.34 27.44 -53.13
N TRP C 559 21.99 26.24 -52.67
CA TRP C 559 22.97 25.26 -52.21
C TRP C 559 22.97 24.03 -53.11
N TYR C 560 24.15 23.44 -53.32
CA TYR C 560 24.30 22.42 -54.35
C TYR C 560 25.12 21.24 -53.83
N LEU C 561 24.77 20.04 -54.31
CA LEU C 561 25.56 18.83 -54.10
C LEU C 561 26.46 18.63 -55.32
N ARG C 562 27.77 18.59 -55.11
CA ARG C 562 28.69 18.58 -56.23
C ARG C 562 29.74 17.53 -55.93
N SER C 563 30.30 16.92 -56.98
CA SER C 563 31.20 15.78 -56.81
C SER C 563 32.69 16.18 -56.82
N GLU C 564 33.53 15.25 -56.33
CA GLU C 564 34.95 15.49 -56.08
C GLU C 564 35.73 14.19 -56.18
N ASN C 565 36.74 14.16 -57.05
CA ASN C 565 37.78 13.11 -57.04
C ASN C 565 39.19 13.74 -57.17
N ALA D 4 66.58 -22.98 23.93
CA ALA D 4 66.43 -21.98 24.99
C ALA D 4 65.02 -21.38 25.04
N ASP D 5 64.02 -22.19 25.42
CA ASP D 5 62.62 -21.73 25.50
C ASP D 5 62.27 -21.39 26.93
N LYS D 6 62.08 -20.10 27.19
CA LYS D 6 61.62 -19.64 28.49
C LYS D 6 60.18 -20.07 28.74
N VAL D 7 59.87 -20.34 30.00
CA VAL D 7 58.49 -20.53 30.44
C VAL D 7 58.31 -19.83 31.79
N VAL D 8 57.52 -18.76 31.79
CA VAL D 8 57.07 -18.16 33.04
C VAL D 8 55.88 -19.00 33.50
N GLN D 9 56.02 -19.70 34.62
CA GLN D 9 54.93 -20.56 35.07
C GLN D 9 53.79 -19.71 35.64
N ALA D 10 52.63 -20.33 35.76
CA ALA D 10 51.54 -19.72 36.49
C ALA D 10 52.05 -19.19 37.83
N GLY D 11 51.91 -17.89 38.05
CA GLY D 11 52.30 -17.30 39.30
C GLY D 11 53.72 -16.81 39.42
N GLU D 12 54.52 -16.84 38.34
CA GLU D 12 55.86 -16.27 38.34
C GLU D 12 55.88 -14.93 37.60
N THR D 13 56.79 -14.05 38.02
CA THR D 13 56.95 -12.72 37.41
C THR D 13 58.40 -12.60 36.92
N VAL D 14 58.58 -12.30 35.63
CA VAL D 14 59.91 -12.00 35.08
C VAL D 14 59.90 -10.55 34.65
N ASN D 15 60.94 -9.82 35.00
CA ASN D 15 60.76 -8.38 35.05
C ASN D 15 61.54 -7.59 34.03
N ASP D 16 62.47 -8.19 33.32
CA ASP D 16 63.08 -7.55 32.16
C ASP D 16 63.73 -8.62 31.31
N GLY D 17 64.35 -8.18 30.23
CA GLY D 17 65.05 -9.09 29.35
C GLY D 17 64.59 -8.96 27.92
N THR D 18 65.37 -9.57 27.05
CA THR D 18 65.12 -9.53 25.61
C THR D 18 64.92 -10.94 25.12
N LEU D 19 64.34 -11.05 23.92
CA LEU D 19 64.00 -12.33 23.34
C LEU D 19 64.31 -12.28 21.85
N THR D 20 65.30 -13.06 21.43
CA THR D 20 65.76 -13.00 20.05
C THR D 20 66.10 -14.40 19.57
N ASN D 21 66.49 -14.49 18.29
CA ASN D 21 67.01 -15.70 17.65
C ASN D 21 66.03 -16.87 17.67
N HIS D 22 64.77 -16.58 17.40
CA HIS D 22 63.74 -17.60 17.30
C HIS D 22 63.53 -18.36 18.61
N ASP D 23 64.04 -17.81 19.72
CA ASP D 23 63.78 -18.39 21.03
C ASP D 23 62.40 -17.92 21.51
N ASN D 24 61.68 -18.79 22.20
CA ASN D 24 60.32 -18.50 22.65
C ASN D 24 60.30 -18.16 24.14
N GLN D 25 59.30 -17.38 24.54
CA GLN D 25 58.93 -17.22 25.94
C GLN D 25 57.44 -17.47 26.04
N ILE D 26 57.04 -18.48 26.78
CA ILE D 26 55.63 -18.79 26.97
C ILE D 26 55.21 -18.31 28.35
N VAL D 27 54.21 -17.42 28.40
CA VAL D 27 53.88 -16.68 29.62
C VAL D 27 52.59 -17.23 30.21
N PHE D 28 52.69 -17.85 31.39
CA PHE D 28 51.49 -18.09 32.17
C PHE D 28 51.34 -17.12 33.33
N GLY D 29 52.46 -16.53 33.80
CA GLY D 29 52.42 -15.55 34.86
C GLY D 29 52.46 -14.12 34.36
N THR D 30 53.50 -13.38 34.74
CA THR D 30 53.62 -11.97 34.40
C THR D 30 54.99 -11.76 33.80
N ALA D 31 55.06 -11.14 32.63
CA ALA D 31 56.32 -10.83 31.96
C ALA D 31 56.34 -9.35 31.60
N ASN D 32 57.07 -8.57 32.38
CA ASN D 32 57.11 -7.13 32.20
C ASN D 32 58.35 -6.69 31.44
N GLY D 33 58.24 -5.56 30.74
CA GLY D 33 59.37 -4.92 30.09
C GLY D 33 60.18 -5.78 29.15
N MET D 34 59.56 -6.79 28.54
CA MET D 34 60.28 -7.56 27.53
C MET D 34 60.62 -6.68 26.34
N THR D 35 61.56 -7.15 25.53
CA THR D 35 61.83 -6.57 24.23
C THR D 35 61.90 -7.72 23.24
N ILE D 36 60.87 -7.85 22.42
CA ILE D 36 60.71 -8.99 21.53
C ILE D 36 61.11 -8.58 20.12
N SER D 37 62.14 -9.23 19.60
CA SER D 37 62.74 -8.87 18.33
C SER D 37 63.00 -10.12 17.49
N THR D 38 62.13 -11.13 17.65
CA THR D 38 62.20 -12.37 16.90
C THR D 38 60.80 -12.94 16.77
N GLY D 39 60.63 -13.87 15.84
CA GLY D 39 59.40 -14.61 15.73
C GLY D 39 58.49 -14.20 14.59
N LEU D 40 58.83 -13.13 13.86
CA LEU D 40 58.06 -12.66 12.71
C LEU D 40 58.98 -12.43 11.52
N GLU D 41 60.11 -13.14 11.48
CA GLU D 41 61.16 -12.85 10.52
C GLU D 41 60.70 -13.05 9.08
N LEU D 42 59.84 -14.04 8.85
CA LEU D 42 59.38 -14.39 7.51
C LEU D 42 58.16 -13.59 7.05
N GLY D 43 57.78 -12.56 7.78
CA GLY D 43 56.63 -11.78 7.43
C GLY D 43 55.37 -12.34 8.04
N PRO D 44 54.37 -11.46 8.21
CA PRO D 44 53.15 -11.88 8.89
C PRO D 44 52.36 -12.93 8.13
N ASP D 45 52.49 -12.96 6.80
CA ASP D 45 51.65 -13.89 6.07
C ASP D 45 52.38 -15.22 5.84
N SER D 46 53.12 -15.71 6.84
CA SER D 46 53.83 -16.97 6.72
C SER D 46 53.47 -17.90 7.86
N GLU D 47 53.32 -19.17 7.52
CA GLU D 47 52.98 -20.21 8.47
C GLU D 47 54.19 -21.03 8.91
N GLU D 48 55.40 -20.55 8.66
CA GLU D 48 56.57 -21.23 9.21
C GLU D 48 57.47 -20.29 10.01
N ASN D 49 56.94 -19.19 10.54
CA ASN D 49 57.72 -18.37 11.45
C ASN D 49 57.98 -19.10 12.74
N THR D 50 59.07 -18.75 13.40
CA THR D 50 59.37 -19.39 14.67
C THR D 50 60.01 -18.38 15.62
N GLY D 51 59.62 -18.48 16.90
CA GLY D 51 60.03 -17.55 17.94
C GLY D 51 58.87 -16.65 18.37
N GLY D 52 59.15 -15.85 19.40
CA GLY D 52 58.22 -14.84 19.86
C GLY D 52 57.79 -15.06 21.29
N GLN D 53 56.86 -14.21 21.72
CA GLN D 53 56.24 -14.28 23.03
C GLN D 53 54.81 -14.78 22.89
N TRP D 54 54.39 -15.64 23.82
CA TRP D 54 53.05 -16.22 23.76
C TRP D 54 52.38 -15.99 25.11
N ILE D 55 51.58 -14.93 25.18
CA ILE D 55 50.77 -14.69 26.36
C ILE D 55 49.67 -15.73 26.36
N GLN D 56 49.69 -16.60 27.37
CA GLN D 56 48.75 -17.70 27.48
C GLN D 56 47.58 -17.31 28.38
N ASN D 57 46.56 -18.18 28.37
CA ASN D 57 45.36 -18.04 29.19
C ASN D 57 45.71 -17.74 30.65
N GLY D 58 45.36 -16.54 31.10
CA GLY D 58 45.68 -16.10 32.42
C GLY D 58 47.01 -15.39 32.58
N GLY D 59 47.84 -15.36 31.52
CA GLY D 59 49.10 -14.67 31.60
C GLY D 59 49.00 -13.19 31.26
N ILE D 60 49.96 -12.41 31.75
CA ILE D 60 49.98 -10.98 31.48
C ILE D 60 51.35 -10.61 30.90
N ALA D 61 51.36 -9.69 29.94
CA ALA D 61 52.56 -9.01 29.52
C ALA D 61 52.35 -7.51 29.65
N GLY D 62 53.15 -6.86 30.48
CA GLY D 62 53.11 -5.42 30.65
C GLY D 62 54.40 -4.78 30.16
N ASN D 63 54.26 -3.70 29.41
CA ASN D 63 55.41 -2.90 28.92
C ASN D 63 56.33 -3.67 27.99
N THR D 64 55.82 -4.68 27.31
CA THR D 64 56.64 -5.30 26.29
C THR D 64 56.78 -4.36 25.09
N THR D 65 57.88 -4.50 24.37
CA THR D 65 58.20 -3.60 23.26
C THR D 65 58.57 -4.46 22.07
N VAL D 66 57.72 -4.48 21.04
CA VAL D 66 57.85 -5.42 19.95
C VAL D 66 58.45 -4.68 18.76
N THR D 67 59.71 -4.96 18.45
CA THR D 67 60.45 -4.28 17.40
C THR D 67 60.58 -5.20 16.18
N THR D 68 61.48 -4.82 15.28
CA THR D 68 61.57 -5.42 13.97
C THR D 68 61.74 -6.92 14.09
N ASN D 69 60.87 -7.65 13.41
CA ASN D 69 60.88 -9.11 13.32
C ASN D 69 60.33 -9.75 14.59
N GLY D 70 59.83 -8.98 15.54
CA GLY D 70 59.28 -9.53 16.76
C GLY D 70 57.81 -9.89 16.60
N ARG D 71 57.41 -10.99 17.25
CA ARG D 71 56.04 -11.47 17.24
C ARG D 71 55.60 -11.68 18.67
N GLN D 72 54.50 -11.03 19.06
CA GLN D 72 53.81 -11.29 20.33
C GLN D 72 52.42 -11.81 20.03
N VAL D 73 52.11 -13.01 20.53
CA VAL D 73 50.83 -13.67 20.32
C VAL D 73 50.05 -13.69 21.65
N VAL D 74 48.83 -13.14 21.63
CA VAL D 74 47.93 -13.17 22.78
C VAL D 74 46.76 -14.06 22.43
N LEU D 75 46.56 -15.16 23.20
CA LEU D 75 45.49 -16.12 23.03
C LEU D 75 44.31 -15.64 23.95
N GLU D 76 43.08 -16.15 23.80
CA GLU D 76 42.21 -16.20 24.98
C GLU D 76 42.83 -16.51 26.32
N GLY D 77 42.48 -15.61 27.26
CA GLY D 77 42.96 -15.50 28.61
C GLY D 77 44.13 -14.56 28.73
N GLY D 78 44.83 -14.33 27.63
CA GLY D 78 46.01 -13.52 27.66
C GLY D 78 45.71 -12.04 27.63
N THR D 79 46.65 -11.27 28.15
CA THR D 79 46.47 -9.84 28.30
C THR D 79 47.78 -9.15 27.96
N ALA D 80 47.72 -8.11 27.14
CA ALA D 80 48.89 -7.30 26.80
C ALA D 80 48.62 -5.86 27.20
N SER D 81 49.28 -5.38 28.25
CA SER D 81 49.10 -4.01 28.69
C SER D 81 50.32 -3.17 28.32
N ASP D 82 50.08 -1.90 27.96
CA ASP D 82 51.14 -0.90 27.78
C ASP D 82 52.19 -1.36 26.78
N THR D 83 51.76 -1.96 25.68
CA THR D 83 52.68 -2.58 24.75
C THR D 83 52.97 -1.65 23.58
N VAL D 84 54.24 -1.58 23.17
CA VAL D 84 54.70 -0.68 22.11
C VAL D 84 55.13 -1.52 20.92
N ILE D 85 54.48 -1.31 19.79
CA ILE D 85 54.75 -2.08 18.59
C ILE D 85 55.30 -1.13 17.57
N ARG D 86 56.52 -1.37 17.10
CA ARG D 86 57.20 -0.42 16.26
C ARG D 86 58.04 -1.14 15.21
N ASP D 87 58.42 -0.38 14.18
CA ASP D 87 59.48 -0.70 13.23
C ASP D 87 59.30 -2.08 12.58
N GLY D 88 58.10 -2.61 12.60
CA GLY D 88 57.79 -3.84 11.86
C GLY D 88 57.32 -4.99 12.72
N GLY D 89 57.42 -4.90 14.04
CA GLY D 89 56.84 -5.93 14.88
C GLY D 89 55.33 -6.03 14.70
N GLY D 90 54.79 -7.18 15.06
CA GLY D 90 53.37 -7.41 14.98
C GLY D 90 52.86 -8.00 16.28
N GLN D 91 51.56 -7.79 16.53
CA GLN D 91 50.87 -8.44 17.64
C GLN D 91 49.64 -9.14 17.07
N SER D 92 49.65 -10.47 17.15
CA SER D 92 48.49 -11.29 16.82
C SER D 92 47.65 -11.36 18.09
N LEU D 93 46.46 -10.75 18.05
CA LEU D 93 45.59 -10.58 19.22
C LEU D 93 44.38 -11.51 19.11
N ASN D 94 44.30 -12.48 20.03
CA ASN D 94 43.10 -13.28 20.24
C ASN D 94 42.52 -13.09 21.63
N GLY D 95 43.22 -12.36 22.50
CA GLY D 95 42.78 -12.08 23.85
C GLY D 95 42.51 -10.60 24.02
N LEU D 96 43.20 -9.96 24.97
CA LEU D 96 42.94 -8.58 25.36
C LEU D 96 44.22 -7.78 25.33
N ALA D 97 44.19 -6.67 24.60
CA ALA D 97 45.31 -5.73 24.60
C ALA D 97 44.78 -4.39 25.10
N VAL D 98 45.50 -3.81 26.07
CA VAL D 98 45.14 -2.51 26.63
C VAL D 98 46.26 -1.53 26.30
N ASN D 99 45.88 -0.33 25.86
CA ASN D 99 46.79 0.78 25.61
C ASN D 99 48.04 0.33 24.83
N THR D 100 47.81 0.08 23.56
CA THR D 100 48.82 -0.35 22.62
C THR D 100 49.15 0.80 21.67
N THR D 101 50.43 0.94 21.33
CA THR D 101 50.91 2.06 20.52
C THR D 101 51.62 1.54 19.29
N LEU D 102 51.20 2.02 18.13
CA LEU D 102 51.63 1.51 16.83
C LEU D 102 52.32 2.63 16.05
N ASN D 103 53.61 2.46 15.75
CA ASN D 103 54.28 3.37 14.84
C ASN D 103 55.12 2.59 13.85
N ASN D 104 55.32 3.21 12.69
CA ASN D 104 56.24 2.76 11.65
C ASN D 104 56.18 1.26 11.37
N ARG D 105 55.17 0.82 10.62
CA ARG D 105 55.01 -0.56 10.19
C ARG D 105 54.72 -1.55 11.32
N GLY D 106 54.51 -1.07 12.55
CA GLY D 106 54.04 -1.94 13.61
C GLY D 106 52.56 -2.28 13.42
N GLU D 107 52.23 -3.56 13.47
CA GLU D 107 50.87 -4.01 13.20
C GLU D 107 50.23 -4.63 14.43
N GLN D 108 48.90 -4.51 14.50
CA GLN D 108 48.08 -5.24 15.45
C GLN D 108 46.98 -5.92 14.66
N TRP D 109 46.92 -7.24 14.73
CA TRP D 109 45.86 -8.01 14.11
C TRP D 109 44.92 -8.49 15.21
N VAL D 110 43.77 -7.85 15.33
CA VAL D 110 42.76 -8.25 16.29
C VAL D 110 41.92 -9.35 15.63
N HIS D 111 42.02 -10.56 16.15
CA HIS D 111 41.36 -11.69 15.53
C HIS D 111 40.01 -11.91 16.19
N GLU D 112 39.31 -12.94 15.70
CA GLU D 112 38.01 -13.30 16.26
C GLU D 112 38.10 -13.42 17.78
N GLY D 113 37.20 -12.73 18.47
CA GLY D 113 37.20 -12.74 19.92
C GLY D 113 38.23 -11.84 20.55
N GLY D 114 39.12 -11.24 19.77
CA GLY D 114 40.12 -10.37 20.32
C GLY D 114 39.57 -8.98 20.55
N VAL D 115 39.97 -8.39 21.66
CA VAL D 115 39.56 -7.04 22.02
C VAL D 115 40.83 -6.22 22.19
N ALA D 116 40.93 -5.13 21.43
CA ALA D 116 42.02 -4.17 21.53
C ALA D 116 41.41 -2.85 21.95
N THR D 117 41.72 -2.44 23.18
CA THR D 117 41.18 -1.22 23.77
C THR D 117 42.30 -0.19 23.92
N GLY D 118 42.01 1.03 23.47
CA GLY D 118 42.93 2.14 23.61
C GLY D 118 44.19 2.07 22.75
N THR D 119 44.05 1.73 21.48
CA THR D 119 45.21 1.73 20.60
C THR D 119 45.47 3.11 20.03
N ILE D 120 46.72 3.57 20.07
CA ILE D 120 47.12 4.78 19.35
C ILE D 120 47.92 4.39 18.12
N ILE D 121 47.42 4.76 16.95
CA ILE D 121 48.05 4.41 15.69
C ILE D 121 48.77 5.66 15.19
N ASN D 122 50.04 5.76 15.51
CA ASN D 122 50.81 6.89 15.02
C ASN D 122 51.43 6.56 13.66
N ARG D 123 52.30 7.44 13.17
CA ARG D 123 52.72 7.43 11.77
C ARG D 123 53.06 6.04 11.25
N ASP D 124 52.31 5.59 10.26
CA ASP D 124 52.58 4.41 9.46
C ASP D 124 52.44 3.11 10.25
N GLY D 125 51.75 3.17 11.40
CA GLY D 125 51.23 1.97 12.03
C GLY D 125 49.93 1.47 11.39
N TYR D 126 49.46 0.32 11.85
CA TYR D 126 48.39 -0.37 11.15
C TYR D 126 47.65 -1.29 12.12
N GLN D 127 46.35 -1.05 12.29
CA GLN D 127 45.50 -1.95 13.05
C GLN D 127 44.56 -2.64 12.08
N SER D 128 44.54 -3.96 12.12
CA SER D 128 43.63 -4.72 11.29
C SER D 128 42.65 -5.47 12.18
N VAL D 129 41.40 -5.01 12.20
CA VAL D 129 40.37 -5.63 13.01
C VAL D 129 39.67 -6.66 12.11
N LYS D 130 40.09 -7.93 12.23
CA LYS D 130 39.53 -9.01 11.43
C LYS D 130 38.12 -9.35 11.91
N SER D 131 37.40 -10.11 11.09
CA SER D 131 36.03 -10.47 11.43
C SER D 131 35.97 -11.13 12.80
N GLY D 132 35.05 -10.63 13.64
CA GLY D 132 34.89 -11.13 14.98
C GLY D 132 35.79 -10.49 16.00
N GLY D 133 36.60 -9.53 15.60
CA GLY D 133 37.39 -8.77 16.54
C GLY D 133 36.75 -7.43 16.81
N LEU D 134 37.27 -6.77 17.84
CA LEU D 134 36.68 -5.52 18.27
C LEU D 134 37.79 -4.59 18.76
N ALA D 135 37.73 -3.35 18.29
CA ALA D 135 38.73 -2.33 18.63
C ALA D 135 37.97 -1.13 19.16
N THR D 136 38.14 -0.83 20.44
CA THR D 136 37.43 0.27 21.09
C THR D 136 38.42 1.27 21.68
N GLY D 137 38.04 2.54 21.62
CA GLY D 137 38.92 3.55 22.17
C GLY D 137 40.14 3.84 21.32
N THR D 138 40.01 3.76 20.01
CA THR D 138 41.14 3.94 19.13
C THR D 138 41.34 5.41 18.77
N ILE D 139 42.61 5.82 18.73
CA ILE D 139 43.04 7.11 18.20
C ILE D 139 43.89 6.82 16.98
N ILE D 140 43.59 7.46 15.86
CA ILE D 140 44.26 7.16 14.61
C ILE D 140 44.96 8.41 14.10
N ASN D 141 46.28 8.32 13.87
CA ASN D 141 47.07 9.47 13.47
C ASN D 141 47.74 9.28 12.09
N THR D 142 47.21 8.39 11.26
CA THR D 142 47.94 8.04 10.05
C THR D 142 46.96 7.38 9.08
N GLY D 143 47.38 7.33 7.81
CA GLY D 143 46.66 6.62 6.76
C GLY D 143 46.10 7.54 5.70
N ALA D 144 45.78 8.76 6.07
CA ALA D 144 45.21 9.72 5.14
C ALA D 144 46.23 10.78 4.77
N GLU D 145 47.51 10.53 5.02
CA GLU D 145 48.52 11.48 4.58
C GLU D 145 48.54 11.67 3.08
N GLY D 146 47.92 10.79 2.30
CA GLY D 146 47.85 11.10 0.89
C GLY D 146 46.67 11.95 0.44
N GLY D 147 45.79 12.36 1.36
CA GLY D 147 44.63 13.17 1.02
C GLY D 147 43.45 12.35 0.54
N PRO D 148 42.36 13.03 0.18
CA PRO D 148 41.15 12.31 -0.25
C PRO D 148 41.37 11.39 -1.45
N ASP D 149 42.18 11.82 -2.41
CA ASP D 149 42.45 10.99 -3.58
C ASP D 149 43.33 9.78 -3.25
N SER D 150 43.90 9.71 -2.05
CA SER D 150 44.82 8.64 -1.69
C SER D 150 44.07 7.33 -1.52
N ASP D 151 44.19 6.47 -2.52
CA ASP D 151 43.98 5.04 -2.35
C ASP D 151 45.01 4.49 -1.38
N ASN D 152 44.63 4.22 -0.13
CA ASN D 152 45.56 3.59 0.80
C ASN D 152 44.78 2.80 1.81
N SER D 153 45.18 1.54 2.01
CA SER D 153 44.55 0.64 2.96
C SER D 153 45.52 0.12 3.99
N TYR D 154 46.80 0.50 3.91
CA TYR D 154 47.88 -0.17 4.62
C TYR D 154 48.26 0.49 5.94
N THR D 155 47.85 1.73 6.17
CA THR D 155 48.14 2.38 7.44
C THR D 155 46.86 2.97 7.97
N GLY D 156 46.78 3.09 9.28
CA GLY D 156 45.55 3.48 9.91
C GLY D 156 44.87 2.26 10.50
N GLN D 157 43.55 2.32 10.59
CA GLN D 157 42.74 1.20 11.05
C GLN D 157 41.98 0.63 9.87
N LYS D 158 42.01 -0.69 9.74
CA LYS D 158 41.24 -1.41 8.73
C LYS D 158 40.24 -2.27 9.46
N VAL D 159 38.96 -1.99 9.27
CA VAL D 159 37.89 -2.60 10.05
C VAL D 159 37.15 -3.57 9.14
N GLN D 160 37.39 -4.85 9.36
CA GLN D 160 36.65 -5.95 8.76
C GLN D 160 35.68 -6.59 9.75
N GLY D 161 35.86 -6.30 11.05
CA GLY D 161 34.93 -6.60 12.12
C GLY D 161 34.36 -5.32 12.71
N THR D 162 34.65 -4.98 13.98
CA THR D 162 33.97 -3.89 14.66
C THR D 162 34.92 -2.94 15.37
N ALA D 163 34.70 -1.64 15.16
CA ALA D 163 35.43 -0.57 15.84
C ALA D 163 34.45 0.40 16.52
N GLU D 164 34.65 0.64 17.82
CA GLU D 164 33.84 1.58 18.59
C GLU D 164 34.69 2.69 19.21
N SER D 165 34.08 3.89 19.30
CA SER D 165 34.63 5.05 20.01
C SER D 165 36.01 5.43 19.47
N THR D 166 36.05 5.74 18.19
CA THR D 166 37.28 6.02 17.48
C THR D 166 37.47 7.52 17.31
N THR D 167 38.65 8.01 17.61
CA THR D 167 38.97 9.42 17.37
C THR D 167 39.96 9.45 16.21
N ILE D 168 39.56 10.12 15.12
CA ILE D 168 40.40 10.20 13.92
C ILE D 168 40.95 11.62 13.85
N ASN D 169 42.27 11.75 14.00
CA ASN D 169 42.92 13.06 14.04
C ASN D 169 43.44 13.42 12.67
N LYS D 170 44.06 14.61 12.58
CA LYS D 170 44.69 15.01 11.33
C LYS D 170 45.63 13.91 10.84
N ASN D 171 45.48 13.56 9.57
CA ASN D 171 46.17 12.48 8.87
C ASN D 171 45.64 11.10 9.22
N GLY D 172 44.72 10.96 10.17
CA GLY D 172 44.14 9.67 10.45
C GLY D 172 43.17 9.23 9.36
N ARG D 173 43.05 7.92 9.22
CA ARG D 173 42.14 7.29 8.27
C ARG D 173 41.61 5.99 8.85
N GLN D 174 40.30 5.78 8.69
CA GLN D 174 39.64 4.52 9.04
C GLN D 174 39.01 3.97 7.77
N ILE D 175 39.29 2.70 7.46
CA ILE D 175 38.74 2.04 6.28
C ILE D 175 37.84 0.92 6.75
N ILE D 176 36.53 1.08 6.54
CA ILE D 176 35.51 0.11 6.91
C ILE D 176 35.21 -0.70 5.68
N LEU D 177 35.50 -1.99 5.73
CA LEU D 177 35.32 -2.88 4.59
C LEU D 177 33.90 -3.44 4.59
N PHE D 178 33.56 -4.20 3.54
CA PHE D 178 32.24 -4.80 3.38
C PHE D 178 31.70 -5.40 4.70
N SER D 179 32.50 -6.20 5.40
CA SER D 179 31.98 -6.83 6.61
C SER D 179 32.14 -5.95 7.85
N GLY D 180 32.51 -4.71 7.72
CA GLY D 180 32.85 -3.93 8.88
C GLY D 180 31.70 -3.10 9.45
N LEU D 181 31.87 -2.76 10.74
CA LEU D 181 31.00 -1.86 11.48
C LEU D 181 31.86 -0.91 12.28
N ALA D 182 31.64 0.40 12.11
CA ALA D 182 32.20 1.42 12.99
C ALA D 182 31.04 2.15 13.65
N ARG D 183 31.03 2.15 14.98
CA ARG D 183 29.97 2.73 15.78
C ARG D 183 30.60 3.76 16.72
N ASP D 184 30.16 5.03 16.62
CA ASP D 184 30.63 6.13 17.48
C ASP D 184 32.00 6.67 17.10
N THR D 185 32.12 7.40 16.01
CA THR D 185 33.43 7.88 15.60
C THR D 185 33.40 9.38 15.42
N LEU D 186 34.53 10.00 15.73
CA LEU D 186 34.72 11.44 15.66
C LEU D 186 35.89 11.73 14.73
N ILE D 187 35.69 12.61 13.74
CA ILE D 187 36.67 12.81 12.68
C ILE D 187 36.99 14.30 12.55
N TYR D 188 38.21 14.69 12.91
CA TYR D 188 38.66 16.07 12.83
C TYR D 188 39.19 16.43 11.44
N ALA D 189 39.43 17.72 11.25
CA ALA D 189 39.98 18.21 9.98
C ALA D 189 41.30 17.52 9.70
N GLY D 190 41.42 16.97 8.50
CA GLY D 190 42.62 16.27 8.10
C GLY D 190 42.56 14.78 8.27
N GLY D 191 41.51 14.25 8.90
CA GLY D 191 41.25 12.82 8.95
C GLY D 191 40.09 12.47 8.04
N ASP D 192 39.91 11.17 7.80
CA ASP D 192 38.76 10.77 6.99
C ASP D 192 38.41 9.31 7.24
N GLN D 193 37.26 8.92 6.71
CA GLN D 193 36.66 7.63 6.95
C GLN D 193 36.06 7.15 5.65
N SER D 194 36.48 5.97 5.20
CA SER D 194 35.97 5.38 3.98
C SER D 194 35.05 4.23 4.37
N VAL D 195 33.77 4.32 3.98
CA VAL D 195 32.74 3.41 4.44
C VAL D 195 32.33 2.51 3.27
N HIS D 196 32.81 1.27 3.27
CA HIS D 196 32.36 0.21 2.37
C HIS D 196 31.45 -0.78 3.07
N GLY D 197 31.28 -0.65 4.38
CA GLY D 197 30.43 -1.48 5.21
C GLY D 197 29.41 -0.60 5.86
N ARG D 198 29.45 -0.43 7.18
CA ARG D 198 28.43 0.42 7.80
C ARG D 198 29.00 1.29 8.91
N ALA D 199 28.71 2.58 8.81
CA ALA D 199 29.13 3.58 9.77
C ALA D 199 27.91 4.10 10.53
N LEU D 200 28.04 4.20 11.85
CA LEU D 200 26.94 4.52 12.73
C LEU D 200 27.44 5.53 13.76
N ASN D 201 26.77 6.68 13.84
CA ASN D 201 27.06 7.77 14.77
C ASN D 201 28.46 8.37 14.55
N THR D 202 28.59 9.11 13.45
CA THR D 202 29.82 9.81 13.12
C THR D 202 29.63 11.32 13.22
N THR D 203 30.63 11.99 13.79
CA THR D 203 30.68 13.43 13.88
C THR D 203 31.84 13.91 13.02
N LEU D 204 31.57 14.78 12.08
CA LEU D 204 32.61 15.36 11.25
C LEU D 204 32.89 16.79 11.73
N ASN D 205 33.93 16.95 12.57
CA ASN D 205 34.37 18.30 12.92
C ASN D 205 35.47 18.72 11.96
N GLY D 206 35.06 19.08 10.76
CA GLY D 206 35.98 19.30 9.67
C GLY D 206 36.46 18.05 8.96
N GLY D 207 36.05 16.82 9.44
CA GLY D 207 36.50 15.57 8.85
C GLY D 207 35.74 15.17 7.59
N TYR D 208 36.23 14.14 6.91
CA TYR D 208 35.63 13.69 5.65
C TYR D 208 35.13 12.26 5.78
N GLN D 209 33.98 11.97 5.19
CA GLN D 209 33.42 10.63 5.22
C GLN D 209 32.98 10.26 3.80
N TYR D 210 33.51 9.15 3.29
CA TYR D 210 33.18 8.68 1.94
C TYR D 210 32.30 7.44 2.09
N VAL D 211 31.11 7.48 1.50
CA VAL D 211 30.22 6.34 1.45
C VAL D 211 30.26 5.79 0.02
N HIS D 212 30.91 4.63 -0.15
CA HIS D 212 31.06 4.02 -1.47
C HIS D 212 29.92 3.05 -1.73
N ARG D 213 29.93 2.47 -2.94
CA ARG D 213 28.91 1.52 -3.31
C ARG D 213 28.76 0.47 -2.21
N ASP D 214 27.52 0.27 -1.76
CA ASP D 214 27.15 -0.69 -0.72
C ASP D 214 27.55 -0.23 0.68
N GLY D 215 27.89 1.04 0.84
CA GLY D 215 28.11 1.61 2.17
C GLY D 215 26.86 2.25 2.77
N LEU D 216 26.70 2.03 4.08
CA LEU D 216 25.62 2.61 4.90
C LEU D 216 26.19 3.45 6.03
N ALA D 217 25.84 4.73 6.04
CA ALA D 217 26.15 5.63 7.14
C ALA D 217 24.84 6.09 7.78
N LEU D 218 24.78 6.04 9.12
CA LEU D 218 23.58 6.41 9.85
C LEU D 218 23.96 7.36 10.97
N ASN D 219 23.25 8.50 11.05
CA ASN D 219 23.42 9.48 12.11
C ASN D 219 24.75 10.23 11.98
N THR D 220 24.92 11.00 10.91
CA THR D 220 26.12 11.83 10.72
C THR D 220 25.81 13.28 11.02
N VAL D 221 26.74 13.93 11.71
CA VAL D 221 26.66 15.37 11.97
C VAL D 221 27.82 16.02 11.24
N ILE D 222 27.51 16.79 10.20
CA ILE D 222 28.54 17.49 9.43
C ILE D 222 28.68 18.89 10.02
N ASN D 223 29.76 19.14 10.74
CA ASN D 223 30.00 20.46 11.31
C ASN D 223 30.89 21.26 10.36
N GLU D 224 31.47 22.36 10.84
CA GLU D 224 32.11 23.31 9.96
C GLU D 224 33.34 22.71 9.31
N GLY D 225 33.36 22.71 7.97
CA GLY D 225 34.40 22.07 7.19
C GLY D 225 34.14 20.61 6.89
N GLY D 226 33.14 20.00 7.53
CA GLY D 226 32.88 18.59 7.31
C GLY D 226 32.35 18.32 5.93
N TRP D 227 32.39 17.05 5.56
CA TRP D 227 32.09 16.64 4.20
C TRP D 227 31.69 15.18 4.22
N GLN D 228 30.46 14.91 3.84
CA GLN D 228 30.02 13.54 3.66
C GLN D 228 29.70 13.35 2.19
N VAL D 229 30.42 12.46 1.53
CA VAL D 229 30.25 12.20 0.10
C VAL D 229 29.62 10.83 -0.07
N VAL D 230 28.41 10.80 -0.59
CA VAL D 230 27.69 9.57 -0.89
C VAL D 230 27.90 9.31 -2.38
N LYS D 231 28.76 8.36 -2.69
CA LYS D 231 29.09 7.99 -4.07
C LYS D 231 28.00 7.08 -4.62
N ALA D 232 28.08 6.81 -5.93
CA ALA D 232 27.06 5.96 -6.55
C ALA D 232 27.02 4.61 -5.86
N GLY D 233 25.84 4.22 -5.41
CA GLY D 233 25.66 2.94 -4.77
C GLY D 233 25.73 3.00 -3.27
N GLY D 234 26.06 4.16 -2.69
CA GLY D 234 26.08 4.32 -1.25
C GLY D 234 24.74 4.82 -0.74
N ALA D 235 24.68 5.00 0.58
CA ALA D 235 23.44 5.43 1.21
C ALA D 235 23.73 5.99 2.60
N ALA D 236 23.18 7.17 2.90
CA ALA D 236 23.22 7.74 4.24
C ALA D 236 21.81 8.02 4.74
N GLY D 237 21.58 7.75 6.01
CA GLY D 237 20.34 8.12 6.68
C GLY D 237 20.61 9.03 7.86
N ASN D 238 19.75 10.05 8.03
CA ASN D 238 19.76 10.95 9.19
C ASN D 238 21.06 11.75 9.29
N THR D 239 21.44 12.36 8.18
CA THR D 239 22.65 13.16 8.17
C THR D 239 22.28 14.63 8.38
N THR D 240 22.97 15.31 9.30
CA THR D 240 22.66 16.68 9.69
C THR D 240 23.73 17.61 9.14
N ILE D 241 23.35 18.49 8.22
CA ILE D 241 24.27 19.45 7.61
C ILE D 241 24.19 20.74 8.43
N ASN D 242 25.21 20.99 9.24
CA ASN D 242 25.26 22.24 9.97
C ASN D 242 25.97 23.29 9.13
N GLN D 243 26.13 24.49 9.67
CA GLN D 243 26.68 25.58 8.87
C GLN D 243 28.10 25.26 8.42
N ASN D 244 28.38 25.51 7.14
CA ASN D 244 29.70 25.29 6.54
C ASN D 244 30.09 23.83 6.44
N GLY D 245 29.15 22.90 6.62
CA GLY D 245 29.33 21.53 6.21
C GLY D 245 28.73 21.31 4.83
N GLU D 246 29.16 20.25 4.16
CA GLU D 246 28.62 19.94 2.84
C GLU D 246 28.30 18.48 2.76
N LEU D 247 27.09 18.16 2.31
CA LEU D 247 26.73 16.81 1.94
C LEU D 247 26.65 16.77 0.43
N ARG D 248 27.36 15.82 -0.16
CA ARG D 248 27.35 15.68 -1.59
C ARG D 248 26.92 14.28 -1.92
N VAL D 249 25.89 14.16 -2.74
CA VAL D 249 25.36 12.87 -3.15
C VAL D 249 25.50 12.78 -4.66
N HIS D 250 26.19 11.75 -5.13
CA HIS D 250 26.36 11.57 -6.57
C HIS D 250 25.19 10.81 -7.17
N ALA D 251 25.16 10.80 -8.50
CA ALA D 251 24.16 10.05 -9.24
C ALA D 251 24.17 8.59 -8.81
N GLY D 252 23.06 8.12 -8.26
CA GLY D 252 22.97 6.77 -7.75
C GLY D 252 23.19 6.65 -6.27
N GLY D 253 23.36 7.79 -5.57
CA GLY D 253 23.39 7.79 -4.13
C GLY D 253 22.01 8.01 -3.50
N GLU D 254 21.95 7.79 -2.19
CA GLU D 254 20.73 8.01 -1.43
C GLU D 254 21.14 8.66 -0.11
N ALA D 255 20.77 9.91 0.08
CA ALA D 255 20.74 10.48 1.41
C ALA D 255 19.29 10.70 1.73
N THR D 256 18.78 10.00 2.73
CA THR D 256 17.45 10.22 3.27
C THR D 256 17.54 10.68 4.72
N ALA D 257 16.47 11.36 5.14
CA ALA D 257 16.37 11.98 6.46
C ALA D 257 17.45 13.05 6.64
N VAL D 258 17.64 13.86 5.61
CA VAL D 258 18.66 14.90 5.64
C VAL D 258 18.09 16.13 6.34
N THR D 259 18.85 16.68 7.28
CA THR D 259 18.45 17.90 7.97
C THR D 259 19.43 18.99 7.56
N GLN D 260 18.99 19.87 6.67
CA GLN D 260 19.86 20.91 6.11
C GLN D 260 19.62 22.20 6.88
N ASN D 261 20.37 22.38 7.96
CA ASN D 261 20.28 23.59 8.75
C ASN D 261 20.76 24.80 7.94
N THR D 262 20.64 25.98 8.54
CA THR D 262 20.91 27.20 7.78
C THR D 262 22.40 27.32 7.53
N GLY D 263 22.77 27.35 6.25
CA GLY D 263 24.17 27.39 5.85
C GLY D 263 24.73 26.05 5.44
N GLY D 264 23.93 25.00 5.46
CA GLY D 264 24.41 23.69 5.03
C GLY D 264 24.45 23.61 3.52
N ALA D 265 25.57 23.10 3.00
CA ALA D 265 25.72 22.98 1.55
C ALA D 265 25.28 21.60 1.11
N LEU D 266 24.34 21.55 0.17
CA LEU D 266 23.88 20.31 -0.45
C LEU D 266 24.27 20.34 -1.92
N VAL D 267 25.09 19.39 -2.34
CA VAL D 267 25.56 19.30 -3.71
C VAL D 267 25.02 18.00 -4.29
N THR D 268 24.11 18.09 -5.25
CA THR D 268 23.58 16.83 -5.77
C THR D 268 22.97 17.10 -7.14
N SER D 269 22.35 16.07 -7.70
CA SER D 269 21.74 16.14 -9.01
C SER D 269 20.47 15.27 -9.01
N THR D 270 19.59 15.53 -9.96
CA THR D 270 18.33 14.81 -9.96
C THR D 270 18.51 13.33 -10.22
N ALA D 271 19.71 12.89 -10.59
CA ALA D 271 19.99 11.48 -10.71
C ALA D 271 20.29 10.82 -9.36
N ALA D 272 20.24 11.57 -8.26
CA ALA D 272 20.39 11.04 -6.91
C ALA D 272 19.04 11.00 -6.20
N THR D 273 19.07 10.58 -4.94
CA THR D 273 17.91 10.60 -4.06
C THR D 273 18.30 11.37 -2.80
N VAL D 274 17.68 12.52 -2.57
CA VAL D 274 17.87 13.25 -1.32
C VAL D 274 16.50 13.67 -0.81
N ILE D 275 16.10 13.14 0.35
CA ILE D 275 14.90 13.59 1.02
C ILE D 275 15.26 14.11 2.40
N GLY D 276 14.61 15.21 2.79
CA GLY D 276 14.81 15.78 4.11
C GLY D 276 14.09 17.12 4.24
N THR D 277 14.59 17.95 5.14
CA THR D 277 13.98 19.24 5.43
C THR D 277 15.07 20.29 5.53
N ASN D 278 14.81 21.46 4.95
CA ASN D 278 15.72 22.61 5.05
C ASN D 278 15.07 23.75 5.82
N ARG D 279 15.72 24.92 5.78
CA ARG D 279 15.20 26.03 6.56
C ARG D 279 13.92 26.58 5.98
N LEU D 280 13.51 26.16 4.78
CA LEU D 280 12.20 26.55 4.26
C LEU D 280 11.17 25.48 4.63
N GLY D 281 11.23 24.32 3.99
CA GLY D 281 10.30 23.25 4.29
C GLY D 281 10.89 21.89 4.05
N ASN D 282 10.01 20.91 3.85
CA ASN D 282 10.42 19.63 3.32
C ASN D 282 10.91 19.82 1.89
N PHE D 283 11.86 18.97 1.49
CA PHE D 283 12.38 18.94 0.12
C PHE D 283 12.62 17.48 -0.26
N THR D 284 12.45 17.17 -1.55
CA THR D 284 12.71 15.82 -2.03
C THR D 284 13.37 15.95 -3.39
N VAL D 285 14.47 15.24 -3.58
CA VAL D 285 14.98 15.01 -4.92
C VAL D 285 14.86 13.51 -5.12
N GLU D 286 13.81 13.07 -5.82
CA GLU D 286 13.55 11.65 -5.92
C GLU D 286 12.97 11.36 -7.29
N ASN D 287 13.38 10.25 -7.89
CA ASN D 287 12.84 9.79 -9.16
C ASN D 287 12.98 10.83 -10.26
N GLY D 288 14.02 11.64 -10.20
CA GLY D 288 14.27 12.59 -11.26
C GLY D 288 13.43 13.84 -11.21
N LYS D 289 12.76 14.10 -10.10
CA LYS D 289 11.98 15.31 -9.88
C LYS D 289 12.47 15.93 -8.59
N ALA D 290 12.80 17.22 -8.63
CA ALA D 290 13.20 17.98 -7.45
C ALA D 290 12.08 18.91 -7.04
N ASP D 291 11.98 19.15 -5.73
CA ASP D 291 10.86 19.91 -5.20
C ASP D 291 11.31 20.56 -3.90
N GLY D 292 11.55 21.87 -3.95
CA GLY D 292 11.82 22.65 -2.75
C GLY D 292 13.26 22.67 -2.29
N VAL D 293 14.21 22.44 -3.19
CA VAL D 293 15.61 22.38 -2.80
C VAL D 293 16.08 23.79 -2.48
N VAL D 294 16.99 23.92 -1.52
CA VAL D 294 17.60 25.21 -1.19
C VAL D 294 19.11 25.10 -1.36
N LEU D 295 19.65 25.86 -2.32
CA LEU D 295 21.07 25.83 -2.64
C LEU D 295 21.72 27.10 -2.13
N GLU D 296 22.50 26.99 -1.07
CA GLU D 296 23.20 28.13 -0.50
C GLU D 296 24.62 27.71 -0.16
N SER D 297 25.49 28.69 0.09
CA SER D 297 26.81 28.46 0.69
C SER D 297 27.58 27.33 0.01
N GLY D 298 27.59 27.33 -1.32
CA GLY D 298 28.36 26.34 -2.05
C GLY D 298 27.59 25.10 -2.43
N GLY D 299 26.30 25.06 -2.15
CA GLY D 299 25.46 24.02 -2.68
C GLY D 299 25.21 24.18 -4.17
N ARG D 300 24.61 23.14 -4.74
CA ARG D 300 24.45 23.08 -6.18
C ARG D 300 23.53 21.92 -6.50
N LEU D 301 22.58 22.16 -7.39
CA LEU D 301 21.67 21.13 -7.86
C LEU D 301 21.74 21.16 -9.37
N ASP D 302 22.00 20.01 -9.97
CA ASP D 302 22.01 19.86 -11.42
C ASP D 302 20.75 19.14 -11.86
N VAL D 303 19.95 19.80 -12.68
CA VAL D 303 18.76 19.19 -13.24
C VAL D 303 19.16 18.60 -14.58
N LEU D 304 19.28 17.28 -14.64
CA LEU D 304 19.78 16.69 -15.87
C LEU D 304 18.69 16.67 -16.93
N GLU D 305 19.04 16.15 -18.11
CA GLU D 305 18.09 15.98 -19.18
C GLU D 305 16.90 15.14 -18.73
N SER D 306 15.68 15.65 -18.97
CA SER D 306 14.40 15.00 -18.74
C SER D 306 13.99 14.95 -17.28
N HIS D 307 14.67 15.69 -16.42
CA HIS D 307 14.32 15.79 -15.02
C HIS D 307 13.73 17.17 -14.78
N SER D 308 13.27 17.43 -13.55
CA SER D 308 12.52 18.63 -13.23
C SER D 308 12.89 19.11 -11.83
N ALA D 309 12.68 20.40 -11.57
CA ALA D 309 12.79 21.00 -10.25
C ALA D 309 11.66 21.97 -9.97
N GLN D 310 10.98 21.83 -8.81
CA GLN D 310 9.84 22.74 -8.62
C GLN D 310 10.23 24.05 -7.94
N ASN D 311 10.60 24.01 -6.68
CA ASN D 311 10.55 25.28 -5.95
C ASN D 311 11.92 25.62 -5.39
N THR D 312 12.88 25.79 -6.27
CA THR D 312 14.27 25.89 -5.84
C THR D 312 14.62 27.32 -5.49
N LEU D 313 15.28 27.49 -4.35
CA LEU D 313 15.85 28.78 -3.94
C LEU D 313 17.36 28.70 -4.11
N VAL D 314 17.90 29.56 -4.97
CA VAL D 314 19.33 29.70 -5.12
C VAL D 314 19.71 30.98 -4.39
N ASP D 315 20.36 30.83 -3.24
CA ASP D 315 20.70 31.97 -2.41
C ASP D 315 22.18 32.28 -2.62
N ASP D 316 22.75 33.14 -1.77
CA ASP D 316 24.12 33.61 -1.92
C ASP D 316 25.12 32.48 -1.83
N GLY D 317 25.79 32.20 -2.95
CA GLY D 317 26.76 31.14 -3.04
C GLY D 317 26.22 29.83 -3.59
N GLY D 318 24.90 29.74 -3.80
CA GLY D 318 24.33 28.56 -4.40
C GLY D 318 24.48 28.55 -5.92
N THR D 319 24.17 27.38 -6.50
CA THR D 319 24.26 27.17 -7.94
C THR D 319 23.15 26.25 -8.44
N LEU D 320 22.39 26.71 -9.43
CA LEU D 320 21.47 25.85 -10.17
C LEU D 320 22.01 25.72 -11.59
N ALA D 321 22.25 24.48 -12.01
CA ALA D 321 22.71 24.15 -13.35
C ALA D 321 21.66 23.28 -14.02
N VAL D 322 21.06 23.77 -15.09
CA VAL D 322 20.00 23.05 -15.78
C VAL D 322 20.54 22.58 -17.12
N SER D 323 20.70 21.26 -17.28
CA SER D 323 21.09 20.71 -18.57
C SER D 323 20.03 21.03 -19.60
N ALA D 324 20.42 20.96 -20.87
CA ALA D 324 19.44 21.10 -21.94
C ALA D 324 18.52 19.90 -21.91
N GLY D 325 17.24 20.14 -22.15
CA GLY D 325 16.25 19.10 -21.97
C GLY D 325 15.75 18.96 -20.55
N GLY D 326 16.27 19.74 -19.60
CA GLY D 326 15.71 19.80 -18.26
C GLY D 326 14.76 20.97 -18.12
N LYS D 327 14.01 20.96 -17.02
CA LYS D 327 12.97 21.95 -16.75
C LYS D 327 13.10 22.31 -15.27
N ALA D 328 13.25 23.60 -14.97
CA ALA D 328 13.28 24.09 -13.59
C ALA D 328 12.42 25.34 -13.54
N THR D 329 11.16 25.18 -13.16
CA THR D 329 10.17 26.25 -13.01
C THR D 329 10.12 26.70 -11.54
N SER D 330 9.52 27.86 -11.29
CA SER D 330 9.31 28.35 -9.92
C SER D 330 10.62 28.56 -9.15
N VAL D 331 11.63 29.10 -9.83
CA VAL D 331 12.99 29.27 -9.29
C VAL D 331 13.17 30.68 -8.77
N THR D 332 13.80 30.82 -7.61
CA THR D 332 14.11 32.13 -7.02
C THR D 332 15.62 32.20 -6.87
N ILE D 333 16.25 33.24 -7.42
CA ILE D 333 17.69 33.35 -7.42
C ILE D 333 18.06 34.71 -6.84
N THR D 334 18.34 34.71 -5.53
CA THR D 334 19.02 35.79 -4.83
C THR D 334 20.25 36.30 -5.58
N SER D 335 20.45 37.61 -5.51
CA SER D 335 21.72 38.20 -5.92
C SER D 335 22.87 37.51 -5.23
N GLY D 336 23.82 37.04 -6.02
CA GLY D 336 24.87 36.16 -5.53
C GLY D 336 24.64 34.71 -5.87
N GLY D 337 23.47 34.40 -6.42
CA GLY D 337 23.16 33.06 -6.83
C GLY D 337 23.45 32.91 -8.31
N ALA D 338 24.00 31.76 -8.66
CA ALA D 338 24.50 31.50 -9.99
C ALA D 338 23.57 30.53 -10.72
N LEU D 339 23.25 30.86 -11.96
CA LEU D 339 22.49 29.98 -12.85
C LEU D 339 23.38 29.59 -14.02
N ILE D 340 23.50 28.28 -14.24
CA ILE D 340 24.21 27.72 -15.38
C ILE D 340 23.16 27.01 -16.23
N ALA D 341 22.97 27.47 -17.46
CA ALA D 341 22.03 26.82 -18.36
C ALA D 341 22.45 27.03 -19.81
N ASP D 342 21.68 26.46 -20.74
CA ASP D 342 21.80 26.83 -22.14
C ASP D 342 20.39 26.95 -22.72
N SER D 343 20.30 27.38 -23.98
CA SER D 343 18.99 27.69 -24.58
C SER D 343 18.19 26.45 -24.97
N GLY D 344 18.68 25.25 -24.70
CA GLY D 344 17.84 24.07 -24.79
C GLY D 344 17.18 23.67 -23.50
N ALA D 345 17.54 24.32 -22.40
CA ALA D 345 16.92 24.08 -21.10
C ALA D 345 15.74 25.02 -20.89
N THR D 346 14.79 24.56 -20.06
CA THR D 346 13.59 25.33 -19.70
C THR D 346 13.70 25.74 -18.23
N VAL D 347 13.87 27.05 -17.98
CA VAL D 347 13.90 27.60 -16.62
C VAL D 347 12.99 28.82 -16.55
N GLU D 348 12.34 28.98 -15.41
CA GLU D 348 11.38 30.04 -15.16
C GLU D 348 11.49 30.44 -13.69
N GLY D 349 11.51 31.74 -13.44
CA GLY D 349 11.62 32.19 -12.06
C GLY D 349 11.81 33.69 -11.98
N THR D 350 12.42 34.13 -10.88
CA THR D 350 12.72 35.54 -10.64
C THR D 350 14.18 35.60 -10.24
N ASN D 351 14.93 36.55 -10.79
CA ASN D 351 16.26 36.74 -10.28
C ASN D 351 16.29 38.07 -9.54
N ALA D 352 17.50 38.62 -9.38
CA ALA D 352 17.65 39.83 -8.59
C ALA D 352 17.01 41.04 -9.25
N SER D 353 16.49 40.91 -10.47
CA SER D 353 15.90 42.03 -11.19
C SER D 353 14.69 41.58 -12.02
N GLY D 354 13.76 40.85 -11.38
CA GLY D 354 12.46 40.56 -11.96
C GLY D 354 12.34 39.19 -12.59
N LYS D 355 11.16 38.95 -13.17
CA LYS D 355 10.92 37.70 -13.86
C LYS D 355 11.96 37.47 -14.93
N PHE D 356 12.37 36.21 -15.07
CA PHE D 356 13.26 35.74 -16.14
C PHE D 356 12.76 34.39 -16.65
N SER D 357 13.18 34.02 -17.85
CA SER D 357 12.74 32.74 -18.39
C SER D 357 13.68 32.30 -19.50
N ILE D 358 13.93 31.00 -19.57
CA ILE D 358 14.59 30.34 -20.69
C ILE D 358 13.60 29.31 -21.21
N ASP D 359 13.09 29.53 -22.42
CA ASP D 359 12.19 28.56 -23.05
C ASP D 359 12.99 27.60 -23.92
N GLY D 360 13.37 26.45 -23.35
CA GLY D 360 14.16 25.47 -24.08
C GLY D 360 13.48 24.94 -25.33
N THR D 361 12.15 25.02 -25.38
CA THR D 361 11.42 24.53 -26.53
C THR D 361 11.54 25.50 -27.70
N SER D 362 11.43 26.79 -27.44
CA SER D 362 11.61 27.79 -28.49
C SER D 362 13.06 28.24 -28.66
N GLY D 363 13.89 28.07 -27.63
CA GLY D 363 15.25 28.55 -27.70
C GLY D 363 15.38 30.02 -27.41
N GLN D 364 14.38 30.63 -26.76
CA GLN D 364 14.39 32.04 -26.41
C GLN D 364 14.47 32.21 -24.88
N ALA D 365 15.39 33.04 -24.44
CA ALA D 365 15.58 33.37 -23.04
C ALA D 365 15.44 34.87 -22.91
N SER D 366 14.80 35.33 -21.82
CA SER D 366 14.70 36.76 -21.56
C SER D 366 15.04 37.08 -20.11
N GLY D 367 15.72 38.20 -19.92
CA GLY D 367 15.97 38.71 -18.59
C GLY D 367 16.94 37.93 -17.74
N LEU D 368 17.91 37.23 -18.33
CA LEU D 368 18.85 36.47 -17.53
C LEU D 368 19.74 37.39 -16.68
N LEU D 369 20.34 36.82 -15.64
CA LEU D 369 21.26 37.54 -14.75
C LEU D 369 22.35 36.58 -14.32
N LEU D 370 23.53 36.70 -14.94
CA LEU D 370 24.57 35.68 -14.86
C LEU D 370 25.75 36.23 -14.06
N GLU D 371 26.03 35.58 -12.92
CA GLU D 371 27.02 36.08 -11.97
C GLU D 371 27.51 34.90 -11.12
N ASN D 372 28.68 35.08 -10.50
CA ASN D 372 29.26 34.12 -9.56
C ASN D 372 29.44 32.74 -10.17
N GLY D 373 29.97 32.70 -11.37
CA GLY D 373 30.10 31.45 -12.08
C GLY D 373 28.84 30.99 -12.77
N GLY D 374 27.75 31.73 -12.65
CA GLY D 374 26.62 31.54 -13.52
C GLY D 374 27.06 31.68 -14.96
N SER D 375 26.39 30.99 -15.87
CA SER D 375 26.79 31.00 -17.27
C SER D 375 25.63 30.50 -18.11
N PHE D 376 25.35 31.20 -19.20
CA PHE D 376 24.36 30.78 -20.18
C PHE D 376 25.03 30.64 -21.53
N THR D 377 24.61 29.62 -22.28
CA THR D 377 25.10 29.42 -23.64
C THR D 377 23.93 29.56 -24.60
N VAL D 378 24.01 30.53 -25.49
CA VAL D 378 23.02 30.62 -26.55
C VAL D 378 23.44 29.60 -27.61
N ASN D 379 22.64 28.55 -27.78
CA ASN D 379 22.96 27.56 -28.80
C ASN D 379 22.57 28.08 -30.17
N ALA D 380 22.82 27.27 -31.19
CA ALA D 380 22.60 27.75 -32.56
C ALA D 380 21.12 28.05 -32.80
N GLY D 381 20.85 29.21 -33.39
CA GLY D 381 19.48 29.61 -33.61
C GLY D 381 18.75 30.05 -32.37
N GLY D 382 19.46 30.28 -31.26
CA GLY D 382 18.85 30.74 -30.04
C GLY D 382 18.91 32.26 -29.92
N GLN D 383 18.32 32.75 -28.83
CA GLN D 383 18.15 34.18 -28.65
C GLN D 383 18.16 34.49 -27.17
N ALA D 384 18.91 35.52 -26.78
CA ALA D 384 18.99 35.96 -25.40
C ALA D 384 18.64 37.43 -25.36
N GLY D 385 17.54 37.75 -24.69
CA GLY D 385 17.03 39.11 -24.59
C GLY D 385 17.27 39.69 -23.20
N ASN D 386 17.81 40.90 -23.18
CA ASN D 386 17.99 41.66 -21.95
C ASN D 386 18.81 40.87 -20.95
N THR D 387 19.94 40.38 -21.42
CA THR D 387 20.85 39.62 -20.59
C THR D 387 21.74 40.56 -19.79
N THR D 388 21.96 40.22 -18.53
CA THR D 388 22.78 41.01 -17.63
C THR D 388 23.87 40.07 -17.17
N VAL D 389 25.13 40.35 -17.52
CA VAL D 389 26.23 39.50 -17.11
C VAL D 389 27.04 40.26 -16.05
N GLY D 390 27.13 39.70 -14.85
CA GLY D 390 27.79 40.36 -13.74
C GLY D 390 29.18 39.81 -13.49
N HIS D 391 29.69 40.09 -12.28
CA HIS D 391 31.03 39.61 -11.93
C HIS D 391 31.09 38.09 -11.98
N ARG D 392 32.06 37.55 -12.73
CA ARG D 392 32.28 36.12 -12.91
C ARG D 392 31.12 35.45 -13.65
N GLY D 393 30.24 36.25 -14.27
CA GLY D 393 29.22 35.71 -15.14
C GLY D 393 29.76 35.57 -16.56
N THR D 394 29.23 34.60 -17.30
CA THR D 394 29.72 34.26 -18.62
C THR D 394 28.58 34.04 -19.59
N LEU D 395 28.58 34.80 -20.67
CA LEU D 395 27.70 34.56 -21.80
C LEU D 395 28.52 33.98 -22.96
N THR D 396 28.10 32.84 -23.47
CA THR D 396 28.75 32.21 -24.62
C THR D 396 27.73 32.10 -25.73
N LEU D 397 28.12 32.47 -26.95
CA LEU D 397 27.22 32.36 -28.08
C LEU D 397 27.81 31.39 -29.08
N ALA D 398 27.18 30.23 -29.24
CA ALA D 398 27.57 29.31 -30.30
C ALA D 398 27.43 30.00 -31.65
N ALA D 399 28.05 29.39 -32.66
CA ALA D 399 27.88 29.88 -34.02
C ALA D 399 26.40 29.87 -34.39
N GLY D 400 25.88 31.03 -34.79
CA GLY D 400 24.46 31.12 -35.11
C GLY D 400 23.56 31.52 -33.96
N GLY D 401 24.13 31.93 -32.80
CA GLY D 401 23.36 32.58 -31.76
C GLY D 401 23.15 34.06 -32.02
N SER D 402 22.31 34.68 -31.20
CA SER D 402 21.84 36.02 -31.47
C SER D 402 21.32 36.64 -30.17
N LEU D 403 21.24 37.96 -30.17
CA LEU D 403 20.92 38.70 -28.96
C LEU D 403 19.79 39.65 -29.26
N SER D 404 19.08 40.06 -28.21
CA SER D 404 17.94 40.97 -28.31
C SER D 404 18.02 42.00 -27.19
N GLY D 405 17.56 43.22 -27.49
CA GLY D 405 17.45 44.15 -26.37
C GLY D 405 18.80 44.52 -25.80
N ARG D 406 18.81 44.96 -24.54
CA ARG D 406 20.04 45.46 -23.93
C ARG D 406 20.83 44.31 -23.30
N THR D 407 22.05 44.09 -23.79
CA THR D 407 22.98 43.11 -23.25
C THR D 407 24.01 43.84 -22.39
N GLN D 408 23.90 43.70 -21.08
CA GLN D 408 24.70 44.46 -20.12
C GLN D 408 25.86 43.60 -19.64
N LEU D 409 27.08 44.15 -19.68
CA LEU D 409 28.25 43.45 -19.17
C LEU D 409 28.94 44.29 -18.11
N SER D 410 28.98 43.79 -16.90
CA SER D 410 29.62 44.46 -15.79
C SER D 410 31.12 44.16 -15.78
N LYS D 411 31.88 44.98 -15.05
CA LYS D 411 33.26 44.63 -14.73
C LYS D 411 33.32 43.25 -14.10
N GLY D 412 34.15 42.39 -14.67
CA GLY D 412 34.19 41.01 -14.27
C GLY D 412 33.32 40.10 -15.10
N ALA D 413 32.55 40.66 -16.02
CA ALA D 413 31.77 39.82 -16.90
C ALA D 413 32.61 39.37 -18.09
N SER D 414 32.18 38.27 -18.69
CA SER D 414 32.81 37.74 -19.89
C SER D 414 31.74 37.39 -20.91
N MET D 415 31.97 37.75 -22.18
CA MET D 415 31.11 37.32 -23.28
C MET D 415 31.98 36.74 -24.39
N VAL D 416 31.76 35.46 -24.72
CA VAL D 416 32.52 34.73 -25.73
C VAL D 416 31.69 34.60 -27.00
N LEU D 417 32.31 34.84 -28.16
CA LEU D 417 31.66 34.75 -29.46
C LEU D 417 32.25 33.60 -30.25
N ASN D 418 31.41 32.65 -30.66
CA ASN D 418 31.96 31.52 -31.40
C ASN D 418 31.62 31.53 -32.88
N GLY D 419 30.96 32.57 -33.37
CA GLY D 419 30.52 32.64 -34.75
C GLY D 419 29.94 34.01 -34.95
N ASP D 420 29.41 34.28 -36.14
CA ASP D 420 28.90 35.62 -36.37
C ASP D 420 27.66 35.79 -35.52
N VAL D 421 27.52 36.95 -34.91
CA VAL D 421 26.45 37.20 -33.95
C VAL D 421 25.81 38.54 -34.26
N VAL D 422 24.47 38.56 -34.28
CA VAL D 422 23.71 39.78 -34.52
C VAL D 422 22.85 40.08 -33.29
N SER D 423 22.88 41.33 -32.85
CA SER D 423 22.02 41.78 -31.78
C SER D 423 21.11 42.83 -32.38
N THR D 424 19.82 42.58 -32.32
CA THR D 424 18.87 43.64 -32.67
C THR D 424 18.86 44.78 -31.62
N GLY D 425 19.81 44.82 -30.69
CA GLY D 425 19.73 45.76 -29.59
C GLY D 425 21.03 46.38 -29.13
N ASP D 426 21.02 46.86 -27.89
CA ASP D 426 22.10 47.63 -27.31
C ASP D 426 23.15 46.67 -26.76
N ILE D 427 24.40 47.14 -26.66
CA ILE D 427 25.42 46.39 -25.94
C ILE D 427 26.22 47.35 -25.06
N VAL D 428 25.96 47.31 -23.76
CA VAL D 428 26.70 48.09 -22.79
C VAL D 428 27.77 47.19 -22.18
N ASN D 429 29.04 47.51 -22.44
CA ASN D 429 30.14 46.60 -22.15
C ASN D 429 31.17 47.27 -21.26
N ALA D 430 31.25 46.85 -20.00
CA ALA D 430 32.36 47.20 -19.12
C ALA D 430 33.22 45.99 -18.76
N GLY D 431 32.92 44.83 -19.34
CA GLY D 431 33.74 43.64 -19.14
C GLY D 431 34.48 43.25 -20.40
N GLU D 432 34.73 41.98 -20.64
CA GLU D 432 35.45 41.61 -21.84
C GLU D 432 34.57 40.80 -22.79
N ILE D 433 34.68 41.13 -24.06
CA ILE D 433 34.03 40.41 -25.15
C ILE D 433 35.15 39.80 -25.97
N ARG D 434 34.96 38.57 -26.42
CA ARG D 434 36.11 37.78 -26.82
C ARG D 434 35.72 36.96 -28.04
N PHE D 435 36.28 37.30 -29.21
CA PHE D 435 36.09 36.46 -30.39
C PHE D 435 36.92 35.20 -30.23
N ASP D 436 36.41 34.07 -30.75
CA ASP D 436 37.02 32.77 -30.47
C ASP D 436 36.40 31.73 -31.39
N ASN D 437 36.86 30.48 -31.23
CA ASN D 437 36.49 29.32 -32.06
C ASN D 437 36.45 28.11 -31.13
N GLN D 438 35.26 27.62 -30.78
CA GLN D 438 35.19 26.46 -29.89
C GLN D 438 34.22 25.40 -30.39
N VAL D 456 41.19 28.45 -37.59
CA VAL D 456 40.74 29.77 -37.16
C VAL D 456 39.96 30.47 -38.28
N THR D 457 38.79 31.02 -37.93
CA THR D 457 37.96 31.80 -38.83
C THR D 457 37.40 32.99 -38.08
N PHE D 458 37.15 34.08 -38.83
CA PHE D 458 36.78 35.37 -38.27
C PHE D 458 35.29 35.62 -38.39
N HIS D 459 34.78 36.30 -37.37
CA HIS D 459 33.37 36.51 -37.18
C HIS D 459 33.03 37.99 -37.15
N LYS D 460 31.75 38.24 -37.07
CA LYS D 460 31.13 39.49 -37.48
C LYS D 460 30.12 39.74 -36.36
N LEU D 461 30.50 40.56 -35.36
CA LEU D 461 29.56 40.93 -34.30
C LEU D 461 28.83 42.18 -34.71
N THR D 462 27.52 42.06 -34.98
CA THR D 462 26.68 43.17 -35.44
C THR D 462 25.71 43.56 -34.34
N THR D 463 25.69 44.83 -33.98
CA THR D 463 24.75 45.34 -32.99
C THR D 463 24.23 46.67 -33.50
N THR D 464 23.09 47.09 -32.98
CA THR D 464 22.60 48.42 -33.32
C THR D 464 23.37 49.50 -32.56
N ASN D 465 23.55 49.32 -31.26
CA ASN D 465 24.30 50.27 -30.43
C ASN D 465 25.37 49.55 -29.63
N LEU D 466 26.49 50.24 -29.42
CA LEU D 466 27.52 49.80 -28.50
C LEU D 466 27.94 50.97 -27.63
N THR D 467 28.00 50.76 -26.32
CA THR D 467 28.30 51.82 -25.36
C THR D 467 29.56 51.39 -24.58
N GLY D 468 30.72 51.75 -25.10
CA GLY D 468 31.95 51.43 -24.42
C GLY D 468 32.01 52.01 -23.02
N GLN D 469 32.42 51.21 -22.04
CA GLN D 469 32.37 51.65 -20.66
C GLN D 469 33.61 51.12 -19.93
N GLY D 470 34.75 51.18 -20.62
CA GLY D 470 35.99 50.66 -20.11
C GLY D 470 36.19 49.19 -20.34
N GLY D 471 35.23 48.53 -20.98
CA GLY D 471 35.36 47.12 -21.28
C GLY D 471 36.33 46.89 -22.41
N THR D 472 36.67 45.63 -22.62
CA THR D 472 37.65 45.26 -23.63
C THR D 472 36.95 44.43 -24.71
N ILE D 473 37.52 44.42 -25.92
CA ILE D 473 37.08 43.51 -26.98
C ILE D 473 38.33 42.89 -27.60
N ASN D 474 38.43 41.55 -27.51
CA ASN D 474 39.60 40.80 -27.95
C ASN D 474 39.31 40.23 -29.34
N MET D 475 39.90 40.83 -30.37
CA MET D 475 39.73 40.37 -31.74
C MET D 475 41.01 39.74 -32.24
N ARG D 476 40.95 39.22 -33.46
CA ARG D 476 42.06 38.49 -34.07
C ARG D 476 42.27 38.95 -35.50
N VAL D 477 43.54 38.91 -35.95
CA VAL D 477 43.97 39.37 -37.27
C VAL D 477 45.03 38.43 -37.81
N ARG D 478 45.07 38.28 -39.15
CA ARG D 478 46.27 37.88 -39.88
C ARG D 478 46.93 39.13 -40.46
N LEU D 479 48.18 39.39 -40.08
CA LEU D 479 48.96 40.51 -40.58
C LEU D 479 49.91 40.11 -41.70
N ASP D 480 49.52 39.12 -42.50
CA ASP D 480 50.37 38.58 -43.56
C ASP D 480 49.88 38.97 -44.96
N GLY D 481 49.08 40.02 -45.07
CA GLY D 481 48.51 40.45 -46.33
C GLY D 481 47.05 40.18 -46.46
N SER D 482 46.52 39.22 -45.69
CA SER D 482 45.13 38.78 -45.82
C SER D 482 44.16 39.93 -45.65
N ASN D 483 44.54 40.95 -44.86
CA ASN D 483 43.61 41.98 -44.41
C ASN D 483 42.39 41.33 -43.76
N ALA D 484 42.62 40.20 -43.10
CA ALA D 484 41.58 39.39 -42.47
C ALA D 484 41.50 39.69 -40.98
N SER D 485 40.27 39.80 -40.48
CA SER D 485 40.08 40.27 -39.12
C SER D 485 38.65 39.97 -38.68
N ASP D 486 38.47 39.90 -37.36
CA ASP D 486 37.13 40.01 -36.79
C ASP D 486 36.61 41.43 -37.02
N GLN D 487 35.30 41.60 -36.96
CA GLN D 487 34.72 42.88 -37.31
C GLN D 487 33.56 43.20 -36.39
N LEU D 488 33.49 44.45 -35.94
CA LEU D 488 32.28 44.99 -35.33
C LEU D 488 31.46 45.70 -36.40
N VAL D 489 30.16 45.46 -36.39
CA VAL D 489 29.22 46.11 -37.31
C VAL D 489 28.23 46.89 -36.46
N ILE D 490 27.90 48.12 -36.89
CA ILE D 490 27.02 49.02 -36.14
C ILE D 490 25.85 49.33 -37.07
N ASN D 491 24.77 48.54 -36.99
CA ASN D 491 23.61 48.69 -37.86
C ASN D 491 22.72 49.80 -37.32
N GLY D 492 22.89 51.00 -37.87
CA GLY D 492 22.24 52.19 -37.33
C GLY D 492 22.81 52.55 -35.97
N GLY D 493 22.29 53.65 -35.43
CA GLY D 493 22.76 53.94 -34.08
C GLY D 493 24.21 54.40 -34.04
N GLN D 494 24.81 54.27 -32.85
CA GLN D 494 26.10 54.89 -32.55
C GLN D 494 26.96 53.92 -31.74
N ALA D 495 28.19 54.36 -31.45
CA ALA D 495 29.17 53.58 -30.69
C ALA D 495 29.91 54.55 -29.77
N THR D 496 29.45 54.67 -28.52
CA THR D 496 29.88 55.74 -27.63
C THR D 496 31.00 55.25 -26.72
N GLY D 497 31.32 56.04 -25.69
CA GLY D 497 32.21 55.58 -24.64
C GLY D 497 33.63 55.29 -25.10
N LYS D 498 34.31 54.45 -24.33
CA LYS D 498 35.64 53.94 -24.67
C LYS D 498 35.56 52.43 -24.72
N THR D 499 36.06 51.82 -25.79
CA THR D 499 36.06 50.37 -25.89
C THR D 499 37.47 49.94 -26.26
N TRP D 500 38.19 49.27 -25.34
CA TRP D 500 39.55 48.87 -25.65
C TRP D 500 39.56 47.68 -26.61
N LEU D 501 40.45 47.72 -27.60
CA LEU D 501 40.61 46.65 -28.57
C LEU D 501 41.95 45.97 -28.37
N ALA D 502 41.92 44.67 -28.13
CA ALA D 502 43.12 43.85 -27.92
C ALA D 502 43.20 42.83 -29.05
N PHE D 503 44.18 43.01 -29.93
CA PHE D 503 44.33 42.23 -31.14
C PHE D 503 45.40 41.17 -31.00
N THR D 504 45.15 40.00 -31.58
CA THR D 504 46.11 38.91 -31.61
C THR D 504 46.43 38.55 -33.05
N ASN D 505 47.72 38.49 -33.38
CA ASN D 505 48.11 38.05 -34.71
C ASN D 505 48.03 36.53 -34.82
N VAL D 506 47.68 36.06 -36.01
CA VAL D 506 47.70 34.65 -36.33
C VAL D 506 48.66 34.43 -37.51
N GLY D 507 49.34 33.28 -37.52
CA GLY D 507 50.15 32.88 -38.66
C GLY D 507 51.65 32.92 -38.40
N ASN D 508 52.34 33.86 -39.05
CA ASN D 508 53.73 34.23 -38.74
C ASN D 508 53.74 35.67 -38.22
N SER D 509 54.12 35.86 -36.94
CA SER D 509 54.22 37.21 -36.39
C SER D 509 55.32 38.00 -37.05
N ASN D 510 56.36 37.32 -37.52
CA ASN D 510 57.46 38.07 -38.07
C ASN D 510 57.19 38.53 -39.48
N LEU D 511 56.29 37.85 -40.20
CA LEU D 511 56.01 38.25 -41.57
C LEU D 511 54.91 39.31 -41.48
N GLY D 512 55.30 40.58 -41.62
CA GLY D 512 54.31 41.63 -41.58
C GLY D 512 54.31 42.47 -42.84
N VAL D 513 53.18 42.58 -43.53
CA VAL D 513 53.13 43.28 -44.80
C VAL D 513 52.30 44.54 -44.60
N ALA D 514 52.45 45.49 -45.51
CA ALA D 514 51.78 46.77 -45.34
C ALA D 514 50.31 46.69 -45.77
N THR D 515 49.50 47.55 -45.17
CA THR D 515 48.08 47.56 -45.49
C THR D 515 47.81 48.53 -46.63
N THR D 516 46.67 48.32 -47.28
CA THR D 516 46.22 49.20 -48.36
C THR D 516 45.49 50.41 -47.81
N GLY D 517 45.29 51.41 -48.68
CA GLY D 517 44.88 52.76 -48.34
C GLY D 517 43.91 52.91 -47.18
N GLN D 518 42.70 52.38 -47.34
CA GLN D 518 41.72 52.47 -46.26
C GLN D 518 42.20 51.72 -45.03
N GLY D 519 42.81 50.56 -45.23
CA GLY D 519 43.34 49.72 -44.18
C GLY D 519 42.51 48.46 -44.01
N ILE D 520 42.68 47.85 -42.84
CA ILE D 520 41.87 46.70 -42.43
C ILE D 520 40.71 47.26 -41.62
N ARG D 521 39.48 47.07 -42.12
CA ARG D 521 38.30 47.66 -41.49
C ARG D 521 37.88 46.78 -40.32
N VAL D 522 37.96 47.33 -39.12
CA VAL D 522 37.67 46.57 -37.91
C VAL D 522 36.34 46.96 -37.26
N VAL D 523 35.85 48.18 -37.47
CA VAL D 523 34.47 48.49 -37.09
C VAL D 523 33.79 49.13 -38.29
N ASP D 524 32.68 48.55 -38.72
CA ASP D 524 31.95 48.98 -39.91
C ASP D 524 30.70 49.71 -39.44
N ALA D 525 30.73 51.04 -39.49
CA ALA D 525 29.48 51.77 -39.42
C ALA D 525 28.68 51.49 -40.67
N GLN D 526 27.39 51.22 -40.48
CA GLN D 526 26.44 50.72 -41.47
C GLN D 526 25.13 51.47 -41.32
N ASN D 527 24.34 51.48 -42.40
CA ASN D 527 22.94 51.93 -42.36
C ASN D 527 22.78 53.25 -41.60
N GLY D 528 23.70 54.18 -41.86
CA GLY D 528 23.71 55.46 -41.20
C GLY D 528 24.10 55.37 -39.75
N ALA D 529 25.35 55.02 -39.49
CA ALA D 529 25.84 54.83 -38.13
C ALA D 529 26.88 55.88 -37.79
N THR D 530 26.99 56.17 -36.51
CA THR D 530 27.93 57.16 -36.00
C THR D 530 28.87 56.46 -35.03
N THR D 531 30.09 56.99 -34.91
CA THR D 531 31.04 56.52 -33.92
C THR D 531 31.67 57.73 -33.25
N GLU D 532 31.78 57.72 -31.92
CA GLU D 532 32.51 58.81 -31.28
C GLU D 532 33.98 58.81 -31.69
N GLU D 533 34.65 59.88 -31.30
CA GLU D 533 36.02 60.16 -31.72
C GLU D 533 37.05 59.52 -30.79
N GLY D 534 36.65 59.15 -29.58
CA GLY D 534 37.54 58.42 -28.70
C GLY D 534 36.92 57.08 -28.33
N ALA D 535 36.06 56.56 -29.21
CA ALA D 535 35.22 55.42 -28.88
C ALA D 535 36.00 54.12 -28.80
N PHE D 536 37.16 54.05 -29.47
CA PHE D 536 37.99 52.86 -29.53
C PHE D 536 39.47 53.24 -29.37
N ALA D 537 40.27 52.28 -28.90
CA ALA D 537 41.69 52.49 -28.62
C ALA D 537 42.33 51.14 -28.32
N LEU D 538 43.62 51.02 -28.64
CA LEU D 538 44.31 49.74 -28.52
C LEU D 538 44.78 49.45 -27.10
N SER D 539 44.56 48.23 -26.63
CA SER D 539 45.05 47.80 -25.34
C SER D 539 46.54 47.49 -25.36
N ARG D 540 47.08 47.15 -26.51
CA ARG D 540 48.48 46.79 -26.64
C ARG D 540 48.95 47.07 -28.05
N PRO D 541 50.25 47.25 -28.27
CA PRO D 541 50.73 47.61 -29.60
C PRO D 541 50.62 46.43 -30.54
N LEU D 542 50.51 46.74 -31.80
CA LEU D 542 50.28 45.71 -32.79
C LEU D 542 51.45 45.79 -33.77
N GLN D 543 52.41 44.86 -33.61
CA GLN D 543 53.68 44.88 -34.33
C GLN D 543 53.90 43.55 -35.02
N ALA D 544 54.17 43.57 -36.32
CA ALA D 544 54.49 42.36 -37.04
C ALA D 544 55.65 42.65 -37.98
N GLY D 545 56.82 42.14 -37.63
CA GLY D 545 57.98 42.35 -38.47
C GLY D 545 58.31 43.82 -38.54
N ALA D 546 58.35 44.35 -39.76
CA ALA D 546 58.83 45.70 -40.01
C ALA D 546 57.82 46.78 -39.62
N PHE D 547 56.59 46.42 -39.31
CA PHE D 547 55.50 47.39 -39.23
C PHE D 547 54.84 47.42 -37.87
N ASN D 548 54.58 48.63 -37.39
CA ASN D 548 53.64 48.89 -36.31
C ASN D 548 52.32 49.33 -36.91
N TYR D 549 51.22 48.78 -36.40
CA TYR D 549 49.88 49.04 -36.93
C TYR D 549 49.08 49.87 -35.96
N THR D 550 48.32 50.82 -36.50
CA THR D 550 47.62 51.85 -35.74
C THR D 550 46.12 51.80 -36.00
N LEU D 551 45.34 52.10 -34.96
CA LEU D 551 43.88 52.17 -35.08
C LEU D 551 43.46 53.60 -35.37
N ASN D 552 42.68 53.76 -36.42
CA ASN D 552 42.39 55.08 -36.94
C ASN D 552 40.92 55.15 -37.28
N ARG D 553 40.23 56.10 -36.66
CA ARG D 553 38.95 56.51 -37.17
C ARG D 553 39.19 57.14 -38.53
N ASP D 554 38.23 57.00 -39.43
CA ASP D 554 38.55 57.50 -40.75
C ASP D 554 37.43 58.51 -41.06
N SER D 555 37.43 59.07 -42.28
CA SER D 555 36.41 60.08 -42.59
C SER D 555 35.00 59.48 -42.53
N ASP D 556 34.79 58.31 -43.14
CA ASP D 556 33.59 57.54 -42.86
C ASP D 556 33.67 56.98 -41.44
N GLU D 557 32.51 56.71 -40.86
CA GLU D 557 32.51 56.45 -39.43
C GLU D 557 33.25 55.17 -39.03
N ASP D 558 33.81 54.45 -40.00
CA ASP D 558 34.50 53.20 -39.74
C ASP D 558 35.89 53.46 -39.16
N TRP D 559 36.42 52.49 -38.42
CA TRP D 559 37.78 52.52 -37.89
C TRP D 559 38.64 51.46 -38.58
N TYR D 560 39.93 51.77 -38.76
CA TYR D 560 40.79 50.93 -39.59
C TYR D 560 42.14 50.69 -38.92
N LEU D 561 42.78 49.59 -39.34
CA LEU D 561 44.14 49.25 -38.98
C LEU D 561 45.06 49.50 -40.17
N ARG D 562 46.00 50.43 -40.03
CA ARG D 562 46.88 50.84 -41.12
C ARG D 562 48.34 50.69 -40.69
N SER D 563 49.26 50.89 -41.64
CA SER D 563 50.68 50.66 -41.44
C SER D 563 51.41 51.93 -41.00
N GLU D 564 52.53 51.73 -40.31
CA GLU D 564 53.32 52.80 -39.63
C GLU D 564 52.54 54.09 -39.35
#